data_7M5T
#
_entry.id   7M5T
#
_entity_poly.entity_id   1
_entity_poly.type   'polypeptide(L)'
_entity_poly.pdbx_seq_one_letter_code
;MDFTERLDRLVKYAKEIAKWYKESGDPDFANSVDNVLGHLENIRKAFKHGDPARAMDHVSNVVGSLDSIQTSFKQTGNPE
IATRWQELTQEVRELYAYLG
;
_entity_poly.pdbx_strand_id   A
#
# COMPACT_ATOMS: atom_id res chain seq x y z
N MET A 1 -13.73 -8.95 8.98
CA MET A 1 -12.83 -7.78 8.96
C MET A 1 -11.49 -8.11 9.64
N ASP A 2 -11.03 -9.37 9.48
CA ASP A 2 -9.79 -9.89 10.08
C ASP A 2 -8.55 -9.15 9.55
N PHE A 3 -7.56 -8.95 10.43
CA PHE A 3 -6.27 -8.30 10.13
C PHE A 3 -5.58 -9.03 8.95
N THR A 4 -5.63 -10.38 8.99
CA THR A 4 -5.02 -11.28 8.00
C THR A 4 -5.56 -11.04 6.58
N GLU A 5 -6.90 -10.87 6.49
CA GLU A 5 -7.60 -10.71 5.19
C GLU A 5 -7.31 -9.32 4.61
N ARG A 6 -7.40 -8.29 5.48
CA ARG A 6 -7.12 -6.88 5.14
C ARG A 6 -5.72 -6.75 4.50
N LEU A 7 -4.72 -7.40 5.14
CA LEU A 7 -3.30 -7.35 4.73
C LEU A 7 -3.14 -8.06 3.35
N ASP A 8 -3.84 -9.21 3.19
CA ASP A 8 -3.85 -9.98 1.93
C ASP A 8 -4.33 -9.12 0.75
N ARG A 9 -5.36 -8.30 1.01
CA ARG A 9 -5.94 -7.41 0.00
C ARG A 9 -4.96 -6.27 -0.35
N LEU A 10 -4.18 -5.80 0.66
CA LEU A 10 -3.12 -4.76 0.46
C LEU A 10 -2.09 -5.23 -0.57
N VAL A 11 -1.61 -6.46 -0.35
CA VAL A 11 -0.64 -7.12 -1.21
C VAL A 11 -1.20 -7.22 -2.64
N LYS A 12 -2.50 -7.56 -2.74
CA LYS A 12 -3.19 -7.66 -4.03
C LYS A 12 -3.30 -6.31 -4.77
N TYR A 13 -3.68 -5.23 -4.04
CA TYR A 13 -3.91 -3.90 -4.65
C TYR A 13 -2.60 -3.35 -5.21
N ALA A 14 -1.57 -3.31 -4.35
CA ALA A 14 -0.25 -2.77 -4.70
C ALA A 14 0.46 -3.63 -5.78
N LYS A 15 0.12 -4.94 -5.85
CA LYS A 15 0.56 -5.82 -6.96
C LYS A 15 -0.03 -5.34 -8.29
N GLU A 16 -1.37 -5.27 -8.36
CA GLU A 16 -2.10 -5.03 -9.62
C GLU A 16 -1.88 -3.59 -10.16
N ILE A 17 -1.58 -2.65 -9.26
CA ILE A 17 -1.25 -1.27 -9.64
C ILE A 17 0.17 -1.20 -10.24
N ALA A 18 1.17 -1.81 -9.54
CA ALA A 18 2.57 -1.89 -10.03
C ALA A 18 2.65 -2.63 -11.38
N LYS A 19 1.82 -3.68 -11.49
CA LYS A 19 1.65 -4.52 -12.69
C LYS A 19 1.09 -3.71 -13.87
N TRP A 20 0.07 -2.88 -13.56
CA TRP A 20 -0.64 -2.05 -14.55
C TRP A 20 0.31 -1.05 -15.20
N TYR A 21 0.96 -0.24 -14.35
CA TYR A 21 1.88 0.82 -14.78
C TYR A 21 3.13 0.25 -15.48
N LYS A 22 3.52 -0.99 -15.11
CA LYS A 22 4.63 -1.72 -15.76
C LYS A 22 4.33 -1.94 -17.26
N GLU A 23 3.07 -2.35 -17.55
CA GLU A 23 2.59 -2.57 -18.93
C GLU A 23 2.36 -1.23 -19.65
N SER A 24 2.00 -0.20 -18.87
CA SER A 24 1.70 1.15 -19.39
C SER A 24 3.00 1.95 -19.68
N GLY A 25 4.17 1.39 -19.31
CA GLY A 25 5.47 2.02 -19.60
C GLY A 25 5.86 3.08 -18.57
N ASP A 26 5.57 2.79 -17.30
CA ASP A 26 5.92 3.64 -16.15
C ASP A 26 6.85 2.85 -15.22
N PRO A 27 8.21 2.85 -15.46
CA PRO A 27 9.16 2.06 -14.65
C PRO A 27 9.27 2.57 -13.20
N ASP A 28 9.34 3.91 -13.05
CA ASP A 28 9.58 4.58 -11.75
C ASP A 28 8.34 4.50 -10.85
N PHE A 29 7.16 4.82 -11.41
CA PHE A 29 5.90 4.84 -10.66
C PHE A 29 5.51 3.41 -10.23
N ALA A 30 5.67 2.44 -11.17
CA ALA A 30 5.41 1.01 -10.88
C ALA A 30 6.35 0.47 -9.80
N ASN A 31 7.63 0.92 -9.84
CA ASN A 31 8.65 0.59 -8.83
C ASN A 31 8.25 1.16 -7.45
N SER A 32 7.75 2.41 -7.44
CA SER A 32 7.33 3.09 -6.19
C SER A 32 6.18 2.34 -5.50
N VAL A 33 5.23 1.85 -6.31
CA VAL A 33 4.09 1.04 -5.82
C VAL A 33 4.59 -0.35 -5.35
N ASP A 34 5.57 -0.91 -6.07
CA ASP A 34 6.20 -2.21 -5.74
C ASP A 34 7.07 -2.10 -4.46
N ASN A 35 7.54 -0.88 -4.17
CA ASN A 35 8.28 -0.57 -2.93
C ASN A 35 7.30 -0.55 -1.74
N VAL A 36 6.09 0.03 -1.95
CA VAL A 36 4.99 0.00 -0.97
C VAL A 36 4.58 -1.47 -0.74
N LEU A 37 4.51 -2.22 -1.84
CA LEU A 37 4.14 -3.64 -1.90
C LEU A 37 5.13 -4.48 -1.07
N GLY A 38 6.43 -4.19 -1.25
CA GLY A 38 7.50 -4.86 -0.52
C GLY A 38 7.45 -4.59 0.98
N HIS A 39 6.98 -3.37 1.36
CA HIS A 39 6.74 -3.02 2.77
C HIS A 39 5.56 -3.84 3.32
N LEU A 40 4.48 -3.95 2.51
CA LEU A 40 3.23 -4.67 2.88
C LEU A 40 3.50 -6.17 3.07
N GLU A 41 4.37 -6.70 2.20
CA GLU A 41 4.81 -8.09 2.21
C GLU A 41 5.61 -8.33 3.52
N ASN A 42 6.48 -7.36 3.84
CA ASN A 42 7.30 -7.38 5.07
C ASN A 42 6.45 -7.20 6.36
N ILE A 43 5.30 -6.48 6.27
CA ILE A 43 4.36 -6.33 7.40
C ILE A 43 3.69 -7.68 7.69
N ARG A 44 3.28 -8.34 6.61
CA ARG A 44 2.58 -9.63 6.64
C ARG A 44 3.45 -10.68 7.34
N LYS A 45 4.75 -10.68 6.98
CA LYS A 45 5.78 -11.54 7.58
C LYS A 45 6.08 -11.16 9.04
N ALA A 46 6.30 -9.85 9.31
CA ALA A 46 6.73 -9.36 10.66
C ALA A 46 5.68 -9.68 11.73
N PHE A 47 4.42 -9.43 11.37
CA PHE A 47 3.26 -9.68 12.22
C PHE A 47 3.08 -11.21 12.43
N LYS A 48 3.23 -11.97 11.31
CA LYS A 48 3.15 -13.46 11.31
C LYS A 48 4.18 -14.09 12.27
N HIS A 49 5.38 -13.50 12.31
CA HIS A 49 6.49 -13.97 13.15
C HIS A 49 6.35 -13.52 14.63
N GLY A 50 5.22 -12.85 14.95
CA GLY A 50 4.89 -12.43 16.32
C GLY A 50 5.65 -11.20 16.76
N ASP A 51 5.91 -10.28 15.81
CA ASP A 51 6.58 -9.00 16.08
C ASP A 51 5.62 -7.84 15.71
N PRO A 52 4.74 -7.39 16.67
CA PRO A 52 3.78 -6.28 16.43
C PRO A 52 4.47 -4.92 16.31
N ALA A 53 5.57 -4.72 17.05
CA ALA A 53 6.33 -3.45 17.08
C ALA A 53 6.82 -3.03 15.67
N ARG A 54 7.61 -3.92 15.03
CA ARG A 54 8.14 -3.71 13.68
C ARG A 54 7.00 -3.67 12.65
N ALA A 55 5.92 -4.44 12.90
CA ALA A 55 4.72 -4.44 12.04
C ALA A 55 4.08 -3.03 12.00
N MET A 56 3.93 -2.39 13.21
CA MET A 56 3.32 -1.05 13.34
C MET A 56 4.19 0.02 12.68
N ASP A 57 5.51 -0.16 12.82
CA ASP A 57 6.52 0.70 12.20
C ASP A 57 6.36 0.69 10.68
N HIS A 58 6.36 -0.52 10.11
CA HIS A 58 6.28 -0.73 8.65
C HIS A 58 4.94 -0.18 8.10
N VAL A 59 3.84 -0.35 8.88
CA VAL A 59 2.49 0.17 8.49
C VAL A 59 2.48 1.71 8.45
N SER A 60 2.99 2.36 9.51
CA SER A 60 3.03 3.84 9.60
C SER A 60 3.94 4.44 8.50
N ASN A 61 5.03 3.71 8.17
CA ASN A 61 5.93 4.09 7.06
C ASN A 61 5.21 3.92 5.69
N VAL A 62 4.29 2.93 5.59
CA VAL A 62 3.44 2.76 4.39
C VAL A 62 2.41 3.91 4.30
N VAL A 63 1.77 4.29 5.44
CA VAL A 63 0.76 5.38 5.48
C VAL A 63 1.40 6.71 5.00
N GLY A 64 2.67 6.90 5.42
CA GLY A 64 3.48 8.04 4.98
C GLY A 64 3.79 7.99 3.48
N SER A 65 4.19 6.80 2.98
CA SER A 65 4.52 6.59 1.54
C SER A 65 3.29 6.81 0.65
N LEU A 66 2.12 6.35 1.12
CA LEU A 66 0.84 6.46 0.41
C LEU A 66 0.46 7.93 0.25
N ASP A 67 0.56 8.69 1.36
CA ASP A 67 0.27 10.13 1.40
C ASP A 67 1.20 10.91 0.46
N SER A 68 2.48 10.50 0.44
CA SER A 68 3.52 11.10 -0.41
C SER A 68 3.22 10.89 -1.91
N ILE A 69 2.63 9.72 -2.23
CA ILE A 69 2.24 9.40 -3.61
C ILE A 69 0.90 10.10 -3.95
N GLN A 70 -0.05 10.16 -2.99
CA GLN A 70 -1.41 10.75 -3.18
C GLN A 70 -1.34 12.23 -3.59
N THR A 71 -0.41 12.96 -2.97
CA THR A 71 -0.20 14.40 -3.24
C THR A 71 0.32 14.61 -4.69
N SER A 72 1.16 13.68 -5.17
CA SER A 72 1.65 13.67 -6.56
C SER A 72 0.69 12.91 -7.51
N PHE A 73 -0.26 12.15 -6.93
CA PHE A 73 -1.26 11.35 -7.68
C PHE A 73 -2.43 12.29 -8.02
N LYS A 74 -2.14 13.20 -8.94
CA LYS A 74 -3.06 14.26 -9.40
C LYS A 74 -4.11 13.70 -10.37
N GLN A 75 -5.25 14.41 -10.46
CA GLN A 75 -6.39 14.07 -11.34
C GLN A 75 -7.02 12.71 -10.93
N THR A 76 -7.86 12.15 -11.82
CA THR A 76 -8.40 10.79 -11.70
C THR A 76 -8.26 10.10 -13.07
N GLY A 77 -7.18 9.31 -13.23
CA GLY A 77 -6.84 8.67 -14.49
C GLY A 77 -7.69 7.45 -14.79
N ASN A 78 -7.12 6.26 -14.57
CA ASN A 78 -7.80 4.98 -14.78
C ASN A 78 -8.76 4.72 -13.60
N PRO A 79 -10.10 4.50 -13.86
CA PRO A 79 -11.11 4.21 -12.80
C PRO A 79 -10.73 2.98 -11.95
N GLU A 80 -10.02 2.04 -12.60
CA GLU A 80 -9.52 0.81 -12.00
C GLU A 80 -8.55 1.15 -10.87
N ILE A 81 -7.50 1.92 -11.21
CA ILE A 81 -6.39 2.24 -10.29
C ILE A 81 -6.83 3.24 -9.22
N ALA A 82 -7.75 4.16 -9.59
CA ALA A 82 -8.32 5.15 -8.67
C ALA A 82 -9.02 4.44 -7.50
N THR A 83 -9.84 3.41 -7.84
CA THR A 83 -10.52 2.57 -6.85
C THR A 83 -9.51 1.69 -6.07
N ARG A 84 -8.57 1.01 -6.78
CA ARG A 84 -7.59 0.09 -6.15
C ARG A 84 -6.70 0.81 -5.10
N TRP A 85 -6.36 2.08 -5.40
CA TRP A 85 -5.52 2.92 -4.53
C TRP A 85 -6.37 3.52 -3.38
N GLN A 86 -7.64 3.84 -3.66
CA GLN A 86 -8.60 4.32 -2.63
C GLN A 86 -8.81 3.23 -1.57
N GLU A 87 -9.00 2.00 -2.07
CA GLU A 87 -9.06 0.78 -1.28
C GLU A 87 -7.76 0.65 -0.45
N LEU A 88 -6.60 0.62 -1.17
CA LEU A 88 -5.26 0.39 -0.58
C LEU A 88 -4.98 1.32 0.62
N THR A 89 -5.17 2.64 0.40
CA THR A 89 -4.88 3.67 1.41
C THR A 89 -5.77 3.50 2.66
N GLN A 90 -7.09 3.35 2.42
CA GLN A 90 -8.08 3.19 3.51
C GLN A 90 -7.79 1.94 4.33
N GLU A 91 -7.52 0.82 3.61
CA GLU A 91 -7.30 -0.47 4.23
C GLU A 91 -6.03 -0.46 5.11
N VAL A 92 -4.90 0.13 4.62
CA VAL A 92 -3.65 0.23 5.40
C VAL A 92 -3.90 0.95 6.75
N ARG A 93 -4.74 2.00 6.70
CA ARG A 93 -5.13 2.77 7.89
C ARG A 93 -6.10 1.97 8.80
N GLU A 94 -6.83 0.99 8.22
CA GLU A 94 -7.65 0.03 8.99
C GLU A 94 -6.75 -0.94 9.79
N LEU A 95 -5.63 -1.40 9.17
CA LEU A 95 -4.60 -2.23 9.87
C LEU A 95 -3.97 -1.41 11.02
N TYR A 96 -3.68 -0.14 10.71
CA TYR A 96 -3.11 0.83 11.65
C TYR A 96 -4.05 1.06 12.85
N ALA A 97 -5.37 1.04 12.56
CA ALA A 97 -6.44 1.14 13.57
C ALA A 97 -6.59 -0.17 14.37
N TYR A 98 -6.21 -1.30 13.76
CA TYR A 98 -6.20 -2.64 14.43
C TYR A 98 -4.97 -2.81 15.32
N LEU A 99 -3.94 -2.00 15.07
CA LEU A 99 -2.66 -2.06 15.80
C LEU A 99 -2.68 -1.08 17.00
N GLY A 100 -2.70 0.24 16.70
CA GLY A 100 -2.62 1.27 17.74
C GLY A 100 -3.23 2.59 17.32
N MET A 1 -12.67 -6.85 11.87
CA MET A 1 -11.21 -7.08 11.85
C MET A 1 -10.85 -7.84 10.57
N ASP A 2 -9.88 -7.30 9.79
CA ASP A 2 -9.61 -7.77 8.39
C ASP A 2 -8.13 -7.56 8.02
N PHE A 3 -7.20 -7.75 8.97
CA PHE A 3 -5.78 -7.35 8.83
C PHE A 3 -5.14 -7.88 7.52
N THR A 4 -5.05 -9.22 7.39
CA THR A 4 -4.36 -9.88 6.26
C THR A 4 -5.13 -9.68 4.94
N GLU A 5 -6.47 -9.58 5.06
CA GLU A 5 -7.38 -9.36 3.92
C GLU A 5 -7.11 -7.99 3.29
N ARG A 6 -6.88 -6.99 4.17
CA ARG A 6 -6.58 -5.62 3.79
C ARG A 6 -5.25 -5.58 3.05
N LEU A 7 -4.17 -6.12 3.68
CA LEU A 7 -2.80 -6.15 3.09
C LEU A 7 -2.78 -6.76 1.67
N ASP A 8 -3.52 -7.86 1.50
CA ASP A 8 -3.62 -8.58 0.21
C ASP A 8 -4.23 -7.67 -0.88
N ARG A 9 -5.27 -6.90 -0.50
CA ARG A 9 -5.97 -5.97 -1.42
C ARG A 9 -5.13 -4.71 -1.67
N LEU A 10 -4.39 -4.27 -0.64
CA LEU A 10 -3.54 -3.05 -0.71
C LEU A 10 -2.45 -3.25 -1.75
N VAL A 11 -1.79 -4.42 -1.65
CA VAL A 11 -0.83 -4.88 -2.64
C VAL A 11 -1.51 -4.92 -4.02
N LYS A 12 -2.72 -5.53 -4.09
CA LYS A 12 -3.48 -5.65 -5.35
C LYS A 12 -3.72 -4.26 -6.01
N TYR A 13 -4.12 -3.26 -5.19
CA TYR A 13 -4.47 -1.90 -5.66
C TYR A 13 -3.23 -1.21 -6.24
N ALA A 14 -2.17 -1.16 -5.43
CA ALA A 14 -0.90 -0.51 -5.80
C ALA A 14 -0.17 -1.29 -6.91
N LYS A 15 -0.50 -2.59 -7.08
CA LYS A 15 0.11 -3.46 -8.11
C LYS A 15 -0.53 -3.17 -9.47
N GLU A 16 -1.84 -2.84 -9.46
CA GLU A 16 -2.58 -2.40 -10.66
C GLU A 16 -2.04 -1.05 -11.16
N ILE A 17 -1.83 -0.12 -10.22
CA ILE A 17 -1.33 1.24 -10.48
C ILE A 17 0.13 1.22 -10.97
N ALA A 18 1.00 0.44 -10.27
CA ALA A 18 2.43 0.31 -10.63
C ALA A 18 2.60 -0.37 -12.00
N LYS A 19 1.76 -1.39 -12.26
CA LYS A 19 1.73 -2.12 -13.56
C LYS A 19 1.25 -1.20 -14.69
N TRP A 20 0.33 -0.29 -14.34
CA TRP A 20 -0.27 0.69 -15.27
C TRP A 20 0.81 1.67 -15.79
N TYR A 21 1.63 2.17 -14.85
CA TYR A 21 2.72 3.12 -15.15
C TYR A 21 3.95 2.39 -15.71
N LYS A 22 4.04 1.06 -15.48
CA LYS A 22 5.06 0.19 -16.10
C LYS A 22 4.81 0.16 -17.63
N GLU A 23 3.54 -0.10 -18.01
CA GLU A 23 3.10 -0.15 -19.42
C GLU A 23 3.06 1.25 -20.04
N SER A 24 2.86 2.27 -19.20
CA SER A 24 2.87 3.69 -19.60
C SER A 24 4.32 4.22 -19.68
N GLY A 25 5.32 3.33 -19.41
CA GLY A 25 6.75 3.68 -19.47
C GLY A 25 7.19 4.77 -18.50
N ASP A 26 6.33 5.08 -17.52
CA ASP A 26 6.58 6.12 -16.53
C ASP A 26 7.44 5.56 -15.38
N PRO A 27 8.73 6.00 -15.25
CA PRO A 27 9.68 5.42 -14.26
C PRO A 27 9.35 5.81 -12.81
N ASP A 28 8.89 7.06 -12.66
CA ASP A 28 8.76 7.74 -11.36
C ASP A 28 7.62 7.11 -10.54
N PHE A 29 6.40 7.13 -11.11
CA PHE A 29 5.18 6.65 -10.44
C PHE A 29 5.18 5.12 -10.32
N ALA A 30 5.68 4.42 -11.34
CA ALA A 30 5.77 2.95 -11.32
C ALA A 30 6.61 2.47 -10.12
N ASN A 31 7.81 3.07 -9.98
CA ASN A 31 8.75 2.77 -8.87
C ASN A 31 8.22 3.29 -7.52
N SER A 32 7.57 4.48 -7.49
CA SER A 32 7.05 5.09 -6.24
C SER A 32 5.94 4.24 -5.61
N VAL A 33 5.01 3.80 -6.46
CA VAL A 33 3.88 2.95 -6.06
C VAL A 33 4.37 1.49 -5.83
N ASP A 34 5.53 1.13 -6.44
CA ASP A 34 6.23 -0.14 -6.17
C ASP A 34 6.99 -0.09 -4.82
N ASN A 35 7.38 1.14 -4.38
CA ASN A 35 7.94 1.34 -3.02
C ASN A 35 6.82 1.13 -1.98
N VAL A 36 5.57 1.55 -2.35
CA VAL A 36 4.38 1.32 -1.54
C VAL A 36 4.13 -0.20 -1.42
N LEU A 37 4.18 -0.91 -2.57
CA LEU A 37 4.08 -2.39 -2.66
C LEU A 37 5.10 -3.07 -1.72
N GLY A 38 6.35 -2.59 -1.80
CA GLY A 38 7.44 -3.11 -0.99
C GLY A 38 7.19 -2.97 0.50
N HIS A 39 6.62 -1.81 0.90
CA HIS A 39 6.27 -1.52 2.30
C HIS A 39 5.11 -2.42 2.77
N LEU A 40 4.10 -2.61 1.90
CA LEU A 40 2.86 -3.38 2.21
C LEU A 40 3.19 -4.86 2.45
N GLU A 41 4.04 -5.42 1.57
CA GLU A 41 4.59 -6.77 1.75
C GLU A 41 5.43 -6.85 3.03
N ASN A 42 6.19 -5.77 3.32
CA ASN A 42 7.08 -5.70 4.49
C ASN A 42 6.27 -5.67 5.81
N ILE A 43 5.07 -5.04 5.77
CA ILE A 43 4.12 -4.98 6.92
C ILE A 43 3.55 -6.38 7.17
N ARG A 44 3.08 -7.00 6.07
CA ARG A 44 2.41 -8.30 6.08
C ARG A 44 3.35 -9.38 6.68
N LYS A 45 4.58 -9.41 6.14
CA LYS A 45 5.63 -10.35 6.57
C LYS A 45 6.08 -10.09 8.04
N ALA A 46 6.31 -8.81 8.40
CA ALA A 46 6.82 -8.42 9.74
C ALA A 46 5.82 -8.81 10.84
N PHE A 47 4.54 -8.54 10.57
CA PHE A 47 3.44 -8.83 11.50
C PHE A 47 3.18 -10.34 11.57
N LYS A 48 3.42 -11.05 10.45
CA LYS A 48 3.32 -12.53 10.39
C LYS A 48 4.42 -13.15 11.30
N HIS A 49 5.59 -12.48 11.37
CA HIS A 49 6.71 -12.91 12.24
C HIS A 49 6.42 -12.52 13.71
N GLY A 50 5.32 -11.74 13.91
CA GLY A 50 4.86 -11.32 15.23
C GLY A 50 5.53 -10.06 15.71
N ASP A 51 5.62 -9.06 14.81
CA ASP A 51 6.21 -7.73 15.12
C ASP A 51 5.16 -6.61 14.83
N PRO A 52 4.23 -6.32 15.81
CA PRO A 52 3.33 -5.14 15.71
C PRO A 52 4.10 -3.80 15.75
N ALA A 53 5.29 -3.82 16.39
CA ALA A 53 6.21 -2.67 16.41
C ALA A 53 6.65 -2.26 15.00
N ARG A 54 7.21 -3.22 14.25
CA ARG A 54 7.67 -2.99 12.86
C ARG A 54 6.47 -2.74 11.93
N ALA A 55 5.36 -3.48 12.17
CA ALA A 55 4.13 -3.37 11.36
C ALA A 55 3.55 -1.96 11.40
N MET A 56 3.29 -1.43 12.63
CA MET A 56 2.66 -0.12 12.86
C MET A 56 3.54 1.01 12.32
N ASP A 57 4.86 0.84 12.49
CA ASP A 57 5.88 1.78 12.01
C ASP A 57 5.77 1.92 10.49
N HIS A 58 5.72 0.76 9.80
CA HIS A 58 5.71 0.72 8.32
C HIS A 58 4.36 1.16 7.75
N VAL A 59 3.24 0.93 8.49
CA VAL A 59 1.91 1.41 8.09
C VAL A 59 1.91 2.94 8.09
N SER A 60 2.45 3.53 9.17
CA SER A 60 2.62 4.97 9.33
C SER A 60 3.50 5.56 8.18
N ASN A 61 4.56 4.81 7.79
CA ASN A 61 5.45 5.18 6.68
C ASN A 61 4.71 5.11 5.33
N VAL A 62 3.77 4.14 5.19
CA VAL A 62 2.92 4.01 3.99
C VAL A 62 1.96 5.20 3.90
N VAL A 63 1.27 5.55 5.03
CA VAL A 63 0.28 6.65 5.06
C VAL A 63 0.94 7.96 4.64
N GLY A 64 2.15 8.21 5.18
CA GLY A 64 2.92 9.40 4.86
C GLY A 64 3.33 9.46 3.39
N SER A 65 3.71 8.28 2.83
CA SER A 65 4.09 8.14 1.42
C SER A 65 2.86 8.29 0.50
N LEU A 66 1.69 7.83 1.00
CA LEU A 66 0.42 7.88 0.27
C LEU A 66 0.01 9.33 0.07
N ASP A 67 0.09 10.14 1.14
CA ASP A 67 -0.20 11.59 1.09
C ASP A 67 0.78 12.32 0.15
N SER A 68 2.06 11.89 0.16
CA SER A 68 3.14 12.53 -0.59
C SER A 68 2.95 12.34 -2.12
N ILE A 69 2.49 11.13 -2.51
CA ILE A 69 2.23 10.79 -3.93
C ILE A 69 0.82 11.32 -4.33
N GLN A 70 -0.14 11.25 -3.39
CA GLN A 70 -1.57 11.63 -3.63
C GLN A 70 -1.71 13.11 -4.03
N THR A 71 -0.93 13.98 -3.35
CA THR A 71 -0.92 15.43 -3.62
C THR A 71 -0.24 15.73 -4.99
N SER A 72 0.71 14.86 -5.37
CA SER A 72 1.41 14.94 -6.66
C SER A 72 0.55 14.32 -7.80
N PHE A 73 -0.30 13.37 -7.41
CA PHE A 73 -1.11 12.56 -8.35
C PHE A 73 -2.50 13.21 -8.57
N LYS A 74 -2.93 13.25 -9.83
CA LYS A 74 -4.28 13.74 -10.22
C LYS A 74 -5.02 12.63 -11.00
N GLN A 75 -6.30 12.86 -11.32
CA GLN A 75 -7.16 11.87 -12.01
C GLN A 75 -6.76 11.81 -13.49
N THR A 76 -5.74 10.99 -13.75
CA THR A 76 -5.07 10.92 -15.06
C THR A 76 -5.92 10.11 -16.05
N GLY A 77 -6.89 10.81 -16.70
CA GLY A 77 -7.76 10.21 -17.71
C GLY A 77 -8.70 9.13 -17.15
N ASN A 78 -8.12 7.95 -16.90
CA ASN A 78 -8.81 6.80 -16.28
C ASN A 78 -9.08 7.07 -14.79
N PRO A 79 -10.38 7.10 -14.35
CA PRO A 79 -10.75 7.27 -12.91
C PRO A 79 -10.37 6.02 -12.08
N GLU A 80 -10.18 4.89 -12.77
CA GLU A 80 -9.78 3.59 -12.18
C GLU A 80 -8.58 3.70 -11.24
N ILE A 81 -7.53 4.41 -11.70
CA ILE A 81 -6.26 4.54 -10.97
C ILE A 81 -6.44 5.43 -9.71
N ALA A 82 -7.32 6.45 -9.85
CA ALA A 82 -7.65 7.38 -8.76
C ALA A 82 -8.45 6.65 -7.66
N THR A 83 -9.46 5.87 -8.09
CA THR A 83 -10.35 5.11 -7.18
C THR A 83 -9.56 4.01 -6.46
N ARG A 84 -8.67 3.34 -7.22
CA ARG A 84 -7.82 2.25 -6.71
C ARG A 84 -6.89 2.78 -5.60
N TRP A 85 -6.38 4.00 -5.83
CA TRP A 85 -5.53 4.73 -4.87
C TRP A 85 -6.32 5.14 -3.61
N GLN A 86 -7.60 5.50 -3.79
CA GLN A 86 -8.48 5.91 -2.67
C GLN A 86 -8.85 4.71 -1.78
N GLU A 87 -9.01 3.53 -2.42
CA GLU A 87 -9.26 2.24 -1.73
C GLU A 87 -8.02 1.85 -0.91
N LEU A 88 -6.84 2.01 -1.57
CA LEU A 88 -5.51 1.81 -0.97
C LEU A 88 -5.37 2.67 0.31
N THR A 89 -5.56 4.00 0.16
CA THR A 89 -5.39 4.97 1.25
C THR A 89 -6.36 4.70 2.43
N GLN A 90 -7.63 4.41 2.10
CA GLN A 90 -8.71 4.17 3.09
C GLN A 90 -8.41 2.92 3.95
N GLU A 91 -8.04 1.83 3.28
CA GLU A 91 -7.81 0.55 3.94
C GLU A 91 -6.47 0.53 4.71
N VAL A 92 -5.45 1.31 4.25
CA VAL A 92 -4.20 1.50 5.02
C VAL A 92 -4.50 2.26 6.34
N ARG A 93 -5.46 3.22 6.28
CA ARG A 93 -5.97 3.93 7.48
C ARG A 93 -6.59 2.93 8.49
N GLU A 94 -7.25 1.88 7.95
CA GLU A 94 -7.80 0.80 8.78
C GLU A 94 -6.70 -0.03 9.46
N LEU A 95 -5.54 -0.26 8.78
CA LEU A 95 -4.36 -0.91 9.45
C LEU A 95 -3.80 -0.01 10.56
N TYR A 96 -3.78 1.30 10.28
CA TYR A 96 -3.35 2.34 11.22
C TYR A 96 -4.31 2.39 12.44
N ALA A 97 -5.57 1.96 12.22
CA ALA A 97 -6.59 1.82 13.27
C ALA A 97 -6.45 0.48 14.03
N TYR A 98 -6.01 -0.60 13.32
CA TYR A 98 -5.83 -1.94 13.93
C TYR A 98 -4.57 -1.98 14.82
N LEU A 99 -3.62 -1.07 14.55
CA LEU A 99 -2.27 -1.07 15.16
C LEU A 99 -2.04 0.20 16.01
N GLY A 100 -2.79 1.27 15.69
CA GLY A 100 -2.76 2.52 16.46
C GLY A 100 -4.16 2.92 16.96
N MET A 1 -13.78 -9.67 7.65
CA MET A 1 -12.48 -9.12 7.17
C MET A 1 -11.38 -9.28 8.25
N ASP A 2 -10.29 -9.98 7.90
CA ASP A 2 -9.11 -10.16 8.76
C ASP A 2 -7.86 -9.50 8.12
N PHE A 3 -6.71 -9.56 8.84
CA PHE A 3 -5.39 -9.14 8.33
C PHE A 3 -5.07 -9.84 6.99
N THR A 4 -5.46 -11.13 6.89
CA THR A 4 -5.22 -11.98 5.71
C THR A 4 -5.83 -11.35 4.44
N GLU A 5 -7.16 -11.12 4.46
CA GLU A 5 -7.91 -10.53 3.32
C GLU A 5 -7.36 -9.15 2.95
N ARG A 6 -7.24 -8.25 3.95
CA ARG A 6 -6.82 -6.86 3.72
C ARG A 6 -5.45 -6.77 3.03
N LEU A 7 -4.40 -7.29 3.69
CA LEU A 7 -3.01 -7.18 3.20
C LEU A 7 -2.87 -7.83 1.79
N ASP A 8 -3.46 -9.03 1.63
CA ASP A 8 -3.52 -9.74 0.32
C ASP A 8 -4.13 -8.84 -0.78
N ARG A 9 -5.27 -8.22 -0.46
CA ARG A 9 -6.00 -7.33 -1.38
C ARG A 9 -5.21 -6.04 -1.66
N LEU A 10 -4.40 -5.60 -0.68
CA LEU A 10 -3.53 -4.41 -0.83
C LEU A 10 -2.44 -4.68 -1.88
N VAL A 11 -1.90 -5.92 -1.85
CA VAL A 11 -0.96 -6.41 -2.85
C VAL A 11 -1.64 -6.43 -4.25
N LYS A 12 -2.96 -6.77 -4.28
CA LYS A 12 -3.75 -6.73 -5.53
C LYS A 12 -3.81 -5.30 -6.08
N TYR A 13 -4.39 -4.36 -5.28
CA TYR A 13 -4.71 -2.98 -5.74
C TYR A 13 -3.48 -2.27 -6.30
N ALA A 14 -2.38 -2.37 -5.54
CA ALA A 14 -1.08 -1.84 -5.93
C ALA A 14 -0.58 -2.49 -7.24
N LYS A 15 -0.60 -3.84 -7.32
CA LYS A 15 -0.14 -4.58 -8.51
C LYS A 15 -0.99 -4.26 -9.77
N GLU A 16 -2.29 -3.94 -9.58
CA GLU A 16 -3.17 -3.51 -10.69
C GLU A 16 -2.59 -2.24 -11.34
N ILE A 17 -2.39 -1.23 -10.48
CA ILE A 17 -1.87 0.09 -10.86
C ILE A 17 -0.48 -0.04 -11.50
N ALA A 18 0.38 -0.83 -10.86
CA ALA A 18 1.76 -1.07 -11.30
C ALA A 18 1.80 -1.73 -12.69
N LYS A 19 0.88 -2.68 -12.93
CA LYS A 19 0.78 -3.41 -14.21
C LYS A 19 0.23 -2.49 -15.31
N TRP A 20 -0.75 -1.64 -14.96
CA TRP A 20 -1.34 -0.68 -15.92
C TRP A 20 -0.32 0.38 -16.38
N TYR A 21 0.55 0.81 -15.46
CA TYR A 21 1.65 1.74 -15.79
C TYR A 21 2.75 1.03 -16.59
N LYS A 22 2.91 -0.29 -16.37
CA LYS A 22 3.82 -1.12 -17.15
C LYS A 22 3.30 -1.18 -18.62
N GLU A 23 1.96 -1.33 -18.77
CA GLU A 23 1.30 -1.35 -20.09
C GLU A 23 1.22 0.06 -20.71
N SER A 24 1.31 1.09 -19.84
CA SER A 24 1.28 2.51 -20.24
C SER A 24 2.69 3.00 -20.68
N GLY A 25 3.70 2.12 -20.59
CA GLY A 25 5.07 2.44 -20.98
C GLY A 25 5.78 3.33 -19.96
N ASP A 26 5.52 3.07 -18.67
CA ASP A 26 6.07 3.83 -17.55
C ASP A 26 6.86 2.89 -16.62
N PRO A 27 8.16 3.20 -16.35
CA PRO A 27 8.94 2.53 -15.29
C PRO A 27 8.97 3.31 -13.94
N ASP A 28 8.58 4.61 -13.95
CA ASP A 28 8.83 5.52 -12.81
C ASP A 28 7.78 5.35 -11.68
N PHE A 29 6.50 5.55 -12.02
CA PHE A 29 5.40 5.43 -11.06
C PHE A 29 5.15 3.95 -10.75
N ALA A 30 5.41 3.10 -11.75
CA ALA A 30 5.39 1.64 -11.61
C ALA A 30 6.40 1.17 -10.54
N ASN A 31 7.60 1.81 -10.53
CA ASN A 31 8.63 1.60 -9.49
C ASN A 31 8.12 2.03 -8.11
N SER A 32 7.48 3.21 -8.04
CA SER A 32 6.95 3.76 -6.77
C SER A 32 5.93 2.81 -6.11
N VAL A 33 5.04 2.27 -6.95
CA VAL A 33 4.01 1.31 -6.52
C VAL A 33 4.63 -0.07 -6.23
N ASP A 34 5.75 -0.40 -6.91
CA ASP A 34 6.51 -1.64 -6.68
C ASP A 34 7.20 -1.61 -5.30
N ASN A 35 7.63 -0.40 -4.89
CA ASN A 35 8.16 -0.16 -3.53
C ASN A 35 7.05 -0.40 -2.48
N VAL A 36 5.82 0.10 -2.78
CA VAL A 36 4.65 -0.10 -1.89
C VAL A 36 4.37 -1.61 -1.74
N LEU A 37 4.42 -2.34 -2.88
CA LEU A 37 4.26 -3.81 -2.94
C LEU A 37 5.26 -4.54 -2.01
N GLY A 38 6.56 -4.16 -2.13
CA GLY A 38 7.63 -4.75 -1.32
C GLY A 38 7.47 -4.50 0.18
N HIS A 39 7.06 -3.28 0.55
CA HIS A 39 6.84 -2.92 1.97
C HIS A 39 5.57 -3.59 2.53
N LEU A 40 4.57 -3.84 1.67
CA LEU A 40 3.34 -4.59 2.03
C LEU A 40 3.68 -6.04 2.39
N GLU A 41 4.54 -6.67 1.56
CA GLU A 41 5.08 -8.02 1.83
C GLU A 41 5.79 -8.04 3.19
N ASN A 42 6.55 -6.97 3.45
CA ASN A 42 7.37 -6.83 4.67
C ASN A 42 6.49 -6.63 5.93
N ILE A 43 5.29 -6.00 5.75
CA ILE A 43 4.28 -5.89 6.84
C ILE A 43 3.75 -7.29 7.21
N ARG A 44 3.29 -8.01 6.17
CA ARG A 44 2.66 -9.34 6.31
C ARG A 44 3.63 -10.32 6.99
N LYS A 45 4.87 -10.34 6.45
CA LYS A 45 5.95 -11.21 6.93
C LYS A 45 6.37 -10.87 8.36
N ALA A 46 6.47 -9.55 8.70
CA ALA A 46 6.87 -9.09 10.06
C ALA A 46 5.86 -9.57 11.11
N PHE A 47 4.58 -9.45 10.76
CA PHE A 47 3.45 -9.89 11.59
C PHE A 47 3.52 -11.41 11.87
N LYS A 48 3.84 -12.18 10.81
CA LYS A 48 3.98 -13.64 10.89
C LYS A 48 5.24 -14.05 11.70
N HIS A 49 6.32 -13.23 11.58
CA HIS A 49 7.61 -13.47 12.28
C HIS A 49 7.52 -13.17 13.79
N GLY A 50 6.40 -12.60 14.24
CA GLY A 50 6.16 -12.29 15.65
C GLY A 50 6.44 -10.85 16.01
N ASP A 51 6.24 -9.94 15.04
CA ASP A 51 6.40 -8.48 15.25
C ASP A 51 5.19 -7.71 14.66
N PRO A 52 3.99 -7.74 15.34
CA PRO A 52 2.85 -6.85 14.98
C PRO A 52 3.21 -5.36 15.09
N ALA A 53 4.05 -5.02 16.10
CA ALA A 53 4.50 -3.63 16.36
C ALA A 53 5.32 -3.07 15.18
N ARG A 54 6.30 -3.85 14.73
CA ARG A 54 7.20 -3.43 13.65
C ARG A 54 6.51 -3.54 12.29
N ALA A 55 5.48 -4.41 12.21
CA ALA A 55 4.56 -4.44 11.07
C ALA A 55 3.80 -3.11 10.96
N MET A 56 3.39 -2.54 12.13
CA MET A 56 2.71 -1.22 12.22
C MET A 56 3.62 -0.09 11.71
N ASP A 57 4.93 -0.19 12.01
CA ASP A 57 5.92 0.82 11.58
C ASP A 57 6.08 0.79 10.06
N HIS A 58 6.05 -0.43 9.48
CA HIS A 58 6.11 -0.63 8.03
C HIS A 58 4.80 -0.14 7.37
N VAL A 59 3.65 -0.25 8.08
CA VAL A 59 2.37 0.30 7.61
C VAL A 59 2.44 1.83 7.58
N SER A 60 3.01 2.44 8.65
CA SER A 60 3.16 3.91 8.78
C SER A 60 3.94 4.50 7.59
N ASN A 61 5.00 3.77 7.16
CA ASN A 61 5.81 4.14 6.00
C ASN A 61 5.01 4.00 4.69
N VAL A 62 4.19 2.93 4.58
CA VAL A 62 3.30 2.72 3.42
C VAL A 62 2.23 3.83 3.35
N VAL A 63 1.70 4.25 4.52
CA VAL A 63 0.73 5.35 4.62
C VAL A 63 1.41 6.66 4.16
N GLY A 64 2.69 6.84 4.56
CA GLY A 64 3.48 8.00 4.15
C GLY A 64 3.74 8.05 2.65
N SER A 65 3.91 6.86 2.04
CA SER A 65 4.08 6.71 0.60
C SER A 65 2.77 7.09 -0.13
N LEU A 66 1.68 6.43 0.29
CA LEU A 66 0.35 6.57 -0.32
C LEU A 66 -0.19 8.01 -0.17
N ASP A 67 0.14 8.65 0.97
CA ASP A 67 -0.30 10.03 1.31
C ASP A 67 0.37 11.04 0.37
N SER A 68 1.70 10.90 0.23
CA SER A 68 2.51 11.81 -0.60
C SER A 68 2.07 11.73 -2.09
N ILE A 69 1.63 10.54 -2.50
CA ILE A 69 1.19 10.28 -3.88
C ILE A 69 -0.31 10.64 -4.06
N GLN A 70 -1.12 10.46 -3.00
CA GLN A 70 -2.59 10.73 -3.02
C GLN A 70 -2.83 12.24 -3.20
N THR A 71 -1.90 13.05 -2.66
CA THR A 71 -1.91 14.51 -2.80
C THR A 71 -1.82 14.93 -4.30
N SER A 72 -0.92 14.27 -5.05
CA SER A 72 -0.72 14.54 -6.50
C SER A 72 -1.85 14.00 -7.40
N PHE A 73 -2.75 13.14 -6.86
CA PHE A 73 -3.98 12.72 -7.56
C PHE A 73 -4.98 13.89 -7.62
N LYS A 74 -4.86 14.70 -8.68
CA LYS A 74 -5.71 15.87 -8.93
C LYS A 74 -6.65 15.59 -10.10
N GLN A 75 -6.09 15.02 -11.18
CA GLN A 75 -6.82 14.69 -12.40
C GLN A 75 -6.23 13.39 -12.96
N THR A 76 -6.84 12.25 -12.60
CA THR A 76 -6.47 10.93 -13.09
C THR A 76 -7.74 10.24 -13.61
N GLY A 77 -8.03 10.44 -14.90
CA GLY A 77 -9.25 9.95 -15.54
C GLY A 77 -9.17 8.49 -15.99
N ASN A 78 -8.13 7.76 -15.52
CA ASN A 78 -8.04 6.30 -15.67
C ASN A 78 -8.85 5.65 -14.51
N PRO A 79 -10.06 5.05 -14.80
CA PRO A 79 -10.95 4.46 -13.77
C PRO A 79 -10.26 3.38 -12.91
N GLU A 80 -9.36 2.61 -13.55
CA GLU A 80 -8.60 1.55 -12.87
C GLU A 80 -7.68 2.14 -11.80
N ILE A 81 -6.83 3.09 -12.21
CA ILE A 81 -5.77 3.63 -11.32
C ILE A 81 -6.39 4.32 -10.09
N ALA A 82 -7.45 5.10 -10.34
CA ALA A 82 -8.18 5.84 -9.31
C ALA A 82 -8.83 4.89 -8.28
N THR A 83 -9.72 3.99 -8.77
CA THR A 83 -10.55 3.13 -7.90
C THR A 83 -9.68 2.17 -7.05
N ARG A 84 -8.66 1.53 -7.68
CA ARG A 84 -7.76 0.59 -6.96
C ARG A 84 -6.99 1.33 -5.85
N TRP A 85 -6.58 2.60 -6.13
CA TRP A 85 -5.86 3.45 -5.17
C TRP A 85 -6.75 3.85 -3.97
N GLN A 86 -8.05 4.05 -4.25
CA GLN A 86 -9.05 4.38 -3.20
C GLN A 86 -9.18 3.21 -2.21
N GLU A 87 -9.37 2.01 -2.78
CA GLU A 87 -9.49 0.76 -2.01
C GLU A 87 -8.19 0.48 -1.21
N LEU A 88 -7.05 0.82 -1.85
CA LEU A 88 -5.70 0.64 -1.30
C LEU A 88 -5.52 1.50 -0.02
N THR A 89 -5.66 2.83 -0.18
CA THR A 89 -5.46 3.81 0.91
C THR A 89 -6.39 3.52 2.12
N GLN A 90 -7.66 3.22 1.82
CA GLN A 90 -8.68 2.90 2.85
C GLN A 90 -8.29 1.68 3.68
N GLU A 91 -8.00 0.57 2.98
CA GLU A 91 -7.76 -0.75 3.61
C GLU A 91 -6.36 -0.89 4.21
N VAL A 92 -5.39 -0.04 3.79
CA VAL A 92 -4.10 0.12 4.50
C VAL A 92 -4.36 0.74 5.90
N ARG A 93 -5.29 1.72 5.96
CA ARG A 93 -5.71 2.34 7.24
C ARG A 93 -6.55 1.35 8.09
N GLU A 94 -7.34 0.47 7.42
CA GLU A 94 -8.10 -0.59 8.12
C GLU A 94 -7.15 -1.65 8.68
N LEU A 95 -6.15 -2.04 7.87
CA LEU A 95 -5.11 -3.01 8.24
C LEU A 95 -4.37 -2.50 9.49
N TYR A 96 -4.02 -1.21 9.44
CA TYR A 96 -3.38 -0.46 10.53
C TYR A 96 -4.24 -0.53 11.81
N ALA A 97 -5.57 -0.43 11.62
CA ALA A 97 -6.56 -0.48 12.71
C ALA A 97 -6.65 -1.89 13.35
N TYR A 98 -6.44 -2.94 12.54
CA TYR A 98 -6.47 -4.34 13.02
C TYR A 98 -5.15 -4.70 13.72
N LEU A 99 -4.13 -3.86 13.54
CA LEU A 99 -2.87 -3.98 14.27
C LEU A 99 -2.96 -3.19 15.59
N GLY A 100 -3.01 -1.84 15.49
CA GLY A 100 -3.15 -0.96 16.66
C GLY A 100 -3.40 0.50 16.28
N MET A 1 -13.22 -10.42 12.08
CA MET A 1 -12.20 -9.36 11.91
C MET A 1 -10.85 -10.04 11.79
N ASP A 2 -10.32 -10.08 10.55
CA ASP A 2 -9.14 -10.88 10.22
C ASP A 2 -7.98 -9.96 9.85
N PHE A 3 -7.00 -9.87 10.76
CA PHE A 3 -5.75 -9.12 10.57
C PHE A 3 -5.05 -9.56 9.27
N THR A 4 -4.85 -10.88 9.17
CA THR A 4 -4.19 -11.52 8.03
C THR A 4 -4.91 -11.19 6.71
N GLU A 5 -6.26 -11.26 6.71
CA GLU A 5 -7.09 -10.99 5.52
C GLU A 5 -6.99 -9.52 5.08
N ARG A 6 -6.74 -8.61 6.05
CA ARG A 6 -6.47 -7.20 5.73
C ARG A 6 -5.18 -7.08 4.93
N LEU A 7 -4.15 -7.87 5.30
CA LEU A 7 -2.87 -7.91 4.57
C LEU A 7 -2.99 -8.59 3.19
N ASP A 8 -3.85 -9.62 3.08
CA ASP A 8 -4.16 -10.24 1.77
C ASP A 8 -4.74 -9.17 0.82
N ARG A 9 -5.73 -8.44 1.36
CA ARG A 9 -6.41 -7.36 0.65
C ARG A 9 -5.41 -6.26 0.22
N LEU A 10 -4.57 -5.83 1.18
CA LEU A 10 -3.58 -4.73 1.01
C LEU A 10 -2.60 -5.01 -0.13
N VAL A 11 -1.94 -6.18 -0.05
CA VAL A 11 -0.94 -6.59 -1.04
C VAL A 11 -1.56 -6.67 -2.46
N LYS A 12 -2.81 -7.16 -2.56
CA LYS A 12 -3.50 -7.27 -3.85
C LYS A 12 -3.96 -5.91 -4.40
N TYR A 13 -4.31 -4.95 -3.51
CA TYR A 13 -4.66 -3.56 -3.93
C TYR A 13 -3.44 -2.91 -4.62
N ALA A 14 -2.32 -2.95 -3.90
CA ALA A 14 -1.06 -2.35 -4.34
C ALA A 14 -0.43 -3.09 -5.54
N LYS A 15 -0.79 -4.38 -5.74
CA LYS A 15 -0.41 -5.14 -6.95
C LYS A 15 -1.19 -4.63 -8.18
N GLU A 16 -2.47 -4.23 -7.97
CA GLU A 16 -3.31 -3.64 -9.04
C GLU A 16 -2.76 -2.28 -9.47
N ILE A 17 -2.43 -1.44 -8.46
CA ILE A 17 -1.93 -0.06 -8.64
C ILE A 17 -0.55 -0.08 -9.33
N ALA A 18 0.39 -0.86 -8.75
CA ALA A 18 1.77 -0.97 -9.27
C ALA A 18 1.80 -1.49 -10.72
N LYS A 19 0.98 -2.52 -11.01
CA LYS A 19 0.87 -3.11 -12.36
C LYS A 19 0.26 -2.11 -13.37
N TRP A 20 -0.72 -1.34 -12.90
CA TRP A 20 -1.42 -0.34 -13.75
C TRP A 20 -0.47 0.78 -14.17
N TYR A 21 0.24 1.33 -13.17
CA TYR A 21 1.16 2.47 -13.40
C TYR A 21 2.43 2.02 -14.13
N LYS A 22 2.78 0.73 -14.01
CA LYS A 22 3.78 0.09 -14.87
C LYS A 22 3.32 0.19 -16.35
N GLU A 23 2.06 -0.21 -16.60
CA GLU A 23 1.46 -0.25 -17.94
C GLU A 23 1.22 1.15 -18.54
N SER A 24 1.06 2.18 -17.67
CA SER A 24 0.86 3.57 -18.13
C SER A 24 2.21 4.32 -18.27
N GLY A 25 3.34 3.59 -18.11
CA GLY A 25 4.69 4.13 -18.34
C GLY A 25 5.19 5.01 -17.21
N ASP A 26 4.84 4.63 -15.98
CA ASP A 26 5.32 5.29 -14.76
C ASP A 26 6.13 4.26 -13.92
N PRO A 27 7.46 4.08 -14.20
CA PRO A 27 8.30 3.07 -13.52
C PRO A 27 8.54 3.43 -12.05
N ASP A 28 8.70 4.74 -11.82
CA ASP A 28 9.02 5.33 -10.52
C ASP A 28 7.82 5.19 -9.56
N PHE A 29 6.61 5.56 -10.06
CA PHE A 29 5.36 5.52 -9.29
C PHE A 29 5.06 4.08 -8.84
N ALA A 30 5.11 3.17 -9.82
CA ALA A 30 4.85 1.74 -9.60
C ALA A 30 5.86 1.13 -8.60
N ASN A 31 7.14 1.55 -8.70
CA ASN A 31 8.23 1.11 -7.79
C ASN A 31 7.99 1.60 -6.36
N SER A 32 7.39 2.81 -6.24
CA SER A 32 7.00 3.37 -4.93
C SER A 32 5.87 2.53 -4.31
N VAL A 33 4.96 2.03 -5.16
CA VAL A 33 3.86 1.16 -4.74
C VAL A 33 4.39 -0.28 -4.45
N ASP A 34 5.52 -0.67 -5.08
CA ASP A 34 6.25 -1.92 -4.76
C ASP A 34 6.97 -1.79 -3.42
N ASN A 35 7.39 -0.57 -3.08
CA ASN A 35 7.99 -0.26 -1.77
C ASN A 35 6.91 -0.38 -0.68
N VAL A 36 5.67 0.04 -1.02
CA VAL A 36 4.49 -0.15 -0.14
C VAL A 36 4.24 -1.65 0.03
N LEU A 37 4.28 -2.42 -1.09
CA LEU A 37 4.16 -3.89 -1.09
C LEU A 37 5.18 -4.56 -0.14
N GLY A 38 6.40 -3.99 -0.12
CA GLY A 38 7.44 -4.40 0.82
C GLY A 38 7.02 -4.21 2.28
N HIS A 39 6.51 -3.01 2.62
CA HIS A 39 6.03 -2.70 3.98
C HIS A 39 4.83 -3.61 4.36
N LEU A 40 3.93 -3.86 3.39
CA LEU A 40 2.67 -4.62 3.59
C LEU A 40 2.95 -6.09 3.94
N GLU A 41 3.76 -6.76 3.10
CA GLU A 41 4.14 -8.16 3.32
C GLU A 41 4.87 -8.30 4.67
N ASN A 42 5.67 -7.27 5.02
CA ASN A 42 6.46 -7.27 6.27
C ASN A 42 5.59 -7.02 7.53
N ILE A 43 4.39 -6.38 7.39
CA ILE A 43 3.41 -6.32 8.51
C ILE A 43 2.93 -7.76 8.81
N ARG A 44 2.55 -8.44 7.72
CA ARG A 44 2.01 -9.82 7.71
C ARG A 44 3.02 -10.79 8.35
N LYS A 45 4.25 -10.76 7.80
CA LYS A 45 5.37 -11.60 8.22
C LYS A 45 5.73 -11.35 9.70
N ALA A 46 6.05 -10.08 10.05
CA ALA A 46 6.55 -9.72 11.40
C ALA A 46 5.55 -10.11 12.50
N PHE A 47 4.27 -9.73 12.31
CA PHE A 47 3.21 -9.94 13.31
C PHE A 47 2.98 -11.44 13.54
N LYS A 48 2.96 -12.21 12.44
CA LYS A 48 2.74 -13.65 12.48
C LYS A 48 3.95 -14.39 13.09
N HIS A 49 5.15 -13.75 13.04
CA HIS A 49 6.37 -14.22 13.72
C HIS A 49 6.45 -13.68 15.17
N GLY A 50 5.35 -13.08 15.65
CA GLY A 50 5.24 -12.61 17.04
C GLY A 50 5.87 -11.25 17.28
N ASP A 51 5.72 -10.33 16.31
CA ASP A 51 6.21 -8.94 16.43
C ASP A 51 5.04 -7.96 16.18
N PRO A 52 4.28 -7.56 17.25
CA PRO A 52 3.16 -6.59 17.14
C PRO A 52 3.67 -5.15 16.95
N ALA A 53 4.77 -4.80 17.65
CA ALA A 53 5.35 -3.44 17.63
C ALA A 53 6.07 -3.17 16.30
N ARG A 54 6.69 -4.21 15.72
CA ARG A 54 7.36 -4.10 14.41
C ARG A 54 6.33 -4.09 13.29
N ALA A 55 5.21 -4.83 13.50
CA ALA A 55 4.05 -4.78 12.60
C ALA A 55 3.51 -3.35 12.50
N MET A 56 3.34 -2.71 13.69
CA MET A 56 2.82 -1.33 13.82
C MET A 56 3.82 -0.31 13.22
N ASP A 57 5.12 -0.65 13.29
CA ASP A 57 6.19 0.13 12.66
C ASP A 57 5.99 0.11 11.14
N HIS A 58 5.87 -1.12 10.57
CA HIS A 58 5.66 -1.31 9.13
C HIS A 58 4.37 -0.60 8.65
N VAL A 59 3.31 -0.61 9.50
CA VAL A 59 2.04 0.10 9.21
C VAL A 59 2.25 1.61 9.12
N SER A 60 2.96 2.16 10.14
CA SER A 60 3.34 3.58 10.19
C SER A 60 4.11 3.99 8.93
N ASN A 61 5.00 3.10 8.46
CA ASN A 61 5.80 3.33 7.25
C ASN A 61 4.96 3.15 5.97
N VAL A 62 3.88 2.32 6.01
CA VAL A 62 2.93 2.25 4.89
C VAL A 62 2.21 3.60 4.75
N VAL A 63 1.67 4.13 5.86
CA VAL A 63 0.92 5.41 5.88
C VAL A 63 1.84 6.57 5.46
N GLY A 64 3.12 6.47 5.88
CA GLY A 64 4.16 7.40 5.44
C GLY A 64 4.36 7.36 3.93
N SER A 65 4.41 6.13 3.38
CA SER A 65 4.50 5.89 1.92
C SER A 65 3.24 6.39 1.19
N LEU A 66 2.05 6.13 1.80
CA LEU A 66 0.75 6.43 1.16
C LEU A 66 0.58 7.94 1.03
N ASP A 67 1.06 8.69 2.04
CA ASP A 67 1.00 10.17 2.02
C ASP A 67 1.98 10.74 0.98
N SER A 68 3.17 10.11 0.87
CA SER A 68 4.22 10.56 -0.07
C SER A 68 3.75 10.40 -1.53
N ILE A 69 3.14 9.23 -1.82
CA ILE A 69 2.67 8.88 -3.17
C ILE A 69 1.31 9.55 -3.45
N GLN A 70 0.53 9.84 -2.39
CA GLN A 70 -0.75 10.60 -2.51
C GLN A 70 -0.50 12.03 -2.99
N THR A 71 0.70 12.57 -2.67
CA THR A 71 1.18 13.85 -3.22
C THR A 71 1.23 13.76 -4.77
N SER A 72 1.74 12.62 -5.28
CA SER A 72 1.81 12.35 -6.73
C SER A 72 0.46 11.88 -7.28
N PHE A 73 -0.36 11.26 -6.43
CA PHE A 73 -1.67 10.71 -6.79
C PHE A 73 -2.70 11.85 -6.68
N LYS A 74 -2.69 12.72 -7.69
CA LYS A 74 -3.54 13.92 -7.79
C LYS A 74 -4.43 13.80 -9.03
N GLN A 75 -5.49 14.65 -9.07
CA GLN A 75 -6.45 14.72 -10.20
C GLN A 75 -7.34 13.46 -10.26
N THR A 76 -8.65 13.66 -10.51
CA THR A 76 -9.61 12.58 -10.67
C THR A 76 -9.35 11.80 -11.99
N GLY A 77 -8.45 10.80 -11.88
CA GLY A 77 -8.07 9.93 -12.99
C GLY A 77 -7.81 8.52 -12.50
N ASN A 78 -8.07 7.53 -13.39
CA ASN A 78 -8.01 6.08 -13.07
C ASN A 78 -9.06 5.74 -11.99
N PRO A 79 -10.38 5.56 -12.38
CA PRO A 79 -11.52 5.37 -11.43
C PRO A 79 -11.30 4.22 -10.41
N GLU A 80 -11.02 3.01 -10.92
CA GLU A 80 -10.92 1.79 -10.09
C GLU A 80 -9.58 1.72 -9.33
N ILE A 81 -8.54 2.35 -9.88
CA ILE A 81 -7.19 2.34 -9.27
C ILE A 81 -7.10 3.44 -8.19
N ALA A 82 -7.93 4.48 -8.35
CA ALA A 82 -8.14 5.51 -7.32
C ALA A 82 -8.91 4.88 -6.15
N THR A 83 -9.92 4.06 -6.49
CA THR A 83 -10.71 3.31 -5.51
C THR A 83 -9.84 2.23 -4.81
N ARG A 84 -8.87 1.64 -5.56
CA ARG A 84 -7.86 0.73 -4.99
C ARG A 84 -6.98 1.45 -3.97
N TRP A 85 -6.65 2.71 -4.26
CA TRP A 85 -5.84 3.55 -3.37
C TRP A 85 -6.65 3.93 -2.12
N GLN A 86 -7.97 4.13 -2.30
CA GLN A 86 -8.89 4.42 -1.18
C GLN A 86 -8.94 3.22 -0.22
N GLU A 87 -9.20 2.03 -0.79
CA GLU A 87 -9.26 0.74 -0.05
C GLU A 87 -7.92 0.43 0.63
N LEU A 88 -6.82 0.76 -0.06
CA LEU A 88 -5.45 0.57 0.45
C LEU A 88 -5.27 1.39 1.73
N THR A 89 -5.60 2.69 1.64
CA THR A 89 -5.55 3.62 2.79
C THR A 89 -6.50 3.17 3.94
N GLN A 90 -7.71 2.71 3.57
CA GLN A 90 -8.77 2.30 4.53
C GLN A 90 -8.32 1.08 5.37
N GLU A 91 -7.82 0.05 4.67
CA GLU A 91 -7.38 -1.21 5.28
C GLU A 91 -6.09 -1.02 6.12
N VAL A 92 -5.20 -0.10 5.72
CA VAL A 92 -4.02 0.26 6.54
C VAL A 92 -4.47 1.03 7.82
N ARG A 93 -5.59 1.77 7.73
CA ARG A 93 -6.20 2.44 8.90
C ARG A 93 -6.92 1.41 9.81
N GLU A 94 -7.29 0.24 9.23
CA GLU A 94 -7.76 -0.91 10.03
C GLU A 94 -6.59 -1.48 10.84
N LEU A 95 -5.41 -1.53 10.21
CA LEU A 95 -4.15 -1.95 10.86
C LEU A 95 -3.80 -1.04 12.06
N TYR A 96 -4.13 0.26 11.93
CA TYR A 96 -4.07 1.20 13.08
C TYR A 96 -5.05 0.78 14.20
N ALA A 97 -6.28 0.40 13.81
CA ALA A 97 -7.32 -0.04 14.77
C ALA A 97 -6.95 -1.41 15.42
N TYR A 98 -6.05 -2.18 14.76
CA TYR A 98 -5.57 -3.48 15.27
C TYR A 98 -4.35 -3.32 16.21
N LEU A 99 -3.45 -2.35 15.91
CA LEU A 99 -2.08 -2.32 16.49
C LEU A 99 -1.83 -1.11 17.41
N GLY A 100 -2.59 -0.03 17.22
CA GLY A 100 -2.52 1.16 18.10
C GLY A 100 -2.15 2.44 17.35
N MET A 1 -12.90 -7.19 9.06
CA MET A 1 -11.87 -6.39 9.75
C MET A 1 -10.77 -7.35 10.23
N ASP A 2 -9.77 -7.57 9.36
CA ASP A 2 -8.77 -8.66 9.51
C ASP A 2 -7.42 -8.16 8.97
N PHE A 3 -6.35 -8.30 9.79
CA PHE A 3 -5.00 -7.77 9.48
C PHE A 3 -4.45 -8.34 8.16
N THR A 4 -4.32 -9.68 8.11
CA THR A 4 -3.70 -10.41 6.98
C THR A 4 -4.49 -10.16 5.66
N GLU A 5 -5.84 -10.24 5.76
CA GLU A 5 -6.78 -9.90 4.67
C GLU A 5 -6.42 -8.55 4.03
N ARG A 6 -6.27 -7.51 4.89
CA ARG A 6 -5.97 -6.14 4.45
C ARG A 6 -4.63 -6.06 3.71
N LEU A 7 -3.61 -6.82 4.18
CA LEU A 7 -2.26 -6.83 3.57
C LEU A 7 -2.27 -7.47 2.17
N ASP A 8 -2.97 -8.59 2.01
CA ASP A 8 -3.17 -9.25 0.68
C ASP A 8 -3.87 -8.29 -0.30
N ARG A 9 -4.77 -7.46 0.23
CA ARG A 9 -5.47 -6.41 -0.55
C ARG A 9 -4.51 -5.29 -0.95
N LEU A 10 -3.60 -4.92 -0.02
CA LEU A 10 -2.59 -3.88 -0.26
C LEU A 10 -1.63 -4.30 -1.38
N VAL A 11 -1.20 -5.57 -1.34
CA VAL A 11 -0.35 -6.17 -2.37
C VAL A 11 -1.12 -6.19 -3.71
N LYS A 12 -2.45 -6.49 -3.66
CA LYS A 12 -3.31 -6.47 -4.87
C LYS A 12 -3.28 -5.09 -5.57
N TYR A 13 -3.70 -4.06 -4.80
CA TYR A 13 -3.92 -2.70 -5.32
C TYR A 13 -2.61 -2.12 -5.89
N ALA A 14 -1.59 -2.04 -5.01
CA ALA A 14 -0.30 -1.39 -5.33
C ALA A 14 0.48 -2.11 -6.45
N LYS A 15 0.34 -3.45 -6.56
CA LYS A 15 1.07 -4.25 -7.57
C LYS A 15 0.48 -4.02 -8.97
N GLU A 16 -0.84 -3.81 -9.02
CA GLU A 16 -1.55 -3.48 -10.29
C GLU A 16 -1.31 -2.03 -10.70
N ILE A 17 -1.14 -1.13 -9.73
CA ILE A 17 -0.79 0.29 -9.97
C ILE A 17 0.64 0.37 -10.54
N ALA A 18 1.60 -0.28 -9.84
CA ALA A 18 3.02 -0.32 -10.25
C ALA A 18 3.19 -0.93 -11.65
N LYS A 19 2.42 -2.01 -11.93
CA LYS A 19 2.42 -2.67 -13.25
C LYS A 19 1.90 -1.70 -14.34
N TRP A 20 0.78 -1.02 -14.03
CA TRP A 20 0.06 -0.14 -14.96
C TRP A 20 0.96 1.02 -15.44
N TYR A 21 1.60 1.69 -14.48
CA TYR A 21 2.45 2.87 -14.78
C TYR A 21 3.78 2.45 -15.41
N LYS A 22 4.21 1.21 -15.14
CA LYS A 22 5.34 0.60 -15.85
C LYS A 22 5.00 0.48 -17.35
N GLU A 23 3.75 0.08 -17.66
CA GLU A 23 3.26 -0.06 -19.05
C GLU A 23 3.21 1.29 -19.76
N SER A 24 2.78 2.34 -19.03
CA SER A 24 2.63 3.71 -19.57
C SER A 24 3.97 4.50 -19.55
N GLY A 25 5.07 3.81 -19.19
CA GLY A 25 6.42 4.38 -19.29
C GLY A 25 6.74 5.42 -18.23
N ASP A 26 6.30 5.13 -16.99
CA ASP A 26 6.65 5.92 -15.80
C ASP A 26 7.60 5.08 -14.92
N PRO A 27 8.95 5.16 -15.16
CA PRO A 27 9.93 4.24 -14.53
C PRO A 27 10.12 4.53 -13.03
N ASP A 28 10.16 5.82 -12.67
CA ASP A 28 10.40 6.29 -11.29
C ASP A 28 9.14 6.18 -10.43
N PHE A 29 7.96 6.43 -11.04
CA PHE A 29 6.67 6.30 -10.34
C PHE A 29 6.39 4.82 -10.03
N ALA A 30 6.50 3.96 -11.06
CA ALA A 30 6.29 2.51 -10.93
C ALA A 30 7.23 1.91 -9.87
N ASN A 31 8.52 2.33 -9.94
CA ASN A 31 9.58 1.95 -8.95
C ASN A 31 9.18 2.36 -7.52
N SER A 32 8.53 3.54 -7.41
CA SER A 32 8.11 4.10 -6.11
C SER A 32 6.92 3.33 -5.52
N VAL A 33 6.06 2.76 -6.39
CA VAL A 33 4.91 1.94 -5.95
C VAL A 33 5.38 0.48 -5.66
N ASP A 34 6.48 0.06 -6.35
CA ASP A 34 7.20 -1.19 -6.04
C ASP A 34 7.90 -1.08 -4.68
N ASN A 35 8.33 0.16 -4.36
CA ASN A 35 8.91 0.49 -3.06
C ASN A 35 7.83 0.36 -1.96
N VAL A 36 6.60 0.84 -2.29
CA VAL A 36 5.43 0.70 -1.39
C VAL A 36 5.16 -0.79 -1.11
N LEU A 37 5.19 -1.62 -2.19
CA LEU A 37 5.04 -3.10 -2.11
C LEU A 37 6.05 -3.74 -1.12
N GLY A 38 7.29 -3.22 -1.15
CA GLY A 38 8.33 -3.66 -0.22
C GLY A 38 7.99 -3.39 1.23
N HIS A 39 7.39 -2.21 1.50
CA HIS A 39 6.93 -1.84 2.85
C HIS A 39 5.72 -2.71 3.28
N LEU A 40 4.79 -2.95 2.33
CA LEU A 40 3.54 -3.72 2.58
C LEU A 40 3.87 -5.16 2.99
N GLU A 41 4.78 -5.76 2.23
CA GLU A 41 5.27 -7.12 2.50
C GLU A 41 6.13 -7.17 3.76
N ASN A 42 6.80 -6.05 4.08
CA ASN A 42 7.58 -5.93 5.32
C ASN A 42 6.62 -5.91 6.53
N ILE A 43 5.41 -5.32 6.36
CA ILE A 43 4.37 -5.25 7.42
C ILE A 43 3.86 -6.67 7.73
N ARG A 44 3.40 -7.38 6.66
CA ARG A 44 2.75 -8.70 6.78
C ARG A 44 3.73 -9.73 7.39
N LYS A 45 4.98 -9.71 6.88
CA LYS A 45 6.07 -10.57 7.41
C LYS A 45 6.41 -10.23 8.86
N ALA A 46 6.71 -8.93 9.15
CA ALA A 46 7.17 -8.49 10.48
C ALA A 46 6.18 -8.85 11.59
N PHE A 47 4.90 -8.51 11.35
CA PHE A 47 3.82 -8.69 12.33
C PHE A 47 3.59 -10.19 12.59
N LYS A 48 3.58 -10.99 11.50
CA LYS A 48 3.44 -12.46 11.59
C LYS A 48 4.64 -13.08 12.34
N HIS A 49 5.84 -12.47 12.17
CA HIS A 49 7.08 -12.92 12.84
C HIS A 49 7.21 -12.29 14.25
N GLY A 50 6.14 -11.59 14.70
CA GLY A 50 6.02 -11.08 16.06
C GLY A 50 6.64 -9.69 16.26
N ASP A 51 6.40 -8.78 15.31
CA ASP A 51 6.84 -7.37 15.40
C ASP A 51 5.63 -6.43 15.20
N PRO A 52 4.85 -6.13 16.30
CA PRO A 52 3.71 -5.18 16.26
C PRO A 52 4.17 -3.70 16.11
N ALA A 53 5.23 -3.32 16.87
CA ALA A 53 5.76 -1.94 16.89
C ALA A 53 6.38 -1.57 15.54
N ARG A 54 7.14 -2.51 14.96
CA ARG A 54 7.77 -2.34 13.65
C ARG A 54 6.71 -2.41 12.54
N ALA A 55 5.69 -3.28 12.70
CA ALA A 55 4.55 -3.37 11.75
C ALA A 55 3.88 -2.01 11.59
N MET A 56 3.61 -1.37 12.76
CA MET A 56 2.94 -0.06 12.82
C MET A 56 3.80 1.02 12.17
N ASP A 57 5.12 0.91 12.38
CA ASP A 57 6.13 1.83 11.81
C ASP A 57 6.06 1.82 10.28
N HIS A 58 5.95 0.62 9.70
CA HIS A 58 5.91 0.44 8.24
C HIS A 58 4.52 0.77 7.67
N VAL A 59 3.44 0.58 8.45
CA VAL A 59 2.06 0.97 8.05
C VAL A 59 1.97 2.49 7.91
N SER A 60 2.41 3.19 8.96
CA SER A 60 2.40 4.65 9.03
C SER A 60 3.40 5.26 8.02
N ASN A 61 4.46 4.49 7.70
CA ASN A 61 5.39 4.81 6.59
C ASN A 61 4.64 4.77 5.24
N VAL A 62 3.76 3.78 5.05
CA VAL A 62 2.96 3.64 3.82
C VAL A 62 1.87 4.73 3.77
N VAL A 63 1.33 5.14 4.94
CA VAL A 63 0.36 6.27 5.02
C VAL A 63 1.04 7.55 4.52
N GLY A 64 2.27 7.78 5.03
CA GLY A 64 3.10 8.92 4.66
C GLY A 64 3.57 8.87 3.22
N SER A 65 3.85 7.65 2.73
CA SER A 65 4.31 7.40 1.35
C SER A 65 3.21 7.73 0.36
N LEU A 66 2.05 7.07 0.51
CA LEU A 66 0.89 7.22 -0.39
C LEU A 66 0.42 8.68 -0.46
N ASP A 67 0.49 9.38 0.67
CA ASP A 67 0.10 10.80 0.77
C ASP A 67 1.10 11.69 0.00
N SER A 68 2.41 11.42 0.19
CA SER A 68 3.50 12.20 -0.44
C SER A 68 3.51 11.98 -1.96
N ILE A 69 3.33 10.71 -2.37
CA ILE A 69 3.33 10.31 -3.78
C ILE A 69 2.09 10.91 -4.46
N GLN A 70 0.91 10.78 -3.81
CA GLN A 70 -0.40 11.26 -4.34
C GLN A 70 -0.38 12.77 -4.63
N THR A 71 0.28 13.55 -3.76
CA THR A 71 0.40 15.01 -3.90
C THR A 71 1.26 15.38 -5.13
N SER A 72 2.36 14.62 -5.30
CA SER A 72 3.31 14.79 -6.42
C SER A 72 2.74 14.17 -7.72
N PHE A 73 1.80 13.23 -7.56
CA PHE A 73 1.15 12.48 -8.65
C PHE A 73 -0.05 13.27 -9.16
N LYS A 74 0.03 13.77 -10.41
CA LYS A 74 -1.14 14.33 -11.09
C LYS A 74 -2.04 13.17 -11.53
N GLN A 75 -3.33 13.25 -11.17
CA GLN A 75 -4.32 12.20 -11.46
C GLN A 75 -4.64 12.21 -12.96
N THR A 76 -3.95 11.32 -13.69
CA THR A 76 -4.10 11.13 -15.14
C THR A 76 -5.45 10.46 -15.49
N GLY A 77 -5.63 10.05 -16.76
CA GLY A 77 -6.86 9.41 -17.23
C GLY A 77 -6.91 7.91 -16.90
N ASN A 78 -6.80 7.61 -15.60
CA ASN A 78 -6.79 6.23 -15.06
C ASN A 78 -7.87 6.12 -13.96
N PRO A 79 -9.17 5.92 -14.33
CA PRO A 79 -10.29 5.89 -13.36
C PRO A 79 -10.17 4.70 -12.39
N GLU A 80 -9.91 3.51 -12.95
CA GLU A 80 -9.88 2.23 -12.19
C GLU A 80 -8.66 2.15 -11.28
N ILE A 81 -7.54 2.72 -11.75
CA ILE A 81 -6.25 2.69 -11.02
C ILE A 81 -6.24 3.75 -9.90
N ALA A 82 -6.97 4.87 -10.11
CA ALA A 82 -7.20 5.90 -9.07
C ALA A 82 -8.12 5.35 -7.98
N THR A 83 -9.10 4.50 -8.38
CA THR A 83 -9.96 3.75 -7.45
C THR A 83 -9.11 2.78 -6.60
N ARG A 84 -8.17 2.06 -7.27
CA ARG A 84 -7.24 1.11 -6.61
C ARG A 84 -6.30 1.83 -5.62
N TRP A 85 -5.90 3.07 -5.97
CA TRP A 85 -5.07 3.91 -5.09
C TRP A 85 -5.87 4.39 -3.86
N GLN A 86 -7.16 4.67 -4.08
CA GLN A 86 -8.09 5.11 -3.03
C GLN A 86 -8.38 3.96 -2.04
N GLU A 87 -8.51 2.73 -2.60
CA GLU A 87 -8.70 1.49 -1.84
C GLU A 87 -7.41 1.11 -1.10
N LEU A 88 -6.27 1.40 -1.73
CA LEU A 88 -4.94 1.16 -1.16
C LEU A 88 -4.78 1.98 0.13
N THR A 89 -5.01 3.30 0.01
CA THR A 89 -4.98 4.25 1.14
C THR A 89 -6.03 3.86 2.23
N GLN A 90 -7.20 3.35 1.78
CA GLN A 90 -8.29 2.91 2.68
C GLN A 90 -7.86 1.73 3.57
N GLU A 91 -7.36 0.67 2.92
CA GLU A 91 -6.94 -0.57 3.60
C GLU A 91 -5.67 -0.34 4.47
N VAL A 92 -4.75 0.57 4.04
CA VAL A 92 -3.58 0.96 4.85
C VAL A 92 -4.05 1.64 6.16
N ARG A 93 -5.05 2.53 6.03
CA ARG A 93 -5.66 3.23 7.18
C ARG A 93 -6.47 2.27 8.08
N GLU A 94 -6.85 1.10 7.54
CA GLU A 94 -7.39 0.00 8.36
C GLU A 94 -6.32 -0.54 9.32
N LEU A 95 -5.12 -0.91 8.80
CA LEU A 95 -4.01 -1.40 9.68
C LEU A 95 -3.57 -0.30 10.66
N TYR A 96 -3.59 0.94 10.18
CA TYR A 96 -3.27 2.14 10.97
C TYR A 96 -4.22 2.23 12.19
N ALA A 97 -5.50 1.93 11.92
CA ALA A 97 -6.57 1.90 12.95
C ALA A 97 -6.50 0.62 13.82
N TYR A 98 -5.91 -0.47 13.28
CA TYR A 98 -5.77 -1.76 14.00
C TYR A 98 -4.57 -1.74 14.96
N LEU A 99 -3.59 -0.86 14.69
CA LEU A 99 -2.27 -0.90 15.36
C LEU A 99 -2.08 0.31 16.32
N GLY A 100 -2.29 1.54 15.81
CA GLY A 100 -1.95 2.76 16.58
C GLY A 100 -2.84 3.96 16.23
N MET A 1 -13.12 -10.54 8.43
CA MET A 1 -12.14 -9.66 7.77
C MET A 1 -10.85 -9.59 8.63
N ASP A 2 -9.92 -10.53 8.36
CA ASP A 2 -8.67 -10.71 9.16
C ASP A 2 -7.62 -9.65 8.80
N PHE A 3 -6.60 -9.50 9.69
CA PHE A 3 -5.39 -8.71 9.43
C PHE A 3 -4.71 -9.21 8.14
N THR A 4 -4.43 -10.52 8.13
CA THR A 4 -3.65 -11.19 7.07
C THR A 4 -4.26 -10.94 5.67
N GLU A 5 -5.60 -11.02 5.59
CA GLU A 5 -6.33 -10.90 4.32
C GLU A 5 -6.39 -9.42 3.86
N ARG A 6 -6.70 -8.50 4.79
CA ARG A 6 -6.86 -7.06 4.46
C ARG A 6 -5.49 -6.39 4.22
N LEU A 7 -4.43 -6.96 4.80
CA LEU A 7 -3.04 -6.56 4.50
C LEU A 7 -2.70 -7.08 3.09
N ASP A 8 -3.14 -8.31 2.81
CA ASP A 8 -3.00 -8.92 1.48
C ASP A 8 -3.85 -8.15 0.45
N ARG A 9 -4.93 -7.46 0.90
CA ARG A 9 -5.72 -6.56 0.05
C ARG A 9 -4.90 -5.33 -0.31
N LEU A 10 -4.12 -4.81 0.66
CA LEU A 10 -3.21 -3.68 0.43
C LEU A 10 -2.16 -4.05 -0.62
N VAL A 11 -1.69 -5.32 -0.53
CA VAL A 11 -0.82 -5.92 -1.53
C VAL A 11 -1.55 -6.00 -2.88
N LYS A 12 -2.82 -6.47 -2.88
CA LYS A 12 -3.64 -6.68 -4.10
C LYS A 12 -3.91 -5.36 -4.85
N TYR A 13 -4.23 -4.27 -4.12
CA TYR A 13 -4.51 -2.96 -4.71
C TYR A 13 -3.23 -2.37 -5.32
N ALA A 14 -2.16 -2.34 -4.53
CA ALA A 14 -0.86 -1.80 -4.94
C ALA A 14 -0.17 -2.71 -5.99
N LYS A 15 -0.60 -3.99 -6.07
CA LYS A 15 -0.10 -4.94 -7.09
C LYS A 15 -0.72 -4.58 -8.45
N GLU A 16 -2.05 -4.29 -8.43
CA GLU A 16 -2.81 -3.86 -9.63
C GLU A 16 -2.37 -2.47 -10.11
N ILE A 17 -2.08 -1.56 -9.17
CA ILE A 17 -1.60 -0.21 -9.48
C ILE A 17 -0.22 -0.29 -10.17
N ALA A 18 0.73 -1.00 -9.54
CA ALA A 18 2.09 -1.20 -10.09
C ALA A 18 2.03 -1.91 -11.46
N LYS A 19 1.15 -2.94 -11.55
CA LYS A 19 0.85 -3.71 -12.79
C LYS A 19 0.43 -2.80 -13.96
N TRP A 20 -0.49 -1.87 -13.67
CA TRP A 20 -1.03 -0.91 -14.66
C TRP A 20 0.09 0.01 -15.19
N TYR A 21 1.02 0.39 -14.30
CA TYR A 21 2.18 1.24 -14.66
C TYR A 21 3.32 0.41 -15.30
N LYS A 22 3.29 -0.93 -15.11
CA LYS A 22 4.17 -1.84 -15.88
C LYS A 22 3.71 -1.85 -17.35
N GLU A 23 2.37 -1.94 -17.52
CA GLU A 23 1.71 -1.91 -18.84
C GLU A 23 1.87 -0.52 -19.50
N SER A 24 1.86 0.53 -18.67
CA SER A 24 1.94 1.94 -19.11
C SER A 24 3.40 2.39 -19.35
N GLY A 25 4.37 1.49 -19.09
CA GLY A 25 5.79 1.80 -19.30
C GLY A 25 6.35 2.90 -18.40
N ASP A 26 5.80 3.00 -17.18
CA ASP A 26 6.35 3.83 -16.09
C ASP A 26 7.20 2.94 -15.15
N PRO A 27 8.56 2.91 -15.33
CA PRO A 27 9.44 2.08 -14.46
C PRO A 27 9.48 2.63 -13.03
N ASP A 28 9.64 3.96 -12.94
CA ASP A 28 9.89 4.68 -11.68
C ASP A 28 8.61 4.80 -10.84
N PHE A 29 7.46 5.07 -11.50
CA PHE A 29 6.17 5.18 -10.80
C PHE A 29 5.75 3.80 -10.26
N ALA A 30 5.88 2.75 -11.11
CA ALA A 30 5.60 1.36 -10.71
C ALA A 30 6.55 0.90 -9.59
N ASN A 31 7.80 1.44 -9.60
CA ASN A 31 8.82 1.14 -8.58
C ASN A 31 8.47 1.80 -7.23
N SER A 32 7.85 3.01 -7.29
CA SER A 32 7.36 3.71 -6.09
C SER A 32 6.26 2.91 -5.39
N VAL A 33 5.33 2.40 -6.21
CA VAL A 33 4.21 1.56 -5.74
C VAL A 33 4.72 0.18 -5.27
N ASP A 34 5.78 -0.32 -5.96
CA ASP A 34 6.47 -1.59 -5.63
C ASP A 34 7.29 -1.45 -4.33
N ASN A 35 7.76 -0.22 -4.03
CA ASN A 35 8.52 0.08 -2.80
C ASN A 35 7.56 -0.04 -1.61
N VAL A 36 6.37 0.57 -1.77
CA VAL A 36 5.27 0.51 -0.79
C VAL A 36 4.81 -0.95 -0.62
N LEU A 37 4.75 -1.68 -1.76
CA LEU A 37 4.36 -3.10 -1.84
C LEU A 37 5.31 -3.98 -0.99
N GLY A 38 6.62 -3.67 -1.11
CA GLY A 38 7.66 -4.35 -0.33
C GLY A 38 7.51 -4.11 1.16
N HIS A 39 7.16 -2.85 1.54
CA HIS A 39 6.89 -2.47 2.94
C HIS A 39 5.62 -3.16 3.46
N LEU A 40 4.61 -3.32 2.58
CA LEU A 40 3.33 -3.98 2.90
C LEU A 40 3.57 -5.45 3.25
N GLU A 41 4.33 -6.15 2.39
CA GLU A 41 4.70 -7.54 2.60
C GLU A 41 5.56 -7.68 3.87
N ASN A 42 6.37 -6.65 4.17
CA ASN A 42 7.23 -6.61 5.36
C ASN A 42 6.40 -6.40 6.66
N ILE A 43 5.21 -5.75 6.55
CA ILE A 43 4.23 -5.65 7.65
C ILE A 43 3.75 -7.05 8.04
N ARG A 44 3.30 -7.81 6.99
CA ARG A 44 2.78 -9.17 7.14
C ARG A 44 3.86 -10.07 7.74
N LYS A 45 5.09 -9.99 7.17
CA LYS A 45 6.27 -10.75 7.61
C LYS A 45 6.57 -10.52 9.09
N ALA A 46 6.55 -9.24 9.51
CA ALA A 46 6.82 -8.83 10.89
C ALA A 46 5.82 -9.47 11.86
N PHE A 47 4.55 -9.45 11.46
CA PHE A 47 3.42 -9.97 12.25
C PHE A 47 3.46 -11.51 12.31
N LYS A 48 3.93 -12.15 11.20
CA LYS A 48 4.09 -13.61 11.09
C LYS A 48 5.31 -14.10 11.91
N HIS A 49 6.33 -13.20 12.04
CA HIS A 49 7.47 -13.40 12.95
C HIS A 49 7.06 -13.21 14.43
N GLY A 50 5.78 -12.85 14.65
CA GLY A 50 5.20 -12.76 15.99
C GLY A 50 5.45 -11.41 16.65
N ASP A 51 5.83 -10.40 15.85
CA ASP A 51 6.14 -9.05 16.35
C ASP A 51 5.19 -8.02 15.69
N PRO A 52 4.06 -7.66 16.38
CA PRO A 52 3.10 -6.67 15.83
C PRO A 52 3.64 -5.22 15.90
N ALA A 53 4.65 -4.97 16.76
CA ALA A 53 5.25 -3.62 16.94
C ALA A 53 5.96 -3.15 15.66
N ARG A 54 6.72 -4.09 15.04
CA ARG A 54 7.41 -3.86 13.75
C ARG A 54 6.38 -3.70 12.63
N ALA A 55 5.28 -4.49 12.71
CA ALA A 55 4.18 -4.43 11.75
C ALA A 55 3.56 -3.02 11.72
N MET A 56 3.37 -2.42 12.92
CA MET A 56 2.80 -1.06 13.07
C MET A 56 3.75 0.00 12.51
N ASP A 57 5.06 -0.22 12.71
CA ASP A 57 6.13 0.67 12.24
C ASP A 57 6.13 0.75 10.71
N HIS A 58 5.98 -0.42 10.07
CA HIS A 58 5.99 -0.54 8.61
C HIS A 58 4.67 -0.01 8.01
N VAL A 59 3.54 -0.09 8.78
CA VAL A 59 2.25 0.53 8.36
C VAL A 59 2.38 2.06 8.35
N SER A 60 2.93 2.62 9.45
CA SER A 60 3.15 4.08 9.60
C SER A 60 4.05 4.62 8.47
N ASN A 61 5.03 3.79 8.05
CA ASN A 61 5.92 4.09 6.92
C ASN A 61 5.11 4.14 5.60
N VAL A 62 4.14 3.21 5.47
CA VAL A 62 3.24 3.13 4.30
C VAL A 62 2.27 4.33 4.27
N VAL A 63 1.69 4.73 5.44
CA VAL A 63 0.71 5.85 5.52
C VAL A 63 1.40 7.16 5.09
N GLY A 64 2.62 7.37 5.63
CA GLY A 64 3.44 8.54 5.33
C GLY A 64 3.91 8.59 3.87
N SER A 65 4.29 7.42 3.33
CA SER A 65 4.76 7.29 1.94
C SER A 65 3.62 7.59 0.96
N LEU A 66 2.44 6.97 1.21
CA LEU A 66 1.24 7.14 0.36
C LEU A 66 0.83 8.61 0.33
N ASP A 67 0.89 9.29 1.49
CA ASP A 67 0.53 10.72 1.65
C ASP A 67 1.48 11.61 0.83
N SER A 68 2.78 11.26 0.86
CA SER A 68 3.84 11.98 0.14
C SER A 68 3.68 11.79 -1.39
N ILE A 69 3.12 10.63 -1.79
CA ILE A 69 2.77 10.35 -3.19
C ILE A 69 1.47 11.10 -3.56
N GLN A 70 0.50 11.16 -2.62
CA GLN A 70 -0.85 11.76 -2.83
C GLN A 70 -0.78 13.26 -3.21
N THR A 71 0.24 13.97 -2.68
CA THR A 71 0.48 15.38 -3.04
C THR A 71 0.84 15.51 -4.55
N SER A 72 1.61 14.53 -5.05
CA SER A 72 2.06 14.47 -6.45
C SER A 72 1.04 13.72 -7.35
N PHE A 73 0.24 12.84 -6.72
CA PHE A 73 -0.73 11.98 -7.41
C PHE A 73 -2.00 12.78 -7.64
N LYS A 74 -2.16 13.27 -8.87
CA LYS A 74 -3.26 14.17 -9.28
C LYS A 74 -4.63 13.53 -9.02
N GLN A 75 -4.74 12.24 -9.43
CA GLN A 75 -5.93 11.38 -9.23
C GLN A 75 -7.10 11.81 -10.16
N THR A 76 -6.88 12.88 -10.95
CA THR A 76 -7.83 13.40 -11.94
C THR A 76 -7.79 12.52 -13.21
N GLY A 77 -6.58 12.02 -13.53
CA GLY A 77 -6.39 10.99 -14.56
C GLY A 77 -6.21 9.61 -13.93
N ASN A 78 -6.33 8.56 -14.76
CA ASN A 78 -6.22 7.14 -14.33
C ASN A 78 -7.31 6.80 -13.26
N PRO A 79 -8.62 6.73 -13.66
CA PRO A 79 -9.75 6.51 -12.71
C PRO A 79 -9.73 5.12 -12.02
N GLU A 80 -9.11 4.13 -12.70
CA GLU A 80 -9.00 2.76 -12.16
C GLU A 80 -7.94 2.73 -11.05
N ILE A 81 -6.87 3.52 -11.23
CA ILE A 81 -5.81 3.69 -10.24
C ILE A 81 -6.33 4.52 -9.07
N ALA A 82 -7.14 5.55 -9.40
CA ALA A 82 -7.80 6.43 -8.41
C ALA A 82 -8.68 5.61 -7.45
N THR A 83 -9.40 4.63 -8.01
CA THR A 83 -10.25 3.70 -7.25
C THR A 83 -9.40 2.78 -6.35
N ARG A 84 -8.43 2.04 -6.95
CA ARG A 84 -7.58 1.06 -6.21
C ARG A 84 -6.73 1.77 -5.14
N TRP A 85 -6.40 3.05 -5.40
CA TRP A 85 -5.63 3.89 -4.47
C TRP A 85 -6.53 4.35 -3.31
N GLN A 86 -7.80 4.65 -3.62
CA GLN A 86 -8.82 5.06 -2.62
C GLN A 86 -9.08 3.93 -1.62
N GLU A 87 -9.14 2.71 -2.17
CA GLU A 87 -9.38 1.47 -1.43
C GLU A 87 -8.11 1.06 -0.67
N LEU A 88 -6.94 1.37 -1.28
CA LEU A 88 -5.62 1.11 -0.67
C LEU A 88 -5.50 1.93 0.61
N THR A 89 -5.51 3.26 0.45
CA THR A 89 -5.36 4.24 1.54
C THR A 89 -6.41 4.06 2.66
N GLN A 90 -7.67 3.76 2.27
CA GLN A 90 -8.78 3.52 3.20
C GLN A 90 -8.48 2.31 4.10
N GLU A 91 -8.10 1.19 3.47
CA GLU A 91 -7.85 -0.08 4.15
C GLU A 91 -6.47 -0.13 4.84
N VAL A 92 -5.53 0.76 4.44
CA VAL A 92 -4.25 0.97 5.18
C VAL A 92 -4.58 1.57 6.57
N ARG A 93 -5.57 2.48 6.59
CA ARG A 93 -6.08 3.10 7.83
C ARG A 93 -6.88 2.07 8.67
N GLU A 94 -7.67 1.21 7.98
CA GLU A 94 -8.40 0.08 8.61
C GLU A 94 -7.42 -0.89 9.28
N LEU A 95 -6.35 -1.21 8.55
CA LEU A 95 -5.30 -2.16 8.96
C LEU A 95 -4.53 -1.58 10.18
N TYR A 96 -4.30 -0.27 10.13
CA TYR A 96 -3.65 0.50 11.21
C TYR A 96 -4.51 0.44 12.49
N ALA A 97 -5.85 0.32 12.31
CA ALA A 97 -6.81 0.15 13.42
C ALA A 97 -6.85 -1.32 13.93
N TYR A 98 -6.58 -2.31 13.03
CA TYR A 98 -6.40 -3.74 13.42
C TYR A 98 -5.14 -3.92 14.29
N LEU A 99 -4.22 -2.96 14.19
CA LEU A 99 -3.01 -2.91 15.02
C LEU A 99 -3.20 -1.92 16.20
N GLY A 100 -4.09 -0.92 16.00
CA GLY A 100 -4.41 0.07 17.03
C GLY A 100 -3.42 1.25 17.08
N MET A 1 -9.57 -7.13 14.15
CA MET A 1 -9.75 -8.58 14.40
C MET A 1 -9.17 -9.38 13.22
N ASP A 2 -9.85 -9.28 12.05
CA ASP A 2 -9.41 -9.89 10.79
C ASP A 2 -8.29 -9.05 10.13
N PHE A 3 -7.14 -8.99 10.82
CA PHE A 3 -5.95 -8.24 10.39
C PHE A 3 -5.40 -8.85 9.10
N THR A 4 -5.27 -10.20 9.09
CA THR A 4 -4.75 -10.98 7.97
C THR A 4 -5.55 -10.71 6.68
N GLU A 5 -6.89 -10.77 6.80
CA GLU A 5 -7.83 -10.48 5.70
C GLU A 5 -7.67 -9.06 5.14
N ARG A 6 -7.81 -8.06 6.03
CA ARG A 6 -7.73 -6.64 5.68
C ARG A 6 -6.38 -6.28 5.00
N LEU A 7 -5.28 -6.82 5.55
CA LEU A 7 -3.93 -6.59 5.04
C LEU A 7 -3.78 -7.26 3.64
N ASP A 8 -4.34 -8.47 3.49
CA ASP A 8 -4.33 -9.24 2.22
C ASP A 8 -5.03 -8.45 1.08
N ARG A 9 -6.08 -7.72 1.46
CA ARG A 9 -6.83 -6.85 0.53
C ARG A 9 -5.95 -5.68 0.07
N LEU A 10 -5.19 -5.09 1.01
CA LEU A 10 -4.24 -3.98 0.75
C LEU A 10 -3.17 -4.38 -0.27
N VAL A 11 -2.60 -5.58 -0.07
CA VAL A 11 -1.58 -6.15 -0.96
C VAL A 11 -2.17 -6.32 -2.40
N LYS A 12 -3.45 -6.74 -2.47
CA LYS A 12 -4.17 -6.86 -3.76
C LYS A 12 -4.28 -5.48 -4.46
N TYR A 13 -4.68 -4.44 -3.68
CA TYR A 13 -4.91 -3.08 -4.23
C TYR A 13 -3.61 -2.51 -4.83
N ALA A 14 -2.54 -2.56 -4.04
CA ALA A 14 -1.22 -2.03 -4.43
C ALA A 14 -0.58 -2.85 -5.57
N LYS A 15 -0.97 -4.13 -5.73
CA LYS A 15 -0.55 -4.95 -6.90
C LYS A 15 -1.26 -4.50 -8.18
N GLU A 16 -2.57 -4.18 -8.08
CA GLU A 16 -3.39 -3.71 -9.22
C GLU A 16 -2.85 -2.35 -9.74
N ILE A 17 -2.55 -1.46 -8.78
CA ILE A 17 -1.99 -0.11 -9.05
C ILE A 17 -0.59 -0.23 -9.70
N ALA A 18 0.35 -0.93 -9.01
CA ALA A 18 1.75 -1.06 -9.46
C ALA A 18 1.84 -1.67 -10.87
N LYS A 19 0.95 -2.66 -11.15
CA LYS A 19 0.87 -3.33 -12.46
C LYS A 19 0.48 -2.33 -13.57
N TRP A 20 -0.54 -1.51 -13.28
CA TRP A 20 -1.08 -0.53 -14.26
C TRP A 20 -0.02 0.53 -14.65
N TYR A 21 0.73 1.06 -13.66
CA TYR A 21 1.76 2.09 -13.93
C TYR A 21 2.99 1.49 -14.60
N LYS A 22 3.30 0.22 -14.28
CA LYS A 22 4.38 -0.54 -14.95
C LYS A 22 4.07 -0.65 -16.46
N GLU A 23 2.80 -1.01 -16.77
CA GLU A 23 2.28 -1.16 -18.14
C GLU A 23 2.07 0.22 -18.82
N SER A 24 2.02 1.30 -18.01
CA SER A 24 1.86 2.68 -18.49
C SER A 24 3.21 3.39 -18.71
N GLY A 25 4.32 2.67 -18.46
CA GLY A 25 5.67 3.21 -18.65
C GLY A 25 6.08 4.22 -17.57
N ASP A 26 5.61 4.00 -16.34
CA ASP A 26 5.99 4.79 -15.16
C ASP A 26 6.74 3.84 -14.19
N PRO A 27 8.09 3.64 -14.40
CA PRO A 27 8.86 2.62 -13.64
C PRO A 27 9.03 2.99 -12.16
N ASP A 28 9.25 4.28 -11.88
CA ASP A 28 9.55 4.77 -10.52
C ASP A 28 8.29 4.75 -9.65
N PHE A 29 7.14 5.14 -10.23
CA PHE A 29 5.86 5.18 -9.49
C PHE A 29 5.38 3.76 -9.20
N ALA A 30 5.50 2.87 -10.20
CA ALA A 30 5.20 1.43 -10.03
C ALA A 30 6.09 0.82 -8.94
N ASN A 31 7.37 1.24 -8.92
CA ASN A 31 8.37 0.85 -7.90
C ASN A 31 8.02 1.40 -6.50
N SER A 32 7.42 2.61 -6.46
CA SER A 32 6.96 3.23 -5.19
C SER A 32 5.81 2.42 -4.57
N VAL A 33 4.86 2.00 -5.42
CA VAL A 33 3.70 1.20 -4.98
C VAL A 33 4.11 -0.27 -4.71
N ASP A 34 5.17 -0.72 -5.40
CA ASP A 34 5.81 -2.04 -5.17
C ASP A 34 6.61 -2.02 -3.86
N ASN A 35 7.10 -0.83 -3.47
CA ASN A 35 7.76 -0.62 -2.17
C ASN A 35 6.70 -0.65 -1.05
N VAL A 36 5.50 -0.10 -1.34
CA VAL A 36 4.35 -0.17 -0.42
C VAL A 36 3.94 -1.65 -0.21
N LEU A 37 3.97 -2.45 -1.31
CA LEU A 37 3.78 -3.92 -1.28
C LEU A 37 4.80 -4.58 -0.34
N GLY A 38 6.06 -4.12 -0.41
CA GLY A 38 7.12 -4.60 0.48
C GLY A 38 6.81 -4.38 1.94
N HIS A 39 6.42 -3.14 2.29
CA HIS A 39 6.09 -2.77 3.68
C HIS A 39 4.83 -3.52 4.18
N LEU A 40 3.77 -3.60 3.34
CA LEU A 40 2.50 -4.26 3.68
C LEU A 40 2.72 -5.75 4.02
N GLU A 41 3.37 -6.48 3.09
CA GLU A 41 3.68 -7.90 3.26
C GLU A 41 4.51 -8.12 4.53
N ASN A 42 5.44 -7.18 4.81
CA ASN A 42 6.31 -7.22 6.01
C ASN A 42 5.50 -6.97 7.30
N ILE A 43 4.40 -6.18 7.22
CA ILE A 43 3.46 -5.96 8.35
C ILE A 43 2.77 -7.30 8.70
N ARG A 44 2.26 -7.97 7.65
CA ARG A 44 1.52 -9.24 7.75
C ARG A 44 2.42 -10.35 8.32
N LYS A 45 3.66 -10.43 7.79
CA LYS A 45 4.69 -11.37 8.26
C LYS A 45 5.05 -11.08 9.72
N ALA A 46 5.20 -9.78 10.08
CA ALA A 46 5.56 -9.36 11.45
C ALA A 46 4.49 -9.78 12.46
N PHE A 47 3.23 -9.53 12.07
CA PHE A 47 2.05 -9.85 12.90
C PHE A 47 1.92 -11.39 13.05
N LYS A 48 2.24 -12.11 11.95
CA LYS A 48 2.22 -13.59 11.90
C LYS A 48 3.30 -14.19 12.84
N HIS A 49 4.44 -13.49 12.94
CA HIS A 49 5.54 -13.87 13.85
C HIS A 49 5.20 -13.53 15.32
N GLY A 50 4.17 -12.69 15.51
CA GLY A 50 3.77 -12.22 16.83
C GLY A 50 4.59 -11.02 17.27
N ASP A 51 4.81 -10.10 16.34
CA ASP A 51 5.49 -8.82 16.59
C ASP A 51 4.49 -7.66 16.43
N PRO A 52 3.72 -7.29 17.50
CA PRO A 52 2.73 -6.18 17.43
C PRO A 52 3.42 -4.80 17.32
N ALA A 53 4.55 -4.63 18.04
CA ALA A 53 5.30 -3.36 18.04
C ALA A 53 5.90 -3.06 16.66
N ARG A 54 6.46 -4.11 16.02
CA ARG A 54 7.07 -4.01 14.69
C ARG A 54 5.98 -3.86 13.62
N ALA A 55 4.82 -4.54 13.81
CA ALA A 55 3.66 -4.42 12.90
C ALA A 55 3.18 -2.97 12.83
N MET A 56 2.94 -2.35 14.01
CA MET A 56 2.47 -0.94 14.13
C MET A 56 3.53 0.04 13.56
N ASP A 57 4.80 -0.32 13.77
CA ASP A 57 5.96 0.47 13.31
C ASP A 57 5.98 0.53 11.77
N HIS A 58 5.64 -0.60 11.13
CA HIS A 58 5.58 -0.70 9.67
C HIS A 58 4.30 -0.03 9.13
N VAL A 59 3.16 -0.14 9.85
CA VAL A 59 1.87 0.45 9.40
C VAL A 59 1.97 1.98 9.38
N SER A 60 2.52 2.56 10.46
CA SER A 60 2.77 4.01 10.58
C SER A 60 3.72 4.51 9.49
N ASN A 61 4.73 3.66 9.15
CA ASN A 61 5.62 3.89 7.99
C ASN A 61 4.80 3.95 6.68
N VAL A 62 3.84 3.02 6.51
CA VAL A 62 2.99 2.95 5.30
C VAL A 62 2.02 4.15 5.22
N VAL A 63 1.48 4.59 6.38
CA VAL A 63 0.55 5.75 6.43
C VAL A 63 1.29 7.03 5.99
N GLY A 64 2.56 7.14 6.45
CA GLY A 64 3.43 8.28 6.12
C GLY A 64 3.88 8.26 4.66
N SER A 65 4.12 7.04 4.12
CA SER A 65 4.59 6.83 2.74
C SER A 65 3.44 7.10 1.74
N LEU A 66 2.24 6.57 2.06
CA LEU A 66 1.04 6.76 1.24
C LEU A 66 0.61 8.22 1.24
N ASP A 67 0.83 8.91 2.38
CA ASP A 67 0.50 10.34 2.52
C ASP A 67 1.40 11.20 1.63
N SER A 68 2.72 10.89 1.62
CA SER A 68 3.71 11.66 0.86
C SER A 68 3.58 11.43 -0.65
N ILE A 69 3.06 10.23 -1.03
CA ILE A 69 2.72 9.93 -2.43
C ILE A 69 1.37 10.57 -2.79
N GLN A 70 0.37 10.50 -1.86
CA GLN A 70 -1.04 10.95 -2.10
C GLN A 70 -1.11 12.45 -2.36
N THR A 71 -0.39 13.22 -1.53
CA THR A 71 -0.32 14.68 -1.64
C THR A 71 0.46 15.10 -2.91
N SER A 72 1.38 14.23 -3.35
CA SER A 72 2.14 14.39 -4.60
C SER A 72 1.44 13.72 -5.81
N PHE A 73 0.41 12.90 -5.54
CA PHE A 73 -0.25 12.04 -6.54
C PHE A 73 -1.04 12.89 -7.53
N LYS A 74 -0.51 12.99 -8.75
CA LYS A 74 -1.20 13.64 -9.86
C LYS A 74 -2.39 12.78 -10.27
N GLN A 75 -3.59 13.36 -10.18
CA GLN A 75 -4.87 12.70 -10.45
C GLN A 75 -4.87 11.96 -11.80
N THR A 76 -4.64 10.64 -11.72
CA THR A 76 -4.55 9.75 -12.89
C THR A 76 -5.96 9.42 -13.40
N GLY A 77 -6.13 9.51 -14.74
CA GLY A 77 -7.44 9.36 -15.38
C GLY A 77 -7.86 7.91 -15.61
N ASN A 78 -7.87 7.13 -14.51
CA ASN A 78 -8.38 5.75 -14.46
C ASN A 78 -9.16 5.65 -13.14
N PRO A 79 -10.54 5.73 -13.18
CA PRO A 79 -11.40 5.78 -11.97
C PRO A 79 -11.13 4.64 -10.98
N GLU A 80 -10.98 3.40 -11.51
CA GLU A 80 -10.69 2.19 -10.71
C GLU A 80 -9.35 2.29 -9.93
N ILE A 81 -8.33 2.93 -10.53
CA ILE A 81 -6.98 3.02 -9.92
C ILE A 81 -6.92 4.17 -8.90
N ALA A 82 -7.71 5.23 -9.17
CA ALA A 82 -7.93 6.32 -8.19
C ALA A 82 -8.66 5.77 -6.96
N THR A 83 -9.66 4.88 -7.22
CA THR A 83 -10.45 4.22 -6.17
C THR A 83 -9.57 3.28 -5.33
N ARG A 84 -8.76 2.43 -6.01
CA ARG A 84 -7.86 1.47 -5.33
C ARG A 84 -6.81 2.18 -4.46
N TRP A 85 -6.38 3.38 -4.92
CA TRP A 85 -5.43 4.22 -4.19
C TRP A 85 -6.06 4.76 -2.90
N GLN A 86 -7.30 5.25 -3.01
CA GLN A 86 -8.07 5.79 -1.88
C GLN A 86 -8.40 4.69 -0.86
N GLU A 87 -8.77 3.48 -1.36
CA GLU A 87 -9.11 2.30 -0.54
C GLU A 87 -7.87 1.77 0.19
N LEU A 88 -6.72 1.79 -0.52
CA LEU A 88 -5.42 1.38 0.03
C LEU A 88 -5.09 2.24 1.26
N THR A 89 -5.03 3.57 1.05
CA THR A 89 -4.70 4.55 2.10
C THR A 89 -5.74 4.54 3.24
N GLN A 90 -7.03 4.37 2.88
CA GLN A 90 -8.16 4.41 3.84
C GLN A 90 -8.14 3.18 4.76
N GLU A 91 -7.82 2.01 4.17
CA GLU A 91 -7.80 0.74 4.91
C GLU A 91 -6.48 0.52 5.65
N VAL A 92 -5.37 1.15 5.21
CA VAL A 92 -4.13 1.17 6.03
C VAL A 92 -4.38 1.98 7.32
N ARG A 93 -5.25 3.02 7.21
CA ARG A 93 -5.78 3.77 8.38
C ARG A 93 -6.69 2.87 9.26
N GLU A 94 -7.44 1.96 8.62
CA GLU A 94 -8.25 0.94 9.34
C GLU A 94 -7.34 0.03 10.19
N LEU A 95 -6.32 -0.60 9.55
CA LEU A 95 -5.36 -1.50 10.24
C LEU A 95 -4.64 -0.76 11.39
N TYR A 96 -4.27 0.51 11.11
CA TYR A 96 -3.63 1.41 12.07
C TYR A 96 -4.49 1.53 13.35
N ALA A 97 -5.81 1.70 13.15
CA ALA A 97 -6.80 1.83 14.25
C ALA A 97 -7.13 0.47 14.89
N TYR A 98 -6.99 -0.62 14.11
CA TYR A 98 -7.21 -2.01 14.59
C TYR A 98 -6.04 -2.45 15.50
N LEU A 99 -4.92 -1.71 15.44
CA LEU A 99 -3.75 -1.93 16.29
C LEU A 99 -3.76 -0.94 17.49
N GLY A 100 -3.97 0.35 17.17
CA GLY A 100 -4.10 1.41 18.18
C GLY A 100 -4.28 2.81 17.58
N MET A 1 -13.06 -9.64 9.73
CA MET A 1 -12.06 -8.57 9.95
C MET A 1 -10.73 -9.25 10.34
N ASP A 2 -9.78 -9.27 9.38
CA ASP A 2 -8.60 -10.15 9.42
C ASP A 2 -7.33 -9.35 9.09
N PHE A 3 -6.30 -9.44 9.97
CA PHE A 3 -4.99 -8.80 9.76
C PHE A 3 -4.27 -9.40 8.53
N THR A 4 -4.08 -10.74 8.56
CA THR A 4 -3.30 -11.49 7.54
C THR A 4 -3.88 -11.28 6.13
N GLU A 5 -5.21 -11.49 6.03
CA GLU A 5 -5.97 -11.35 4.78
C GLU A 5 -5.74 -9.98 4.13
N ARG A 6 -5.68 -8.92 4.97
CA ARG A 6 -5.42 -7.55 4.50
C ARG A 6 -4.04 -7.41 3.87
N LEU A 7 -3.00 -8.04 4.47
CA LEU A 7 -1.64 -8.06 3.88
C LEU A 7 -1.64 -8.62 2.44
N ASP A 8 -2.35 -9.74 2.25
CA ASP A 8 -2.50 -10.40 0.94
C ASP A 8 -3.24 -9.49 -0.07
N ARG A 9 -4.23 -8.74 0.45
CA ARG A 9 -4.99 -7.74 -0.34
C ARG A 9 -4.07 -6.58 -0.77
N LEU A 10 -3.23 -6.10 0.17
CA LEU A 10 -2.33 -4.93 -0.03
C LEU A 10 -1.28 -5.22 -1.10
N VAL A 11 -0.62 -6.40 -0.95
CA VAL A 11 0.37 -6.91 -1.90
C VAL A 11 -0.25 -7.01 -3.31
N LYS A 12 -1.51 -7.49 -3.37
CA LYS A 12 -2.26 -7.63 -4.64
C LYS A 12 -2.50 -6.25 -5.29
N TYR A 13 -2.97 -5.26 -4.51
CA TYR A 13 -3.28 -3.90 -5.03
C TYR A 13 -2.05 -3.28 -5.65
N ALA A 14 -0.96 -3.26 -4.85
CA ALA A 14 0.32 -2.65 -5.23
C ALA A 14 1.03 -3.49 -6.33
N LYS A 15 0.65 -4.77 -6.49
CA LYS A 15 1.13 -5.65 -7.60
C LYS A 15 0.50 -5.17 -8.93
N GLU A 16 -0.83 -4.97 -8.89
CA GLU A 16 -1.63 -4.55 -10.06
C GLU A 16 -1.26 -3.13 -10.50
N ILE A 17 -1.07 -2.25 -9.51
CA ILE A 17 -0.62 -0.87 -9.72
C ILE A 17 0.78 -0.87 -10.36
N ALA A 18 1.74 -1.59 -9.73
CA ALA A 18 3.12 -1.69 -10.24
C ALA A 18 3.15 -2.18 -11.71
N LYS A 19 2.29 -3.19 -12.01
CA LYS A 19 2.19 -3.82 -13.34
C LYS A 19 1.86 -2.79 -14.44
N TRP A 20 0.85 -1.95 -14.16
CA TRP A 20 0.43 -0.86 -15.07
C TRP A 20 1.60 0.07 -15.39
N TYR A 21 2.27 0.53 -14.33
CA TYR A 21 3.32 1.57 -14.43
C TYR A 21 4.63 1.02 -15.02
N LYS A 22 4.80 -0.32 -14.99
CA LYS A 22 5.91 -1.01 -15.69
C LYS A 22 5.72 -0.92 -17.21
N GLU A 23 4.49 -1.17 -17.66
CA GLU A 23 4.09 -1.12 -19.08
C GLU A 23 3.79 0.32 -19.54
N SER A 24 3.51 1.21 -18.58
CA SER A 24 3.21 2.64 -18.84
C SER A 24 4.51 3.46 -18.88
N GLY A 25 5.61 2.86 -18.40
CA GLY A 25 6.93 3.50 -18.39
C GLY A 25 7.04 4.63 -17.37
N ASP A 26 6.39 4.46 -16.21
CA ASP A 26 6.56 5.34 -15.04
C ASP A 26 7.61 4.71 -14.10
N PRO A 27 8.92 5.10 -14.19
CA PRO A 27 10.02 4.43 -13.44
C PRO A 27 9.91 4.71 -11.94
N ASP A 28 9.60 5.98 -11.62
CA ASP A 28 9.61 6.52 -10.25
C ASP A 28 8.51 5.89 -9.39
N PHE A 29 7.28 5.89 -9.95
CA PHE A 29 6.06 5.44 -9.25
C PHE A 29 6.13 3.92 -9.01
N ALA A 30 6.53 3.17 -10.04
CA ALA A 30 6.65 1.69 -9.95
C ALA A 30 7.72 1.28 -8.91
N ASN A 31 8.88 1.97 -8.95
CA ASN A 31 10.01 1.77 -8.00
C ASN A 31 9.58 2.02 -6.54
N SER A 32 8.80 3.11 -6.33
CA SER A 32 8.35 3.52 -4.98
C SER A 32 7.28 2.55 -4.44
N VAL A 33 6.43 2.03 -5.35
CA VAL A 33 5.39 1.02 -5.02
C VAL A 33 6.05 -0.35 -4.73
N ASP A 34 7.17 -0.64 -5.40
CA ASP A 34 7.96 -1.87 -5.17
C ASP A 34 8.66 -1.83 -3.80
N ASN A 35 9.05 -0.62 -3.36
CA ASN A 35 9.61 -0.39 -2.02
C ASN A 35 8.52 -0.62 -0.94
N VAL A 36 7.27 -0.19 -1.25
CA VAL A 36 6.09 -0.44 -0.39
C VAL A 36 5.86 -1.95 -0.24
N LEU A 37 5.95 -2.66 -1.39
CA LEU A 37 5.77 -4.13 -1.47
C LEU A 37 6.76 -4.89 -0.56
N GLY A 38 8.03 -4.43 -0.56
CA GLY A 38 9.09 -5.00 0.29
C GLY A 38 8.79 -4.83 1.77
N HIS A 39 8.24 -3.67 2.11
CA HIS A 39 7.85 -3.35 3.49
C HIS A 39 6.61 -4.15 3.91
N LEU A 40 5.67 -4.37 2.97
CA LEU A 40 4.42 -5.14 3.21
C LEU A 40 4.76 -6.60 3.55
N GLU A 41 5.75 -7.14 2.82
CA GLU A 41 6.28 -8.50 3.07
C GLU A 41 7.00 -8.58 4.42
N ASN A 42 7.66 -7.47 4.82
CA ASN A 42 8.35 -7.39 6.12
C ASN A 42 7.33 -7.37 7.27
N ILE A 43 6.24 -6.58 7.12
CA ILE A 43 5.17 -6.46 8.15
C ILE A 43 4.47 -7.82 8.34
N ARG A 44 4.13 -8.40 7.19
CA ARG A 44 3.46 -9.69 7.04
C ARG A 44 4.22 -10.77 7.81
N LYS A 45 5.50 -10.92 7.44
CA LYS A 45 6.37 -11.96 7.99
C LYS A 45 6.86 -11.64 9.41
N ALA A 46 7.05 -10.34 9.75
CA ALA A 46 7.55 -9.93 11.10
C ALA A 46 6.53 -10.29 12.17
N PHE A 47 5.27 -9.96 11.89
CA PHE A 47 4.16 -10.20 12.81
C PHE A 47 3.98 -11.72 12.98
N LYS A 48 4.10 -12.46 11.85
CA LYS A 48 4.03 -13.94 11.84
C LYS A 48 5.29 -14.61 12.44
N HIS A 49 6.40 -13.85 12.54
CA HIS A 49 7.60 -14.27 13.31
C HIS A 49 7.49 -13.87 14.79
N GLY A 50 6.27 -13.43 15.19
CA GLY A 50 5.95 -13.10 16.58
C GLY A 50 6.53 -11.77 17.03
N ASP A 51 6.65 -10.82 16.09
CA ASP A 51 7.26 -9.50 16.34
C ASP A 51 6.29 -8.37 15.91
N PRO A 52 5.40 -7.88 16.84
CA PRO A 52 4.46 -6.75 16.56
C PRO A 52 5.16 -5.37 16.46
N ALA A 53 6.31 -5.22 17.17
CA ALA A 53 7.08 -3.97 17.22
C ALA A 53 7.60 -3.58 15.82
N ARG A 54 8.26 -4.56 15.16
CA ARG A 54 8.82 -4.42 13.81
C ARG A 54 7.69 -4.29 12.77
N ALA A 55 6.59 -5.04 12.97
CA ALA A 55 5.40 -4.98 12.09
C ALA A 55 4.86 -3.53 12.01
N MET A 56 4.58 -2.93 13.19
CA MET A 56 4.01 -1.57 13.32
C MET A 56 5.00 -0.49 12.86
N ASP A 57 6.31 -0.76 13.09
CA ASP A 57 7.42 0.11 12.67
C ASP A 57 7.38 0.31 11.14
N HIS A 58 7.33 -0.82 10.42
CA HIS A 58 7.35 -0.83 8.95
C HIS A 58 6.01 -0.35 8.36
N VAL A 59 4.89 -0.51 9.13
CA VAL A 59 3.58 0.08 8.74
C VAL A 59 3.69 1.60 8.70
N SER A 60 4.29 2.18 9.74
CA SER A 60 4.50 3.64 9.86
C SER A 60 5.28 4.20 8.64
N ASN A 61 6.30 3.44 8.19
CA ASN A 61 7.09 3.78 6.98
C ASN A 61 6.22 3.68 5.69
N VAL A 62 5.35 2.64 5.63
CA VAL A 62 4.42 2.46 4.48
C VAL A 62 3.41 3.62 4.42
N VAL A 63 2.85 4.01 5.58
CA VAL A 63 1.83 5.08 5.70
C VAL A 63 2.43 6.43 5.24
N GLY A 64 3.69 6.69 5.66
CA GLY A 64 4.42 7.90 5.28
C GLY A 64 4.72 7.96 3.78
N SER A 65 5.05 6.79 3.19
CA SER A 65 5.35 6.66 1.75
C SER A 65 4.08 6.85 0.91
N LEU A 66 2.97 6.18 1.31
CA LEU A 66 1.68 6.25 0.60
C LEU A 66 1.13 7.68 0.62
N ASP A 67 1.30 8.35 1.77
CA ASP A 67 0.95 9.78 1.96
C ASP A 67 1.66 10.67 0.92
N SER A 68 2.97 10.42 0.74
CA SER A 68 3.83 11.19 -0.18
C SER A 68 3.45 10.93 -1.66
N ILE A 69 3.26 9.64 -2.01
CA ILE A 69 2.96 9.21 -3.39
C ILE A 69 1.53 9.66 -3.79
N GLN A 70 0.61 9.61 -2.81
CA GLN A 70 -0.82 10.02 -2.98
C GLN A 70 -0.93 11.53 -3.26
N THR A 71 -0.16 12.33 -2.52
CA THR A 71 -0.13 13.80 -2.71
C THR A 71 0.49 14.14 -4.09
N SER A 72 1.43 13.27 -4.53
CA SER A 72 2.09 13.39 -5.84
C SER A 72 1.22 12.81 -6.98
N PHE A 73 0.26 11.92 -6.64
CA PHE A 73 -0.59 11.22 -7.64
C PHE A 73 -1.63 12.19 -8.23
N LYS A 74 -1.24 12.83 -9.33
CA LYS A 74 -2.15 13.57 -10.21
C LYS A 74 -2.51 12.66 -11.39
N GLN A 75 -1.58 12.58 -12.38
CA GLN A 75 -1.75 11.86 -13.64
C GLN A 75 -3.07 12.24 -14.36
N THR A 76 -3.46 11.45 -15.38
CA THR A 76 -4.75 11.60 -16.07
C THR A 76 -5.38 10.21 -16.24
N GLY A 77 -6.64 10.08 -15.79
CA GLY A 77 -7.38 8.83 -15.87
C GLY A 77 -6.91 7.82 -14.84
N ASN A 78 -6.65 6.58 -15.30
CA ASN A 78 -6.34 5.42 -14.45
C ASN A 78 -7.42 5.22 -13.35
N PRO A 79 -8.73 5.05 -13.73
CA PRO A 79 -9.85 4.97 -12.75
C PRO A 79 -9.80 3.67 -11.92
N GLU A 80 -9.36 2.58 -12.58
CA GLU A 80 -9.23 1.26 -11.97
C GLU A 80 -8.08 1.27 -10.94
N ILE A 81 -6.98 1.97 -11.29
CA ILE A 81 -5.78 2.09 -10.43
C ILE A 81 -6.01 3.11 -9.30
N ALA A 82 -6.81 4.15 -9.58
CA ALA A 82 -7.20 5.16 -8.60
C ALA A 82 -7.98 4.50 -7.45
N THR A 83 -8.98 3.70 -7.83
CA THR A 83 -9.82 2.92 -6.91
C THR A 83 -8.95 1.89 -6.13
N ARG A 84 -7.98 1.30 -6.84
CA ARG A 84 -7.04 0.31 -6.30
C ARG A 84 -6.17 0.92 -5.16
N TRP A 85 -5.75 2.17 -5.40
CA TRP A 85 -4.95 2.96 -4.46
C TRP A 85 -5.77 3.33 -3.21
N GLN A 86 -7.08 3.63 -3.41
CA GLN A 86 -8.01 4.00 -2.33
C GLN A 86 -8.18 2.85 -1.33
N GLU A 87 -8.26 1.62 -1.87
CA GLU A 87 -8.34 0.39 -1.06
C GLU A 87 -7.03 0.18 -0.28
N LEU A 88 -5.90 0.28 -1.02
CA LEU A 88 -4.53 0.11 -0.48
C LEU A 88 -4.30 1.01 0.75
N THR A 89 -4.40 2.32 0.54
CA THR A 89 -4.11 3.34 1.57
C THR A 89 -5.07 3.20 2.79
N GLN A 90 -6.37 2.96 2.51
CA GLN A 90 -7.41 2.83 3.57
C GLN A 90 -7.10 1.60 4.46
N GLU A 91 -6.84 0.46 3.81
CA GLU A 91 -6.59 -0.81 4.49
C GLU A 91 -5.25 -0.79 5.23
N VAL A 92 -4.23 -0.06 4.72
CA VAL A 92 -2.94 0.13 5.44
C VAL A 92 -3.18 0.89 6.77
N ARG A 93 -4.15 1.83 6.76
CA ARG A 93 -4.60 2.51 8.00
C ARG A 93 -5.32 1.53 8.95
N GLU A 94 -5.99 0.50 8.38
CA GLU A 94 -6.61 -0.58 9.17
C GLU A 94 -5.55 -1.43 9.86
N LEU A 95 -4.46 -1.82 9.15
CA LEU A 95 -3.33 -2.60 9.76
C LEU A 95 -2.67 -1.77 10.88
N TYR A 96 -2.53 -0.47 10.60
CA TYR A 96 -2.04 0.53 11.56
C TYR A 96 -2.94 0.53 12.82
N ALA A 97 -4.26 0.38 12.59
CA ALA A 97 -5.29 0.35 13.64
C ALA A 97 -5.42 -1.05 14.29
N TYR A 98 -4.87 -2.09 13.64
CA TYR A 98 -4.86 -3.49 14.20
C TYR A 98 -3.61 -3.70 15.07
N LEU A 99 -2.62 -2.80 14.92
CA LEU A 99 -1.37 -2.88 15.68
C LEU A 99 -1.34 -1.82 16.80
N GLY A 100 -1.76 -0.60 16.47
CA GLY A 100 -1.70 0.53 17.39
C GLY A 100 -2.67 1.65 17.01
N MET A 1 -10.23 -10.07 13.54
CA MET A 1 -9.09 -9.20 13.18
C MET A 1 -8.33 -9.81 11.99
N ASP A 2 -8.81 -9.50 10.75
CA ASP A 2 -8.18 -9.96 9.49
C ASP A 2 -7.01 -9.05 9.07
N PHE A 3 -5.92 -9.12 9.86
CA PHE A 3 -4.68 -8.38 9.57
C PHE A 3 -4.03 -8.88 8.27
N THR A 4 -3.58 -10.14 8.31
CA THR A 4 -2.80 -10.77 7.24
C THR A 4 -3.58 -10.80 5.91
N GLU A 5 -4.89 -11.11 6.00
CA GLU A 5 -5.81 -11.16 4.85
C GLU A 5 -5.87 -9.82 4.10
N ARG A 6 -5.88 -8.71 4.86
CA ARG A 6 -5.86 -7.35 4.28
C ARG A 6 -4.52 -7.05 3.57
N LEU A 7 -3.40 -7.54 4.15
CA LEU A 7 -2.06 -7.40 3.51
C LEU A 7 -2.06 -8.06 2.11
N ASP A 8 -2.72 -9.23 2.02
CA ASP A 8 -2.97 -9.92 0.73
C ASP A 8 -3.68 -8.98 -0.28
N ARG A 9 -4.75 -8.28 0.18
CA ARG A 9 -5.49 -7.28 -0.65
C ARG A 9 -4.54 -6.17 -1.13
N LEU A 10 -3.78 -5.60 -0.17
CA LEU A 10 -2.91 -4.41 -0.39
C LEU A 10 -1.87 -4.70 -1.48
N VAL A 11 -1.28 -5.91 -1.41
CA VAL A 11 -0.29 -6.39 -2.39
C VAL A 11 -0.92 -6.52 -3.79
N LYS A 12 -2.16 -7.07 -3.84
CA LYS A 12 -2.89 -7.27 -5.12
C LYS A 12 -3.22 -5.93 -5.80
N TYR A 13 -3.61 -4.91 -4.99
CA TYR A 13 -3.93 -3.56 -5.49
C TYR A 13 -2.66 -2.91 -6.04
N ALA A 14 -1.60 -2.97 -5.22
CA ALA A 14 -0.30 -2.38 -5.53
C ALA A 14 0.39 -3.11 -6.71
N LYS A 15 0.00 -4.37 -6.97
CA LYS A 15 0.45 -5.11 -8.17
C LYS A 15 -0.23 -4.53 -9.42
N GLU A 16 -1.54 -4.28 -9.34
CA GLU A 16 -2.33 -3.73 -10.46
C GLU A 16 -1.88 -2.31 -10.86
N ILE A 17 -1.56 -1.50 -9.84
CA ILE A 17 -1.11 -0.11 -10.04
C ILE A 17 0.31 -0.09 -10.63
N ALA A 18 1.26 -0.78 -9.97
CA ALA A 18 2.66 -0.87 -10.42
C ALA A 18 2.78 -1.49 -11.84
N LYS A 19 1.87 -2.44 -12.14
CA LYS A 19 1.80 -3.13 -13.44
C LYS A 19 1.40 -2.15 -14.56
N TRP A 20 0.37 -1.34 -14.29
CA TRP A 20 -0.21 -0.43 -15.29
C TRP A 20 0.80 0.70 -15.63
N TYR A 21 1.52 1.20 -14.61
CA TYR A 21 2.55 2.24 -14.82
C TYR A 21 3.80 1.66 -15.50
N LYS A 22 4.10 0.38 -15.21
CA LYS A 22 5.13 -0.40 -15.92
C LYS A 22 4.78 -0.49 -17.43
N GLU A 23 3.48 -0.66 -17.72
CA GLU A 23 2.93 -0.68 -19.10
C GLU A 23 2.95 0.73 -19.73
N SER A 24 2.69 1.76 -18.91
CA SER A 24 2.61 3.16 -19.36
C SER A 24 4.01 3.79 -19.59
N GLY A 25 5.08 3.03 -19.30
CA GLY A 25 6.46 3.51 -19.49
C GLY A 25 6.95 4.40 -18.37
N ASP A 26 6.27 4.32 -17.21
CA ASP A 26 6.65 5.04 -15.98
C ASP A 26 7.23 4.03 -14.97
N PRO A 27 8.59 3.89 -14.89
CA PRO A 27 9.23 2.95 -13.96
C PRO A 27 9.27 3.51 -12.52
N ASP A 28 9.27 4.85 -12.38
CA ASP A 28 9.50 5.55 -11.10
C ASP A 28 8.28 5.41 -10.19
N PHE A 29 7.08 5.71 -10.74
CA PHE A 29 5.79 5.58 -10.01
C PHE A 29 5.54 4.10 -9.69
N ALA A 30 5.82 3.22 -10.68
CA ALA A 30 5.70 1.77 -10.52
C ALA A 30 6.57 1.25 -9.36
N ASN A 31 7.83 1.75 -9.28
CA ASN A 31 8.80 1.42 -8.21
C ASN A 31 8.38 1.99 -6.85
N SER A 32 7.69 3.14 -6.86
CA SER A 32 7.14 3.73 -5.62
C SER A 32 6.09 2.79 -4.99
N VAL A 33 5.22 2.25 -5.86
CA VAL A 33 4.17 1.30 -5.47
C VAL A 33 4.77 -0.10 -5.16
N ASP A 34 5.96 -0.37 -5.76
CA ASP A 34 6.74 -1.61 -5.50
C ASP A 34 7.52 -1.50 -4.16
N ASN A 35 7.84 -0.26 -3.77
CA ASN A 35 8.43 0.05 -2.45
C ASN A 35 7.40 -0.25 -1.36
N VAL A 36 6.12 0.09 -1.66
CA VAL A 36 4.99 -0.26 -0.78
C VAL A 36 4.89 -1.80 -0.64
N LEU A 37 4.98 -2.52 -1.78
CA LEU A 37 4.93 -4.01 -1.83
C LEU A 37 5.94 -4.69 -0.86
N GLY A 38 7.21 -4.27 -0.96
CA GLY A 38 8.27 -4.80 -0.10
C GLY A 38 8.00 -4.58 1.38
N HIS A 39 7.43 -3.39 1.70
CA HIS A 39 7.00 -3.06 3.07
C HIS A 39 5.84 -3.98 3.51
N LEU A 40 4.88 -4.24 2.62
CA LEU A 40 3.70 -5.09 2.90
C LEU A 40 4.14 -6.54 3.23
N GLU A 41 5.27 -6.96 2.63
CA GLU A 41 5.92 -8.24 2.93
C GLU A 41 6.45 -8.25 4.38
N ASN A 42 7.27 -7.25 4.74
CA ASN A 42 7.95 -7.23 6.06
C ASN A 42 6.99 -6.89 7.22
N ILE A 43 5.83 -6.27 6.91
CA ILE A 43 4.71 -6.07 7.88
C ILE A 43 4.03 -7.43 8.22
N ARG A 44 3.54 -8.10 7.15
CA ARG A 44 2.77 -9.36 7.25
C ARG A 44 3.62 -10.47 7.89
N LYS A 45 4.88 -10.58 7.44
CA LYS A 45 5.85 -11.55 7.97
C LYS A 45 6.24 -11.25 9.42
N ALA A 46 6.50 -9.96 9.77
CA ALA A 46 6.92 -9.57 11.14
C ALA A 46 5.88 -9.98 12.19
N PHE A 47 4.61 -9.68 11.86
CA PHE A 47 3.46 -9.93 12.76
C PHE A 47 3.25 -11.44 12.97
N LYS A 48 3.38 -12.20 11.87
CA LYS A 48 3.33 -13.69 11.89
C LYS A 48 4.53 -14.29 12.66
N HIS A 49 5.69 -13.61 12.59
CA HIS A 49 6.92 -14.05 13.30
C HIS A 49 6.93 -13.56 14.77
N GLY A 50 5.79 -13.01 15.23
CA GLY A 50 5.62 -12.59 16.62
C GLY A 50 6.32 -11.27 16.90
N ASP A 51 6.03 -10.25 16.08
CA ASP A 51 6.52 -8.88 16.25
C ASP A 51 5.37 -7.88 15.99
N PRO A 52 4.94 -7.10 17.02
CA PRO A 52 4.08 -5.92 16.80
C PRO A 52 4.89 -4.63 16.52
N ALA A 53 6.09 -4.51 17.13
CA ALA A 53 6.89 -3.26 17.17
C ALA A 53 7.32 -2.78 15.77
N ARG A 54 8.11 -3.61 15.05
CA ARG A 54 8.62 -3.26 13.71
C ARG A 54 7.45 -3.20 12.71
N ALA A 55 6.44 -4.05 12.93
CA ALA A 55 5.24 -4.14 12.07
C ALA A 55 4.52 -2.77 12.00
N MET A 56 4.33 -2.14 13.17
CA MET A 56 3.68 -0.80 13.26
C MET A 56 4.58 0.30 12.67
N ASP A 57 5.90 0.10 12.79
CA ASP A 57 6.92 1.00 12.22
C ASP A 57 6.81 1.00 10.69
N HIS A 58 6.69 -0.21 10.12
CA HIS A 58 6.66 -0.44 8.67
C HIS A 58 5.34 0.06 8.06
N VAL A 59 4.22 -0.05 8.84
CA VAL A 59 2.91 0.52 8.43
C VAL A 59 3.00 2.06 8.35
N SER A 60 3.70 2.68 9.33
CA SER A 60 3.94 4.13 9.35
C SER A 60 4.81 4.55 8.12
N ASN A 61 5.76 3.67 7.75
CA ASN A 61 6.62 3.86 6.56
C ASN A 61 5.78 3.76 5.27
N VAL A 62 4.76 2.86 5.26
CA VAL A 62 3.81 2.71 4.15
C VAL A 62 2.96 3.98 4.01
N VAL A 63 2.34 4.44 5.12
CA VAL A 63 1.44 5.63 5.13
C VAL A 63 2.21 6.89 4.64
N GLY A 64 3.49 6.97 5.03
CA GLY A 64 4.37 8.07 4.59
C GLY A 64 4.65 8.02 3.10
N SER A 65 4.90 6.80 2.57
CA SER A 65 5.19 6.57 1.14
C SER A 65 3.93 6.84 0.29
N LEU A 66 2.76 6.39 0.80
CA LEU A 66 1.45 6.55 0.14
C LEU A 66 1.18 8.04 -0.06
N ASP A 67 1.34 8.81 1.02
CA ASP A 67 1.20 10.29 1.06
C ASP A 67 2.08 10.98 -0.01
N SER A 68 3.31 10.48 -0.16
CA SER A 68 4.30 11.03 -1.11
C SER A 68 3.85 10.75 -2.56
N ILE A 69 3.34 9.52 -2.78
CA ILE A 69 2.85 9.08 -4.09
C ILE A 69 1.56 9.84 -4.46
N GLN A 70 0.72 10.13 -3.45
CA GLN A 70 -0.54 10.89 -3.58
C GLN A 70 -0.29 12.34 -4.00
N THR A 71 0.86 12.91 -3.57
CA THR A 71 1.30 14.25 -4.02
C THR A 71 1.54 14.25 -5.55
N SER A 72 2.11 13.14 -6.04
CA SER A 72 2.38 12.92 -7.47
C SER A 72 1.10 12.49 -8.23
N PHE A 73 0.23 11.72 -7.54
CA PHE A 73 -0.94 11.09 -8.13
C PHE A 73 -2.12 12.08 -8.09
N LYS A 74 -2.13 12.97 -9.10
CA LYS A 74 -3.21 13.95 -9.30
C LYS A 74 -4.36 13.32 -10.10
N GLN A 75 -5.46 14.06 -10.25
CA GLN A 75 -6.63 13.63 -11.03
C GLN A 75 -6.28 13.63 -12.53
N THR A 76 -5.73 12.49 -12.99
CA THR A 76 -5.35 12.24 -14.39
C THR A 76 -6.30 11.19 -15.01
N GLY A 77 -7.44 10.94 -14.36
CA GLY A 77 -8.32 9.84 -14.71
C GLY A 77 -7.89 8.59 -13.96
N ASN A 78 -7.30 7.63 -14.71
CA ASN A 78 -6.80 6.34 -14.17
C ASN A 78 -7.88 5.63 -13.33
N PRO A 79 -9.00 5.17 -13.97
CA PRO A 79 -10.22 4.72 -13.23
C PRO A 79 -9.97 3.57 -12.25
N GLU A 80 -9.36 2.46 -12.77
CA GLU A 80 -9.07 1.26 -11.97
C GLU A 80 -7.95 1.55 -10.95
N ILE A 81 -6.99 2.43 -11.32
CA ILE A 81 -5.85 2.77 -10.43
C ILE A 81 -6.37 3.52 -9.19
N ALA A 82 -7.30 4.46 -9.42
CA ALA A 82 -7.94 5.25 -8.35
C ALA A 82 -8.80 4.39 -7.43
N THR A 83 -9.47 3.38 -8.03
CA THR A 83 -10.29 2.40 -7.28
C THR A 83 -9.38 1.55 -6.37
N ARG A 84 -8.33 0.96 -6.96
CA ARG A 84 -7.36 0.09 -6.25
C ARG A 84 -6.59 0.88 -5.19
N TRP A 85 -6.36 2.18 -5.45
CA TRP A 85 -5.66 3.08 -4.52
C TRP A 85 -6.59 3.48 -3.36
N GLN A 86 -7.90 3.63 -3.65
CA GLN A 86 -8.91 3.97 -2.63
C GLN A 86 -9.05 2.78 -1.64
N GLU A 87 -9.14 1.57 -2.22
CA GLU A 87 -9.21 0.30 -1.48
C GLU A 87 -7.92 0.08 -0.65
N LEU A 88 -6.77 0.44 -1.26
CA LEU A 88 -5.43 0.36 -0.64
C LEU A 88 -5.36 1.25 0.62
N THR A 89 -5.63 2.55 0.44
CA THR A 89 -5.50 3.59 1.49
C THR A 89 -6.38 3.25 2.72
N GLN A 90 -7.66 2.96 2.45
CA GLN A 90 -8.66 2.63 3.49
C GLN A 90 -8.23 1.42 4.34
N GLU A 91 -7.83 0.32 3.66
CA GLU A 91 -7.45 -0.93 4.35
C GLU A 91 -6.12 -0.79 5.11
N VAL A 92 -5.12 -0.04 4.56
CA VAL A 92 -3.81 0.22 5.26
C VAL A 92 -4.08 0.86 6.64
N ARG A 93 -5.05 1.78 6.66
CA ARG A 93 -5.51 2.48 7.87
C ARG A 93 -6.25 1.51 8.83
N GLU A 94 -6.95 0.50 8.26
CA GLU A 94 -7.63 -0.56 9.05
C GLU A 94 -6.62 -1.53 9.68
N LEU A 95 -5.43 -1.71 9.06
CA LEU A 95 -4.31 -2.46 9.68
C LEU A 95 -3.74 -1.67 10.86
N TYR A 96 -3.56 -0.37 10.63
CA TYR A 96 -3.06 0.56 11.65
C TYR A 96 -4.11 0.72 12.79
N ALA A 97 -5.37 0.39 12.48
CA ALA A 97 -6.46 0.31 13.47
C ALA A 97 -6.48 -1.07 14.19
N TYR A 98 -5.90 -2.10 13.53
CA TYR A 98 -5.72 -3.44 14.14
C TYR A 98 -4.47 -3.47 15.04
N LEU A 99 -3.60 -2.48 14.85
CA LEU A 99 -2.33 -2.37 15.59
C LEU A 99 -2.46 -1.30 16.69
N GLY A 100 -2.66 -0.04 16.25
CA GLY A 100 -2.83 1.10 17.15
C GLY A 100 -4.30 1.45 17.40
N MET A 1 -11.44 -6.86 11.54
CA MET A 1 -9.97 -6.71 11.74
C MET A 1 -9.26 -7.05 10.43
N ASP A 2 -9.40 -8.33 10.01
CA ASP A 2 -9.06 -8.80 8.64
C ASP A 2 -7.57 -8.56 8.28
N PHE A 3 -6.69 -8.48 9.31
CA PHE A 3 -5.32 -7.92 9.20
C PHE A 3 -4.56 -8.44 7.95
N THR A 4 -4.40 -9.77 7.88
CA THR A 4 -3.64 -10.43 6.82
C THR A 4 -4.28 -10.16 5.44
N GLU A 5 -5.61 -10.34 5.37
CA GLU A 5 -6.42 -10.10 4.15
C GLU A 5 -6.26 -8.67 3.62
N ARG A 6 -6.18 -7.69 4.54
CA ARG A 6 -5.99 -6.27 4.19
C ARG A 6 -4.65 -6.08 3.45
N LEU A 7 -3.57 -6.69 4.00
CA LEU A 7 -2.21 -6.61 3.41
C LEU A 7 -2.09 -7.33 2.06
N ASP A 8 -2.70 -8.53 1.99
CA ASP A 8 -2.85 -9.28 0.72
C ASP A 8 -3.45 -8.39 -0.38
N ARG A 9 -4.55 -7.68 -0.03
CA ARG A 9 -5.24 -6.78 -0.96
C ARG A 9 -4.40 -5.51 -1.24
N LEU A 10 -3.66 -5.03 -0.22
CA LEU A 10 -2.81 -3.82 -0.31
C LEU A 10 -1.73 -3.99 -1.38
N VAL A 11 -1.06 -5.14 -1.32
CA VAL A 11 -0.08 -5.54 -2.32
C VAL A 11 -0.76 -5.64 -3.70
N LYS A 12 -1.96 -6.24 -3.74
CA LYS A 12 -2.75 -6.37 -5.00
C LYS A 12 -3.01 -5.01 -5.67
N TYR A 13 -3.47 -3.99 -4.88
CA TYR A 13 -3.80 -2.65 -5.41
C TYR A 13 -2.55 -2.01 -6.03
N ALA A 14 -1.49 -1.96 -5.22
CA ALA A 14 -0.22 -1.31 -5.57
C ALA A 14 0.55 -2.05 -6.68
N LYS A 15 0.30 -3.37 -6.83
CA LYS A 15 0.87 -4.15 -7.96
C LYS A 15 0.23 -3.70 -9.28
N GLU A 16 -1.11 -3.53 -9.27
CA GLU A 16 -1.86 -3.09 -10.46
C GLU A 16 -1.39 -1.70 -10.93
N ILE A 17 -1.12 -0.82 -9.94
CA ILE A 17 -0.61 0.53 -10.16
C ILE A 17 0.80 0.47 -10.79
N ALA A 18 1.78 -0.11 -10.06
CA ALA A 18 3.20 -0.17 -10.47
C ALA A 18 3.38 -0.88 -11.83
N LYS A 19 2.52 -1.89 -12.09
CA LYS A 19 2.52 -2.68 -13.33
C LYS A 19 2.12 -1.81 -14.54
N TRP A 20 1.06 -0.99 -14.36
CA TRP A 20 0.55 -0.09 -15.43
C TRP A 20 1.57 1.02 -15.75
N TYR A 21 2.30 1.48 -14.74
CA TYR A 21 3.38 2.46 -14.93
C TYR A 21 4.60 1.83 -15.61
N LYS A 22 4.86 0.53 -15.35
CA LYS A 22 5.90 -0.23 -16.10
C LYS A 22 5.45 -0.50 -17.56
N GLU A 23 4.13 -0.65 -17.76
CA GLU A 23 3.52 -0.74 -19.12
C GLU A 23 3.67 0.60 -19.88
N SER A 24 3.66 1.71 -19.11
CA SER A 24 3.77 3.08 -19.64
C SER A 24 5.25 3.47 -19.84
N GLY A 25 6.19 2.55 -19.49
CA GLY A 25 7.63 2.82 -19.58
C GLY A 25 8.18 3.65 -18.40
N ASP A 26 7.31 3.99 -17.45
CA ASP A 26 7.64 4.82 -16.27
C ASP A 26 8.39 3.96 -15.22
N PRO A 27 9.71 4.26 -14.94
CA PRO A 27 10.48 3.54 -13.90
C PRO A 27 10.38 4.19 -12.49
N ASP A 28 9.95 5.46 -12.44
CA ASP A 28 10.08 6.33 -11.26
C ASP A 28 8.90 6.18 -10.29
N PHE A 29 7.69 6.45 -10.80
CA PHE A 29 6.44 6.29 -10.04
C PHE A 29 6.24 4.82 -9.69
N ALA A 30 6.63 3.93 -10.63
CA ALA A 30 6.59 2.48 -10.42
C ALA A 30 7.55 2.05 -9.29
N ASN A 31 8.76 2.67 -9.21
CA ASN A 31 9.74 2.43 -8.11
C ASN A 31 9.20 2.88 -6.75
N SER A 32 8.45 4.00 -6.75
CA SER A 32 7.82 4.55 -5.54
C SER A 32 6.80 3.55 -4.95
N VAL A 33 5.95 3.03 -5.85
CA VAL A 33 4.88 2.10 -5.50
C VAL A 33 5.45 0.67 -5.23
N ASP A 34 6.61 0.37 -5.84
CA ASP A 34 7.34 -0.90 -5.65
C ASP A 34 8.00 -0.95 -4.26
N ASN A 35 8.50 0.23 -3.81
CA ASN A 35 9.03 0.42 -2.44
C ASN A 35 7.89 0.16 -1.43
N VAL A 36 6.69 0.73 -1.74
CA VAL A 36 5.49 0.57 -0.90
C VAL A 36 5.11 -0.92 -0.80
N LEU A 37 5.16 -1.64 -1.94
CA LEU A 37 4.88 -3.10 -2.03
C LEU A 37 5.71 -3.91 -1.02
N GLY A 38 7.03 -3.64 -1.00
CA GLY A 38 7.96 -4.29 -0.08
C GLY A 38 7.61 -4.07 1.38
N HIS A 39 7.30 -2.80 1.74
CA HIS A 39 6.94 -2.41 3.11
C HIS A 39 5.62 -3.08 3.56
N LEU A 40 4.65 -3.18 2.63
CA LEU A 40 3.32 -3.83 2.87
C LEU A 40 3.51 -5.31 3.27
N GLU A 41 4.35 -6.00 2.47
CA GLU A 41 4.70 -7.40 2.74
C GLU A 41 5.36 -7.54 4.11
N ASN A 42 6.27 -6.61 4.46
CA ASN A 42 6.97 -6.67 5.75
C ASN A 42 6.02 -6.33 6.93
N ILE A 43 4.90 -5.61 6.68
CA ILE A 43 3.85 -5.36 7.71
C ILE A 43 3.24 -6.72 8.15
N ARG A 44 2.67 -7.45 7.16
CA ARG A 44 2.04 -8.76 7.44
C ARG A 44 3.05 -9.79 7.95
N LYS A 45 4.26 -9.83 7.32
CA LYS A 45 5.37 -10.73 7.75
C LYS A 45 5.72 -10.51 9.23
N ALA A 46 5.98 -9.24 9.60
CA ALA A 46 6.40 -8.86 10.97
C ALA A 46 5.35 -9.28 11.99
N PHE A 47 4.07 -9.01 11.68
CA PHE A 47 2.95 -9.30 12.58
C PHE A 47 2.78 -10.82 12.77
N LYS A 48 3.01 -11.59 11.69
CA LYS A 48 2.97 -13.06 11.72
C LYS A 48 4.17 -13.62 12.54
N HIS A 49 5.31 -12.89 12.51
CA HIS A 49 6.50 -13.20 13.32
C HIS A 49 6.34 -12.72 14.78
N GLY A 50 5.19 -12.08 15.09
CA GLY A 50 4.89 -11.61 16.44
C GLY A 50 5.52 -10.27 16.75
N ASP A 51 5.56 -9.39 15.74
CA ASP A 51 6.13 -8.04 15.85
C ASP A 51 5.08 -7.01 15.38
N PRO A 52 4.04 -6.70 16.21
CA PRO A 52 3.04 -5.66 15.87
C PRO A 52 3.64 -4.24 15.92
N ALA A 53 4.71 -4.07 16.74
CA ALA A 53 5.46 -2.81 16.84
C ALA A 53 6.20 -2.51 15.52
N ARG A 54 6.96 -3.50 14.99
CA ARG A 54 7.69 -3.37 13.73
C ARG A 54 6.74 -3.29 12.54
N ALA A 55 5.62 -4.05 12.62
CA ALA A 55 4.54 -4.01 11.63
C ALA A 55 4.00 -2.58 11.47
N MET A 56 3.75 -1.92 12.63
CA MET A 56 3.23 -0.54 12.72
C MET A 56 4.24 0.47 12.16
N ASP A 57 5.53 0.16 12.34
CA ASP A 57 6.64 0.98 11.81
C ASP A 57 6.61 0.97 10.27
N HIS A 58 6.41 -0.23 9.69
CA HIS A 58 6.31 -0.41 8.25
C HIS A 58 5.04 0.28 7.70
N VAL A 59 3.92 0.25 8.48
CA VAL A 59 2.66 0.92 8.10
C VAL A 59 2.88 2.43 8.02
N SER A 60 3.51 2.99 9.06
CA SER A 60 3.78 4.43 9.19
C SER A 60 4.70 4.95 8.06
N ASN A 61 5.61 4.08 7.57
CA ASN A 61 6.43 4.36 6.38
C ASN A 61 5.53 4.45 5.13
N VAL A 62 4.57 3.51 5.03
CA VAL A 62 3.63 3.44 3.91
C VAL A 62 2.68 4.66 3.93
N VAL A 63 2.23 5.10 5.13
CA VAL A 63 1.34 6.28 5.27
C VAL A 63 2.09 7.55 4.81
N GLY A 64 3.38 7.63 5.21
CA GLY A 64 4.28 8.70 4.79
C GLY A 64 4.49 8.73 3.28
N SER A 65 4.61 7.52 2.67
CA SER A 65 4.76 7.37 1.22
C SER A 65 3.49 7.86 0.50
N LEU A 66 2.34 7.29 0.90
CA LEU A 66 1.03 7.50 0.26
C LEU A 66 0.66 8.99 0.24
N ASP A 67 0.80 9.65 1.39
CA ASP A 67 0.46 11.07 1.57
C ASP A 67 1.35 11.99 0.69
N SER A 68 2.67 11.71 0.70
CA SER A 68 3.66 12.54 -0.02
C SER A 68 3.63 12.29 -1.56
N ILE A 69 3.05 11.14 -1.97
CA ILE A 69 2.81 10.86 -3.40
C ILE A 69 1.44 11.45 -3.82
N GLN A 70 0.42 11.25 -2.96
CA GLN A 70 -1.00 11.63 -3.22
C GLN A 70 -1.19 13.15 -3.30
N THR A 71 -0.35 13.92 -2.60
CA THR A 71 -0.39 15.40 -2.65
C THR A 71 -0.11 15.91 -4.08
N SER A 72 0.77 15.19 -4.80
CA SER A 72 1.08 15.46 -6.21
C SER A 72 0.14 14.67 -7.17
N PHE A 73 -0.27 13.47 -6.72
CA PHE A 73 -1.16 12.57 -7.49
C PHE A 73 -2.63 12.98 -7.23
N LYS A 74 -3.18 13.77 -8.17
CA LYS A 74 -4.55 14.36 -8.06
C LYS A 74 -5.63 13.27 -8.26
N GLN A 75 -6.85 13.67 -8.72
CA GLN A 75 -7.85 12.70 -9.23
C GLN A 75 -7.24 11.96 -10.44
N THR A 76 -6.44 12.72 -11.21
CA THR A 76 -5.58 12.22 -12.28
C THR A 76 -6.37 11.71 -13.50
N GLY A 77 -6.89 10.50 -13.36
CA GLY A 77 -7.44 9.74 -14.46
C GLY A 77 -7.22 8.27 -14.21
N ASN A 78 -7.55 7.43 -15.22
CA ASN A 78 -7.55 5.95 -15.08
C ASN A 78 -8.45 5.53 -13.88
N PRO A 79 -9.82 5.47 -14.07
CA PRO A 79 -10.77 5.07 -12.97
C PRO A 79 -10.36 3.77 -12.24
N GLU A 80 -9.68 2.88 -12.99
CA GLU A 80 -9.14 1.61 -12.48
C GLU A 80 -8.08 1.90 -11.39
N ILE A 81 -7.01 2.60 -11.80
CA ILE A 81 -5.78 2.81 -10.98
C ILE A 81 -6.04 3.84 -9.86
N ALA A 82 -6.97 4.76 -10.10
CA ALA A 82 -7.34 5.81 -9.14
C ALA A 82 -8.09 5.20 -7.95
N THR A 83 -9.01 4.23 -8.26
CA THR A 83 -9.72 3.48 -7.20
C THR A 83 -8.79 2.46 -6.51
N ARG A 84 -7.77 1.94 -7.22
CA ARG A 84 -6.75 1.05 -6.61
C ARG A 84 -5.92 1.82 -5.57
N TRP A 85 -5.57 3.08 -5.92
CA TRP A 85 -4.84 4.00 -5.03
C TRP A 85 -5.75 4.46 -3.86
N GLN A 86 -7.05 4.60 -4.15
CA GLN A 86 -8.09 5.00 -3.18
C GLN A 86 -8.16 3.96 -2.05
N GLU A 87 -8.38 2.69 -2.46
CA GLU A 87 -8.47 1.53 -1.56
C GLU A 87 -7.12 1.28 -0.86
N LEU A 88 -6.01 1.55 -1.58
CA LEU A 88 -4.63 1.42 -1.05
C LEU A 88 -4.44 2.35 0.17
N THR A 89 -4.89 3.61 0.02
CA THR A 89 -4.76 4.63 1.07
C THR A 89 -5.66 4.28 2.29
N GLN A 90 -6.93 3.95 2.02
CA GLN A 90 -7.94 3.67 3.06
C GLN A 90 -7.57 2.41 3.87
N GLU A 91 -7.12 1.35 3.17
CA GLU A 91 -6.76 0.07 3.80
C GLU A 91 -5.55 0.22 4.73
N VAL A 92 -4.52 0.99 4.31
CA VAL A 92 -3.33 1.25 5.17
C VAL A 92 -3.75 2.02 6.45
N ARG A 93 -4.76 2.91 6.33
CA ARG A 93 -5.33 3.64 7.50
C ARG A 93 -6.09 2.67 8.44
N GLU A 94 -6.65 1.56 7.87
CA GLU A 94 -7.26 0.49 8.69
C GLU A 94 -6.19 -0.13 9.61
N LEU A 95 -5.08 -0.64 9.02
CA LEU A 95 -3.98 -1.30 9.79
C LEU A 95 -3.30 -0.33 10.76
N TYR A 96 -3.20 0.94 10.32
CA TYR A 96 -2.61 2.02 11.12
C TYR A 96 -3.42 2.22 12.41
N ALA A 97 -4.75 2.06 12.30
CA ALA A 97 -5.69 2.14 13.44
C ALA A 97 -5.76 0.81 14.22
N TYR A 98 -5.38 -0.32 13.57
CA TYR A 98 -5.39 -1.67 14.22
C TYR A 98 -4.11 -1.93 15.02
N LEU A 99 -3.06 -1.12 14.77
CA LEU A 99 -1.73 -1.30 15.39
C LEU A 99 -1.36 -0.11 16.30
N GLY A 100 -1.55 1.12 15.79
CA GLY A 100 -1.12 2.34 16.50
C GLY A 100 -2.06 3.53 16.26
N MET A 1 -13.86 -7.18 9.44
CA MET A 1 -12.80 -6.42 10.12
C MET A 1 -11.59 -7.36 10.30
N ASP A 2 -10.82 -7.52 9.19
CA ASP A 2 -9.84 -8.63 9.03
C ASP A 2 -8.44 -8.09 8.73
N PHE A 3 -7.50 -8.27 9.68
CA PHE A 3 -6.09 -7.82 9.57
C PHE A 3 -5.41 -8.47 8.34
N THR A 4 -5.50 -9.81 8.26
CA THR A 4 -4.82 -10.62 7.23
C THR A 4 -5.28 -10.22 5.81
N GLU A 5 -6.62 -10.06 5.63
CA GLU A 5 -7.16 -9.75 4.30
C GLU A 5 -6.75 -8.33 3.86
N ARG A 6 -6.55 -7.40 4.82
CA ARG A 6 -6.05 -6.04 4.49
C ARG A 6 -4.66 -6.12 3.86
N LEU A 7 -3.75 -6.93 4.45
CA LEU A 7 -2.39 -7.18 3.87
C LEU A 7 -2.49 -7.78 2.45
N ASP A 8 -3.45 -8.69 2.27
CA ASP A 8 -3.77 -9.31 0.97
C ASP A 8 -4.22 -8.23 -0.05
N ARG A 9 -5.03 -7.27 0.42
CA ARG A 9 -5.50 -6.12 -0.37
C ARG A 9 -4.31 -5.22 -0.75
N LEU A 10 -3.45 -4.93 0.26
CA LEU A 10 -2.33 -3.97 0.14
C LEU A 10 -1.33 -4.40 -0.92
N VAL A 11 -0.85 -5.65 -0.79
CA VAL A 11 0.15 -6.23 -1.69
C VAL A 11 -0.41 -6.27 -3.14
N LYS A 12 -1.66 -6.75 -3.32
CA LYS A 12 -2.26 -6.89 -4.67
C LYS A 12 -2.56 -5.52 -5.32
N TYR A 13 -3.12 -4.55 -4.54
CA TYR A 13 -3.53 -3.22 -5.05
C TYR A 13 -2.32 -2.45 -5.58
N ALA A 14 -1.28 -2.37 -4.73
CA ALA A 14 -0.05 -1.66 -5.06
C ALA A 14 0.75 -2.40 -6.16
N LYS A 15 0.56 -3.74 -6.28
CA LYS A 15 1.11 -4.52 -7.42
C LYS A 15 0.40 -4.12 -8.72
N GLU A 16 -0.90 -3.76 -8.67
CA GLU A 16 -1.66 -3.30 -9.85
C GLU A 16 -1.20 -1.90 -10.30
N ILE A 17 -1.10 -0.98 -9.32
CA ILE A 17 -0.68 0.41 -9.58
C ILE A 17 0.74 0.41 -10.21
N ALA A 18 1.66 -0.29 -9.51
CA ALA A 18 3.06 -0.43 -9.93
C ALA A 18 3.17 -1.07 -11.34
N LYS A 19 2.39 -2.17 -11.55
CA LYS A 19 2.37 -2.94 -12.82
C LYS A 19 1.88 -2.08 -13.99
N TRP A 20 0.86 -1.24 -13.73
CA TRP A 20 0.20 -0.43 -14.77
C TRP A 20 1.20 0.58 -15.34
N TYR A 21 1.84 1.37 -14.45
CA TYR A 21 2.85 2.37 -14.86
C TYR A 21 4.11 1.69 -15.43
N LYS A 22 4.45 0.51 -14.90
CA LYS A 22 5.58 -0.31 -15.38
C LYS A 22 5.40 -0.65 -16.86
N GLU A 23 4.16 -1.02 -17.23
CA GLU A 23 3.78 -1.39 -18.61
C GLU A 23 3.35 -0.17 -19.45
N SER A 24 3.16 1.00 -18.80
CA SER A 24 2.82 2.27 -19.48
C SER A 24 4.07 3.13 -19.74
N GLY A 25 5.28 2.56 -19.50
CA GLY A 25 6.55 3.25 -19.79
C GLY A 25 6.94 4.31 -18.75
N ASP A 26 6.35 4.21 -17.56
CA ASP A 26 6.63 5.10 -16.41
C ASP A 26 7.29 4.25 -15.28
N PRO A 27 8.65 4.16 -15.27
CA PRO A 27 9.38 3.38 -14.23
C PRO A 27 9.51 4.14 -12.90
N ASP A 28 9.28 5.47 -12.93
CA ASP A 28 9.47 6.36 -11.77
C ASP A 28 8.37 6.11 -10.73
N PHE A 29 7.10 6.21 -11.19
CA PHE A 29 5.91 5.98 -10.36
C PHE A 29 5.84 4.50 -9.97
N ALA A 30 6.15 3.61 -10.95
CA ALA A 30 6.12 2.15 -10.77
C ALA A 30 7.06 1.67 -9.65
N ASN A 31 8.35 2.08 -9.73
CA ASN A 31 9.39 1.68 -8.75
C ASN A 31 9.16 2.35 -7.38
N SER A 32 8.44 3.48 -7.34
CA SER A 32 8.07 4.15 -6.08
C SER A 32 7.03 3.29 -5.32
N VAL A 33 5.99 2.85 -6.05
CA VAL A 33 4.93 1.97 -5.51
C VAL A 33 5.47 0.53 -5.29
N ASP A 34 6.54 0.18 -6.01
CA ASP A 34 7.26 -1.10 -5.87
C ASP A 34 8.12 -1.10 -4.58
N ASN A 35 8.67 0.08 -4.23
CA ASN A 35 9.36 0.29 -2.94
C ASN A 35 8.35 0.14 -1.79
N VAL A 36 7.11 0.65 -2.01
CA VAL A 36 6.00 0.50 -1.06
C VAL A 36 5.67 -1.00 -0.88
N LEU A 37 5.69 -1.76 -2.00
CA LEU A 37 5.47 -3.23 -2.01
C LEU A 37 6.50 -3.97 -1.15
N GLY A 38 7.76 -3.51 -1.20
CA GLY A 38 8.82 -4.01 -0.33
C GLY A 38 8.45 -3.87 1.15
N HIS A 39 7.91 -2.68 1.51
CA HIS A 39 7.45 -2.38 2.88
C HIS A 39 6.20 -3.24 3.23
N LEU A 40 5.25 -3.37 2.27
CA LEU A 40 3.93 -4.04 2.48
C LEU A 40 4.10 -5.54 2.79
N GLU A 41 4.90 -6.20 1.95
CA GLU A 41 5.25 -7.62 2.11
C GLU A 41 6.09 -7.83 3.38
N ASN A 42 6.91 -6.82 3.74
CA ASN A 42 7.69 -6.83 4.98
C ASN A 42 6.77 -6.70 6.23
N ILE A 43 5.64 -5.96 6.11
CA ILE A 43 4.65 -5.84 7.21
C ILE A 43 4.03 -7.22 7.50
N ARG A 44 3.56 -7.84 6.41
CA ARG A 44 2.86 -9.14 6.44
C ARG A 44 3.76 -10.21 7.07
N LYS A 45 4.99 -10.32 6.53
CA LYS A 45 5.99 -11.31 6.95
C LYS A 45 6.52 -11.03 8.36
N ALA A 46 6.68 -9.73 8.73
CA ALA A 46 7.13 -9.33 10.09
C ALA A 46 6.13 -9.82 11.14
N PHE A 47 4.84 -9.65 10.81
CA PHE A 47 3.72 -10.04 11.67
C PHE A 47 3.62 -11.58 11.76
N LYS A 48 4.01 -12.27 10.66
CA LYS A 48 4.13 -13.76 10.62
C LYS A 48 5.32 -14.24 11.49
N HIS A 49 6.39 -13.42 11.56
CA HIS A 49 7.57 -13.68 12.44
C HIS A 49 7.26 -13.30 13.91
N GLY A 50 6.16 -12.55 14.13
CA GLY A 50 5.78 -12.07 15.45
C GLY A 50 6.52 -10.79 15.82
N ASP A 51 6.44 -9.79 14.93
CA ASP A 51 7.03 -8.45 15.16
C ASP A 51 5.92 -7.40 14.93
N PRO A 52 5.00 -7.19 15.93
CA PRO A 52 3.83 -6.30 15.78
C PRO A 52 4.21 -4.80 15.76
N ALA A 53 5.17 -4.42 16.63
CA ALA A 53 5.56 -3.02 16.82
C ALA A 53 6.35 -2.49 15.62
N ARG A 54 7.24 -3.33 15.06
CA ARG A 54 8.00 -2.99 13.87
C ARG A 54 7.10 -3.06 12.62
N ALA A 55 6.06 -3.93 12.68
CA ALA A 55 5.02 -3.97 11.64
C ALA A 55 4.25 -2.63 11.61
N MET A 56 3.96 -2.06 12.82
CA MET A 56 3.31 -0.73 12.95
C MET A 56 4.19 0.37 12.35
N ASP A 57 5.51 0.21 12.53
CA ASP A 57 6.53 1.14 12.02
C ASP A 57 6.55 1.11 10.48
N HIS A 58 6.47 -0.11 9.91
CA HIS A 58 6.48 -0.31 8.45
C HIS A 58 5.17 0.20 7.80
N VAL A 59 4.02 0.04 8.51
CA VAL A 59 2.70 0.55 8.03
C VAL A 59 2.71 2.08 8.05
N SER A 60 3.25 2.68 9.13
CA SER A 60 3.39 4.15 9.26
C SER A 60 4.29 4.73 8.16
N ASN A 61 5.32 3.94 7.78
CA ASN A 61 6.23 4.26 6.66
C ASN A 61 5.45 4.23 5.32
N VAL A 62 4.54 3.25 5.19
CA VAL A 62 3.65 3.11 4.02
C VAL A 62 2.66 4.29 3.94
N VAL A 63 2.16 4.76 5.09
CA VAL A 63 1.27 5.95 5.15
C VAL A 63 2.02 7.17 4.59
N GLY A 64 3.28 7.33 5.05
CA GLY A 64 4.13 8.44 4.64
C GLY A 64 4.48 8.43 3.16
N SER A 65 4.77 7.22 2.62
CA SER A 65 5.17 7.06 1.21
C SER A 65 3.96 7.28 0.29
N LEU A 66 2.83 6.60 0.60
CA LEU A 66 1.59 6.70 -0.18
C LEU A 66 1.07 8.15 -0.20
N ASP A 67 1.18 8.86 0.95
CA ASP A 67 0.75 10.27 1.08
C ASP A 67 1.63 11.20 0.21
N SER A 68 2.94 10.90 0.18
CA SER A 68 3.92 11.67 -0.63
C SER A 68 3.61 11.54 -2.14
N ILE A 69 3.17 10.33 -2.54
CA ILE A 69 2.79 10.01 -3.93
C ILE A 69 1.36 10.55 -4.22
N GLN A 70 0.50 10.50 -3.19
CA GLN A 70 -0.94 10.84 -3.28
C GLN A 70 -1.14 12.34 -3.52
N THR A 71 -0.30 13.16 -2.85
CA THR A 71 -0.28 14.62 -3.03
C THR A 71 0.20 14.97 -4.45
N SER A 72 1.19 14.20 -4.95
CA SER A 72 1.71 14.32 -6.32
C SER A 72 0.68 13.78 -7.36
N PHE A 73 -0.13 12.79 -6.94
CA PHE A 73 -1.16 12.14 -7.78
C PHE A 73 -2.44 12.98 -7.66
N LYS A 74 -2.52 14.01 -8.49
CA LYS A 74 -3.62 15.00 -8.48
C LYS A 74 -4.82 14.48 -9.29
N GLN A 75 -5.73 15.40 -9.71
CA GLN A 75 -6.87 15.05 -10.57
C GLN A 75 -6.38 14.62 -11.96
N THR A 76 -6.15 13.32 -12.10
CA THR A 76 -5.70 12.67 -13.33
C THR A 76 -6.82 11.79 -13.90
N GLY A 77 -6.84 11.61 -15.23
CA GLY A 77 -7.83 10.79 -15.91
C GLY A 77 -7.47 9.31 -15.91
N ASN A 78 -7.04 8.80 -14.74
CA ASN A 78 -6.69 7.40 -14.52
C ASN A 78 -7.78 6.77 -13.64
N PRO A 79 -8.86 6.17 -14.23
CA PRO A 79 -10.02 5.66 -13.46
C PRO A 79 -9.62 4.49 -12.56
N GLU A 80 -8.90 3.54 -13.17
CA GLU A 80 -8.44 2.31 -12.53
C GLU A 80 -7.49 2.63 -11.36
N ILE A 81 -6.50 3.50 -11.64
CA ILE A 81 -5.44 3.81 -10.68
C ILE A 81 -5.97 4.64 -9.50
N ALA A 82 -6.78 5.68 -9.79
CA ALA A 82 -7.29 6.61 -8.77
C ALA A 82 -8.15 5.88 -7.72
N THR A 83 -9.09 5.07 -8.21
CA THR A 83 -10.04 4.34 -7.35
C THR A 83 -9.30 3.26 -6.52
N ARG A 84 -8.40 2.51 -7.21
CA ARG A 84 -7.60 1.43 -6.61
C ARG A 84 -6.61 1.96 -5.55
N TRP A 85 -6.11 3.20 -5.80
CA TRP A 85 -5.21 3.92 -4.90
C TRP A 85 -5.95 4.37 -3.64
N GLN A 86 -7.22 4.80 -3.81
CA GLN A 86 -8.07 5.23 -2.69
C GLN A 86 -8.45 4.01 -1.82
N GLU A 87 -8.63 2.85 -2.48
CA GLU A 87 -8.85 1.56 -1.82
C GLU A 87 -7.60 1.16 -1.01
N LEU A 88 -6.43 1.25 -1.67
CA LEU A 88 -5.11 0.96 -1.07
C LEU A 88 -4.88 1.77 0.23
N THR A 89 -5.10 3.09 0.13
CA THR A 89 -4.96 4.05 1.23
C THR A 89 -5.96 3.72 2.37
N GLN A 90 -7.19 3.31 1.99
CA GLN A 90 -8.26 2.98 2.94
C GLN A 90 -7.88 1.74 3.77
N GLU A 91 -7.33 0.71 3.09
CA GLU A 91 -6.94 -0.54 3.71
C GLU A 91 -5.75 -0.34 4.69
N VAL A 92 -4.87 0.64 4.38
CA VAL A 92 -3.75 1.03 5.27
C VAL A 92 -4.31 1.70 6.56
N ARG A 93 -5.30 2.60 6.39
CA ARG A 93 -5.95 3.31 7.52
C ARG A 93 -6.73 2.32 8.41
N GLU A 94 -7.37 1.32 7.76
CA GLU A 94 -8.05 0.21 8.45
C GLU A 94 -7.05 -0.59 9.30
N LEU A 95 -5.96 -1.01 8.63
CA LEU A 95 -4.93 -1.86 9.24
C LEU A 95 -4.24 -1.12 10.41
N TYR A 96 -4.06 0.20 10.22
CA TYR A 96 -3.40 1.10 11.19
C TYR A 96 -4.21 1.14 12.49
N ALA A 97 -5.55 1.12 12.36
CA ALA A 97 -6.49 1.06 13.50
C ALA A 97 -6.53 -0.35 14.13
N TYR A 98 -6.22 -1.39 13.32
CA TYR A 98 -6.12 -2.80 13.81
C TYR A 98 -4.84 -3.01 14.63
N LEU A 99 -3.87 -2.11 14.42
CA LEU A 99 -2.59 -2.11 15.12
C LEU A 99 -2.76 -1.42 16.50
N GLY A 100 -3.27 -0.19 16.46
CA GLY A 100 -3.46 0.64 17.66
C GLY A 100 -4.15 1.96 17.34
N MET A 1 -10.49 -7.05 11.99
CA MET A 1 -9.31 -7.45 12.80
C MET A 1 -8.49 -8.55 12.09
N ASP A 2 -8.89 -8.92 10.85
CA ASP A 2 -8.18 -9.91 10.01
C ASP A 2 -6.91 -9.30 9.37
N PHE A 3 -5.91 -9.04 10.24
CA PHE A 3 -4.71 -8.25 9.90
C PHE A 3 -3.95 -8.84 8.68
N THR A 4 -3.73 -10.16 8.73
CA THR A 4 -2.93 -10.90 7.75
C THR A 4 -3.63 -10.92 6.36
N GLU A 5 -4.98 -11.08 6.35
CA GLU A 5 -5.75 -11.12 5.09
C GLU A 5 -5.85 -9.73 4.46
N ARG A 6 -6.03 -8.70 5.31
CA ARG A 6 -6.04 -7.29 4.87
C ARG A 6 -4.71 -6.96 4.15
N LEU A 7 -3.58 -7.38 4.77
CA LEU A 7 -2.22 -7.24 4.19
C LEU A 7 -2.09 -7.96 2.83
N ASP A 8 -2.72 -9.13 2.73
CA ASP A 8 -2.73 -9.96 1.50
C ASP A 8 -3.38 -9.18 0.34
N ARG A 9 -4.51 -8.52 0.66
CA ARG A 9 -5.25 -7.69 -0.29
C ARG A 9 -4.46 -6.42 -0.63
N LEU A 10 -3.70 -5.88 0.35
CA LEU A 10 -2.81 -4.70 0.14
C LEU A 10 -1.73 -5.00 -0.90
N VAL A 11 -1.11 -6.18 -0.75
CA VAL A 11 -0.11 -6.69 -1.68
C VAL A 11 -0.71 -6.82 -3.10
N LYS A 12 -1.96 -7.31 -3.18
CA LYS A 12 -2.67 -7.46 -4.46
C LYS A 12 -2.94 -6.08 -5.12
N TYR A 13 -3.47 -5.13 -4.33
CA TYR A 13 -3.90 -3.80 -4.82
C TYR A 13 -2.73 -3.04 -5.47
N ALA A 14 -1.67 -2.84 -4.67
CA ALA A 14 -0.50 -2.05 -5.06
C ALA A 14 0.30 -2.73 -6.18
N LYS A 15 0.21 -4.08 -6.27
CA LYS A 15 0.84 -4.87 -7.34
C LYS A 15 0.16 -4.62 -8.69
N GLU A 16 -1.18 -4.49 -8.67
CA GLU A 16 -1.99 -4.17 -9.86
C GLU A 16 -1.68 -2.74 -10.35
N ILE A 17 -1.59 -1.80 -9.40
CA ILE A 17 -1.25 -0.38 -9.64
C ILE A 17 0.13 -0.26 -10.30
N ALA A 18 1.14 -0.87 -9.65
CA ALA A 18 2.54 -0.86 -10.12
C ALA A 18 2.70 -1.60 -11.47
N LYS A 19 1.82 -2.59 -11.72
CA LYS A 19 1.79 -3.32 -13.00
C LYS A 19 1.43 -2.39 -14.16
N TRP A 20 0.31 -1.66 -14.00
CA TRP A 20 -0.18 -0.73 -15.03
C TRP A 20 0.79 0.45 -15.26
N TYR A 21 1.43 0.94 -14.18
CA TYR A 21 2.42 2.03 -14.26
C TYR A 21 3.69 1.59 -14.98
N LYS A 22 4.11 0.35 -14.74
CA LYS A 22 5.22 -0.28 -15.49
C LYS A 22 4.90 -0.30 -17.01
N GLU A 23 3.61 -0.55 -17.33
CA GLU A 23 3.11 -0.53 -18.72
C GLU A 23 3.01 0.90 -19.28
N SER A 24 2.70 1.87 -18.39
CA SER A 24 2.47 3.28 -18.78
C SER A 24 3.77 4.06 -19.00
N GLY A 25 4.92 3.40 -18.81
CA GLY A 25 6.24 4.04 -18.96
C GLY A 25 6.65 4.81 -17.72
N ASP A 26 6.20 4.32 -16.57
CA ASP A 26 6.52 4.86 -15.24
C ASP A 26 7.24 3.78 -14.40
N PRO A 27 8.56 3.52 -14.67
CA PRO A 27 9.30 2.45 -13.96
C PRO A 27 9.69 2.85 -12.53
N ASP A 28 9.93 4.15 -12.33
CA ASP A 28 10.32 4.71 -11.03
C ASP A 28 9.13 4.79 -10.08
N PHE A 29 7.98 5.25 -10.61
CA PHE A 29 6.73 5.38 -9.85
C PHE A 29 6.25 3.98 -9.43
N ALA A 30 6.30 3.04 -10.39
CA ALA A 30 5.95 1.62 -10.15
C ALA A 30 6.90 0.98 -9.11
N ASN A 31 8.19 1.37 -9.16
CA ASN A 31 9.24 0.91 -8.22
C ASN A 31 9.03 1.49 -6.80
N SER A 32 8.43 2.69 -6.72
CA SER A 32 8.08 3.34 -5.45
C SER A 32 6.91 2.57 -4.78
N VAL A 33 5.91 2.21 -5.60
CA VAL A 33 4.76 1.39 -5.17
C VAL A 33 5.23 -0.05 -4.86
N ASP A 34 6.31 -0.51 -5.55
CA ASP A 34 6.93 -1.84 -5.33
C ASP A 34 7.78 -1.86 -4.04
N ASN A 35 8.33 -0.68 -3.68
CA ASN A 35 9.07 -0.48 -2.41
C ASN A 35 8.08 -0.69 -1.25
N VAL A 36 6.85 -0.16 -1.45
CA VAL A 36 5.73 -0.33 -0.51
C VAL A 36 5.31 -1.81 -0.44
N LEU A 37 5.30 -2.49 -1.61
CA LEU A 37 4.96 -3.93 -1.71
C LEU A 37 5.95 -4.81 -0.91
N GLY A 38 7.25 -4.49 -1.01
CA GLY A 38 8.29 -5.18 -0.22
C GLY A 38 8.04 -5.05 1.27
N HIS A 39 7.61 -3.84 1.68
CA HIS A 39 7.26 -3.54 3.09
C HIS A 39 6.01 -4.32 3.53
N LEU A 40 4.95 -4.32 2.68
CA LEU A 40 3.64 -4.95 2.98
C LEU A 40 3.80 -6.47 3.15
N GLU A 41 4.65 -7.03 2.30
CA GLU A 41 5.00 -8.46 2.30
C GLU A 41 5.73 -8.81 3.62
N ASN A 42 6.62 -7.89 4.06
CA ASN A 42 7.41 -8.02 5.30
C ASN A 42 6.53 -7.81 6.55
N ILE A 43 5.48 -6.97 6.46
CA ILE A 43 4.53 -6.72 7.57
C ILE A 43 3.70 -7.98 7.82
N ARG A 44 3.21 -8.56 6.72
CA ARG A 44 2.37 -9.76 6.75
C ARG A 44 3.17 -10.94 7.32
N LYS A 45 4.44 -11.05 6.88
CA LYS A 45 5.40 -12.03 7.41
C LYS A 45 5.69 -11.78 8.90
N ALA A 46 5.97 -10.51 9.26
CA ALA A 46 6.38 -10.11 10.63
C ALA A 46 5.32 -10.49 11.66
N PHE A 47 4.08 -10.06 11.38
CA PHE A 47 2.94 -10.29 12.27
C PHE A 47 2.62 -11.80 12.37
N LYS A 48 2.76 -12.50 11.23
CA LYS A 48 2.49 -13.95 11.14
C LYS A 48 3.52 -14.76 11.96
N HIS A 49 4.74 -14.22 12.05
CA HIS A 49 5.85 -14.80 12.85
C HIS A 49 5.89 -14.16 14.26
N GLY A 50 4.96 -13.22 14.52
CA GLY A 50 4.76 -12.60 15.84
C GLY A 50 5.72 -11.48 16.15
N ASP A 51 5.75 -10.46 15.28
CA ASP A 51 6.52 -9.22 15.49
C ASP A 51 5.53 -8.01 15.49
N PRO A 52 4.85 -7.70 16.65
CA PRO A 52 3.83 -6.63 16.71
C PRO A 52 4.43 -5.21 16.58
N ALA A 53 5.52 -4.92 17.32
CA ALA A 53 6.15 -3.58 17.36
C ALA A 53 6.80 -3.23 16.03
N ARG A 54 7.43 -4.24 15.39
CA ARG A 54 8.11 -4.08 14.10
C ARG A 54 7.07 -3.96 12.97
N ALA A 55 5.92 -4.65 13.13
CA ALA A 55 4.79 -4.53 12.18
C ALA A 55 4.23 -3.10 12.21
N MET A 56 4.09 -2.51 13.43
CA MET A 56 3.62 -1.12 13.61
C MET A 56 4.58 -0.11 12.97
N ASP A 57 5.88 -0.43 13.11
CA ASP A 57 6.99 0.39 12.57
C ASP A 57 6.90 0.44 11.04
N HIS A 58 6.71 -0.74 10.43
CA HIS A 58 6.65 -0.89 8.98
C HIS A 58 5.36 -0.27 8.39
N VAL A 59 4.20 -0.49 9.07
CA VAL A 59 2.89 0.05 8.62
C VAL A 59 2.92 1.58 8.64
N SER A 60 3.54 2.16 9.69
CA SER A 60 3.72 3.62 9.81
C SER A 60 4.51 4.18 8.62
N ASN A 61 5.62 3.48 8.26
CA ASN A 61 6.49 3.85 7.11
C ASN A 61 5.72 3.70 5.78
N VAL A 62 4.83 2.69 5.71
CA VAL A 62 3.95 2.47 4.55
C VAL A 62 2.93 3.61 4.38
N VAL A 63 2.30 4.04 5.50
CA VAL A 63 1.34 5.17 5.48
C VAL A 63 2.06 6.46 5.04
N GLY A 64 3.32 6.61 5.49
CA GLY A 64 4.17 7.76 5.14
C GLY A 64 4.61 7.75 3.68
N SER A 65 4.89 6.55 3.13
CA SER A 65 5.33 6.39 1.74
C SER A 65 4.15 6.56 0.78
N LEU A 66 2.98 6.02 1.16
CA LEU A 66 1.74 6.14 0.38
C LEU A 66 1.22 7.58 0.41
N ASP A 67 1.50 8.29 1.52
CA ASP A 67 1.22 9.73 1.66
C ASP A 67 2.05 10.51 0.62
N SER A 68 3.32 10.10 0.46
CA SER A 68 4.26 10.76 -0.46
C SER A 68 3.84 10.48 -1.94
N ILE A 69 3.46 9.21 -2.22
CA ILE A 69 3.01 8.78 -3.56
C ILE A 69 1.66 9.45 -3.90
N GLN A 70 0.80 9.62 -2.88
CA GLN A 70 -0.55 10.23 -3.02
C GLN A 70 -0.44 11.75 -3.21
N THR A 71 0.66 12.36 -2.72
CA THR A 71 0.97 13.77 -3.03
C THR A 71 1.31 13.92 -4.52
N SER A 72 2.01 12.89 -5.06
CA SER A 72 2.39 12.83 -6.48
C SER A 72 1.19 12.40 -7.37
N PHE A 73 0.25 11.65 -6.76
CA PHE A 73 -0.96 11.16 -7.43
C PHE A 73 -2.16 12.05 -7.00
N LYS A 74 -2.48 13.04 -7.86
CA LYS A 74 -3.37 14.19 -7.55
C LYS A 74 -4.62 13.83 -6.72
N GLN A 75 -5.38 12.88 -7.25
CA GLN A 75 -6.59 12.32 -6.60
C GLN A 75 -7.06 11.19 -7.49
N THR A 76 -7.29 11.53 -8.77
CA THR A 76 -7.65 10.58 -9.81
C THR A 76 -6.47 10.40 -10.81
N GLY A 77 -6.58 9.41 -11.69
CA GLY A 77 -5.55 9.08 -12.67
C GLY A 77 -5.68 7.63 -13.09
N ASN A 78 -6.32 7.40 -14.26
CA ASN A 78 -6.70 6.05 -14.77
C ASN A 78 -7.86 5.48 -13.89
N PRO A 79 -9.03 5.08 -14.48
CA PRO A 79 -10.26 4.68 -13.71
C PRO A 79 -10.00 3.55 -12.68
N GLU A 80 -9.46 2.40 -13.15
CA GLU A 80 -9.23 1.21 -12.29
C GLU A 80 -8.12 1.49 -11.27
N ILE A 81 -7.16 2.38 -11.62
CA ILE A 81 -5.99 2.69 -10.77
C ILE A 81 -6.38 3.59 -9.60
N ALA A 82 -7.17 4.63 -9.88
CA ALA A 82 -7.62 5.60 -8.87
C ALA A 82 -8.54 4.94 -7.85
N THR A 83 -9.37 3.99 -8.33
CA THR A 83 -10.25 3.18 -7.48
C THR A 83 -9.41 2.23 -6.60
N ARG A 84 -8.47 1.51 -7.25
CA ARG A 84 -7.60 0.51 -6.59
C ARG A 84 -6.63 1.19 -5.58
N TRP A 85 -6.28 2.45 -5.86
CA TRP A 85 -5.44 3.27 -4.99
C TRP A 85 -6.23 3.71 -3.75
N GLN A 86 -7.48 4.15 -3.97
CA GLN A 86 -8.39 4.56 -2.89
C GLN A 86 -8.62 3.38 -1.93
N GLU A 87 -8.79 2.17 -2.52
CA GLU A 87 -8.87 0.88 -1.80
C GLU A 87 -7.64 0.68 -0.90
N LEU A 88 -6.45 0.74 -1.52
CA LEU A 88 -5.15 0.51 -0.87
C LEU A 88 -4.96 1.42 0.36
N THR A 89 -5.07 2.74 0.10
CA THR A 89 -4.85 3.79 1.11
C THR A 89 -5.78 3.62 2.34
N GLN A 90 -7.10 3.45 2.08
CA GLN A 90 -8.12 3.28 3.14
C GLN A 90 -7.83 2.04 4.00
N GLU A 91 -7.48 0.94 3.31
CA GLU A 91 -7.21 -0.34 3.97
C GLU A 91 -5.96 -0.27 4.88
N VAL A 92 -4.87 0.36 4.39
CA VAL A 92 -3.61 0.51 5.18
C VAL A 92 -3.88 1.32 6.48
N ARG A 93 -4.82 2.29 6.38
CA ARG A 93 -5.30 3.08 7.54
C ARG A 93 -6.07 2.19 8.54
N GLU A 94 -6.80 1.18 8.02
CA GLU A 94 -7.54 0.20 8.86
C GLU A 94 -6.56 -0.62 9.71
N LEU A 95 -5.45 -1.08 9.09
CA LEU A 95 -4.40 -1.84 9.80
C LEU A 95 -3.71 -0.98 10.87
N TYR A 96 -3.46 0.28 10.50
CA TYR A 96 -2.78 1.24 11.38
C TYR A 96 -3.67 1.59 12.59
N ALA A 97 -5.00 1.49 12.38
CA ALA A 97 -6.01 1.62 13.47
C ALA A 97 -6.11 0.32 14.28
N TYR A 98 -5.90 -0.84 13.61
CA TYR A 98 -5.89 -2.17 14.27
C TYR A 98 -4.66 -2.33 15.18
N LEU A 99 -3.62 -1.52 14.92
CA LEU A 99 -2.35 -1.58 15.65
C LEU A 99 -2.35 -0.49 16.74
N GLY A 100 -2.43 0.77 16.30
CA GLY A 100 -2.49 1.92 17.18
C GLY A 100 -3.91 2.46 17.30
N MET A 1 -10.38 -12.09 14.02
CA MET A 1 -9.39 -11.05 13.67
C MET A 1 -9.07 -11.11 12.17
N ASP A 2 -9.50 -10.08 11.43
CA ASP A 2 -9.37 -9.99 9.96
C ASP A 2 -7.96 -9.55 9.49
N PHE A 3 -6.90 -9.73 10.32
CA PHE A 3 -5.53 -9.26 9.98
C PHE A 3 -5.03 -9.90 8.67
N THR A 4 -5.01 -11.24 8.64
CA THR A 4 -4.42 -12.02 7.53
C THR A 4 -5.23 -11.79 6.23
N GLU A 5 -6.54 -11.54 6.40
CA GLU A 5 -7.47 -11.24 5.31
C GLU A 5 -7.12 -9.90 4.64
N ARG A 6 -7.08 -8.82 5.45
CA ARG A 6 -6.89 -7.44 4.96
C ARG A 6 -5.44 -7.18 4.52
N LEU A 7 -4.48 -7.92 5.13
CA LEU A 7 -3.04 -7.83 4.75
C LEU A 7 -2.88 -8.43 3.34
N ASP A 8 -3.59 -9.55 3.10
CA ASP A 8 -3.60 -10.24 1.79
C ASP A 8 -4.33 -9.37 0.75
N ARG A 9 -5.33 -8.59 1.21
CA ARG A 9 -6.00 -7.57 0.39
C ARG A 9 -5.00 -6.49 -0.06
N LEU A 10 -4.13 -6.05 0.89
CA LEU A 10 -3.07 -5.05 0.61
C LEU A 10 -2.14 -5.52 -0.51
N VAL A 11 -1.63 -6.76 -0.35
CA VAL A 11 -0.71 -7.41 -1.29
C VAL A 11 -1.35 -7.50 -2.69
N LYS A 12 -2.66 -7.81 -2.73
CA LYS A 12 -3.38 -8.02 -4.01
C LYS A 12 -3.65 -6.69 -4.73
N TYR A 13 -4.15 -5.67 -3.99
CA TYR A 13 -4.51 -4.35 -4.57
C TYR A 13 -3.28 -3.65 -5.15
N ALA A 14 -2.18 -3.71 -4.39
CA ALA A 14 -0.90 -3.09 -4.81
C ALA A 14 -0.23 -3.89 -5.94
N LYS A 15 -0.50 -5.22 -6.05
CA LYS A 15 -0.05 -6.03 -7.22
C LYS A 15 -0.85 -5.68 -8.48
N GLU A 16 -2.13 -5.33 -8.28
CA GLU A 16 -3.00 -4.83 -9.37
C GLU A 16 -2.45 -3.49 -9.89
N ILE A 17 -2.19 -2.55 -8.95
CA ILE A 17 -1.65 -1.22 -9.27
C ILE A 17 -0.27 -1.33 -9.96
N ALA A 18 0.59 -2.21 -9.40
CA ALA A 18 1.91 -2.49 -9.97
C ALA A 18 1.80 -2.98 -11.43
N LYS A 19 0.91 -3.96 -11.66
CA LYS A 19 0.73 -4.60 -12.99
C LYS A 19 0.26 -3.58 -14.05
N TRP A 20 -0.59 -2.62 -13.65
CA TRP A 20 -1.04 -1.54 -14.56
C TRP A 20 0.14 -0.69 -15.01
N TYR A 21 1.04 -0.32 -14.07
CA TYR A 21 2.22 0.51 -14.39
C TYR A 21 3.37 -0.29 -15.03
N LYS A 22 3.35 -1.63 -14.88
CA LYS A 22 4.25 -2.54 -15.63
C LYS A 22 3.86 -2.51 -17.13
N GLU A 23 2.55 -2.72 -17.39
CA GLU A 23 1.98 -2.72 -18.76
C GLU A 23 1.95 -1.29 -19.36
N SER A 24 1.98 -0.26 -18.48
CA SER A 24 2.01 1.15 -18.89
C SER A 24 3.43 1.60 -19.31
N GLY A 25 4.42 0.69 -19.20
CA GLY A 25 5.83 1.02 -19.48
C GLY A 25 6.38 2.09 -18.56
N ASP A 26 5.84 2.11 -17.32
CA ASP A 26 6.15 3.12 -16.31
C ASP A 26 6.90 2.45 -15.16
N PRO A 27 8.26 2.50 -15.13
CA PRO A 27 9.07 1.81 -14.10
C PRO A 27 9.21 2.61 -12.80
N ASP A 28 8.79 3.90 -12.83
CA ASP A 28 9.05 4.86 -11.74
C ASP A 28 7.99 4.75 -10.62
N PHE A 29 6.71 4.93 -10.98
CA PHE A 29 5.60 4.77 -10.03
C PHE A 29 5.44 3.30 -9.64
N ALA A 30 5.71 2.38 -10.60
CA ALA A 30 5.70 0.93 -10.37
C ALA A 30 6.78 0.54 -9.33
N ASN A 31 7.94 1.24 -9.35
CA ASN A 31 9.02 1.10 -8.33
C ASN A 31 8.49 1.44 -6.92
N SER A 32 7.71 2.55 -6.84
CA SER A 32 7.11 3.04 -5.60
C SER A 32 6.07 2.03 -5.04
N VAL A 33 5.25 1.45 -5.93
CA VAL A 33 4.19 0.50 -5.55
C VAL A 33 4.79 -0.86 -5.13
N ASP A 34 5.87 -1.26 -5.83
CA ASP A 34 6.61 -2.49 -5.55
C ASP A 34 7.46 -2.33 -4.26
N ASN A 35 7.77 -1.06 -3.90
CA ASN A 35 8.40 -0.73 -2.60
C ASN A 35 7.39 -1.02 -1.48
N VAL A 36 6.14 -0.56 -1.69
CA VAL A 36 5.03 -0.79 -0.75
C VAL A 36 4.81 -2.31 -0.58
N LEU A 37 4.78 -3.02 -1.73
CA LEU A 37 4.63 -4.49 -1.77
C LEU A 37 5.71 -5.22 -0.95
N GLY A 38 6.98 -4.81 -1.13
CA GLY A 38 8.10 -5.37 -0.39
C GLY A 38 7.93 -5.23 1.13
N HIS A 39 7.42 -4.06 1.56
CA HIS A 39 7.11 -3.79 2.97
C HIS A 39 5.93 -4.66 3.43
N LEU A 40 4.89 -4.81 2.58
CA LEU A 40 3.66 -5.59 2.90
C LEU A 40 4.01 -7.07 3.14
N GLU A 41 4.99 -7.58 2.36
CA GLU A 41 5.54 -8.93 2.52
C GLU A 41 6.26 -9.06 3.87
N ASN A 42 7.08 -8.04 4.21
CA ASN A 42 7.88 -8.04 5.45
C ASN A 42 6.95 -7.92 6.70
N ILE A 43 5.81 -7.19 6.55
CA ILE A 43 4.78 -7.08 7.61
C ILE A 43 4.12 -8.44 7.85
N ARG A 44 3.72 -9.09 6.73
CA ARG A 44 3.05 -10.39 6.74
C ARG A 44 3.96 -11.43 7.44
N LYS A 45 5.22 -11.50 6.97
CA LYS A 45 6.22 -12.43 7.49
C LYS A 45 6.46 -12.20 9.01
N ALA A 46 6.74 -10.94 9.40
CA ALA A 46 7.09 -10.60 10.80
C ALA A 46 5.95 -10.94 11.79
N PHE A 47 4.73 -10.48 11.47
CA PHE A 47 3.56 -10.63 12.36
C PHE A 47 3.13 -12.10 12.47
N LYS A 48 3.12 -12.81 11.32
CA LYS A 48 2.70 -14.21 11.26
C LYS A 48 3.79 -15.15 11.81
N HIS A 49 5.02 -14.62 11.96
CA HIS A 49 6.12 -15.27 12.73
C HIS A 49 6.12 -14.81 14.20
N GLY A 50 5.01 -14.19 14.63
CA GLY A 50 4.75 -13.90 16.05
C GLY A 50 5.32 -12.59 16.56
N ASP A 51 5.75 -11.70 15.66
CA ASP A 51 6.34 -10.39 16.01
C ASP A 51 5.41 -9.24 15.55
N PRO A 52 4.62 -8.63 16.49
CA PRO A 52 3.78 -7.45 16.18
C PRO A 52 4.57 -6.12 16.17
N ALA A 53 5.77 -6.11 16.82
CA ALA A 53 6.58 -4.88 17.00
C ALA A 53 7.01 -4.25 15.66
N ARG A 54 7.78 -5.01 14.86
CA ARG A 54 8.30 -4.52 13.57
C ARG A 54 7.16 -4.44 12.55
N ALA A 55 6.11 -5.27 12.76
CA ALA A 55 4.88 -5.23 11.96
C ALA A 55 4.19 -3.85 12.05
N MET A 56 3.98 -3.34 13.30
CA MET A 56 3.30 -2.05 13.53
C MET A 56 4.15 -0.87 13.01
N ASP A 57 5.48 -1.06 13.10
CA ASP A 57 6.46 -0.07 12.62
C ASP A 57 6.29 0.12 11.11
N HIS A 58 6.35 -1.02 10.39
CA HIS A 58 6.27 -1.05 8.93
C HIS A 58 4.90 -0.59 8.41
N VAL A 59 3.81 -0.98 9.12
CA VAL A 59 2.42 -0.59 8.76
C VAL A 59 2.27 0.93 8.80
N SER A 60 2.81 1.53 9.88
CA SER A 60 2.82 2.98 10.07
C SER A 60 3.58 3.69 8.94
N ASN A 61 4.74 3.13 8.58
CA ASN A 61 5.62 3.65 7.53
C ASN A 61 4.99 3.48 6.14
N VAL A 62 4.17 2.41 5.96
CA VAL A 62 3.42 2.16 4.72
C VAL A 62 2.35 3.26 4.53
N VAL A 63 1.60 3.59 5.60
CA VAL A 63 0.59 4.67 5.56
C VAL A 63 1.28 6.00 5.25
N GLY A 64 2.48 6.21 5.85
CA GLY A 64 3.26 7.42 5.64
C GLY A 64 3.72 7.58 4.19
N SER A 65 4.07 6.44 3.57
CA SER A 65 4.40 6.37 2.16
C SER A 65 3.17 6.78 1.33
N LEU A 66 2.04 6.06 1.58
CA LEU A 66 0.78 6.24 0.85
C LEU A 66 0.33 7.71 0.85
N ASP A 67 0.40 8.36 2.04
CA ASP A 67 -0.02 9.78 2.22
C ASP A 67 0.84 10.74 1.38
N SER A 68 2.17 10.52 1.44
CA SER A 68 3.15 11.39 0.76
C SER A 68 3.11 11.17 -0.77
N ILE A 69 2.61 9.99 -1.18
CA ILE A 69 2.37 9.68 -2.59
C ILE A 69 1.06 10.36 -3.04
N GLN A 70 -0.02 10.23 -2.23
CA GLN A 70 -1.38 10.77 -2.56
C GLN A 70 -1.36 12.30 -2.82
N THR A 71 -0.55 13.02 -2.03
CA THR A 71 -0.38 14.47 -2.15
C THR A 71 0.38 14.83 -3.45
N SER A 72 1.28 13.93 -3.87
CA SER A 72 2.11 14.10 -5.09
C SER A 72 1.50 13.34 -6.31
N PHE A 73 0.42 12.56 -6.07
CA PHE A 73 -0.18 11.68 -7.09
C PHE A 73 -1.14 12.49 -7.96
N LYS A 74 -0.80 12.61 -9.26
CA LYS A 74 -1.53 13.42 -10.25
C LYS A 74 -3.01 12.99 -10.32
N GLN A 75 -3.22 11.66 -10.32
CA GLN A 75 -4.55 10.99 -10.28
C GLN A 75 -5.47 11.46 -11.43
N THR A 76 -4.84 11.95 -12.51
CA THR A 76 -5.52 12.53 -13.67
C THR A 76 -6.07 11.41 -14.56
N GLY A 77 -5.21 10.42 -14.85
CA GLY A 77 -5.60 9.21 -15.56
C GLY A 77 -5.61 8.00 -14.65
N ASN A 78 -5.87 6.81 -15.23
CA ASN A 78 -5.95 5.53 -14.50
C ASN A 78 -7.03 5.56 -13.38
N PRO A 79 -8.36 5.50 -13.76
CA PRO A 79 -9.48 5.61 -12.79
C PRO A 79 -9.51 4.45 -11.78
N GLU A 80 -9.11 3.26 -12.24
CA GLU A 80 -9.06 2.05 -11.41
C GLU A 80 -7.93 2.12 -10.37
N ILE A 81 -6.83 2.82 -10.69
CA ILE A 81 -5.68 2.95 -9.78
C ILE A 81 -6.02 3.88 -8.63
N ALA A 82 -6.75 4.96 -8.96
CA ALA A 82 -7.27 5.90 -7.97
C ALA A 82 -8.18 5.16 -6.95
N THR A 83 -9.08 4.29 -7.47
CA THR A 83 -9.99 3.49 -6.66
C THR A 83 -9.21 2.47 -5.78
N ARG A 84 -8.34 1.65 -6.43
CA ARG A 84 -7.52 0.62 -5.75
C ARG A 84 -6.64 1.24 -4.63
N TRP A 85 -6.14 2.48 -4.87
CA TRP A 85 -5.22 3.17 -3.95
C TRP A 85 -5.95 3.70 -2.71
N GLN A 86 -7.13 4.33 -2.92
CA GLN A 86 -7.96 4.86 -1.83
C GLN A 86 -8.49 3.70 -0.95
N GLU A 87 -8.81 2.56 -1.61
CA GLU A 87 -9.16 1.32 -0.93
C GLU A 87 -7.96 0.82 -0.11
N LEU A 88 -6.78 0.73 -0.78
CA LEU A 88 -5.51 0.24 -0.21
C LEU A 88 -5.17 0.94 1.11
N THR A 89 -5.19 2.29 1.07
CA THR A 89 -4.87 3.13 2.23
C THR A 89 -5.85 2.90 3.40
N GLN A 90 -7.15 2.86 3.08
CA GLN A 90 -8.23 2.60 4.08
C GLN A 90 -8.13 1.15 4.64
N GLU A 91 -7.58 0.22 3.84
CA GLU A 91 -7.33 -1.16 4.29
C GLU A 91 -6.18 -1.20 5.30
N VAL A 92 -5.10 -0.41 5.07
CA VAL A 92 -3.96 -0.36 6.03
C VAL A 92 -4.43 0.28 7.37
N ARG A 93 -5.50 1.11 7.29
CA ARG A 93 -6.20 1.65 8.48
C ARG A 93 -6.93 0.52 9.24
N GLU A 94 -7.50 -0.45 8.49
CA GLU A 94 -8.06 -1.69 9.09
C GLU A 94 -6.97 -2.46 9.85
N LEU A 95 -5.76 -2.58 9.26
CA LEU A 95 -4.62 -3.24 9.93
C LEU A 95 -4.24 -2.51 11.23
N TYR A 96 -4.26 -1.15 11.18
CA TYR A 96 -4.09 -0.29 12.37
C TYR A 96 -5.08 -0.64 13.49
N ALA A 97 -6.34 -0.97 13.09
CA ALA A 97 -7.41 -1.35 14.02
C ALA A 97 -7.12 -2.71 14.66
N TYR A 98 -6.49 -3.62 13.90
CA TYR A 98 -6.19 -4.99 14.37
C TYR A 98 -4.91 -5.03 15.23
N LEU A 99 -4.07 -3.99 15.09
CA LEU A 99 -2.78 -3.88 15.80
C LEU A 99 -2.98 -3.15 17.14
N GLY A 100 -3.72 -2.04 17.05
CA GLY A 100 -3.96 -1.13 18.19
C GLY A 100 -3.55 0.30 17.88
N MET A 1 -11.20 -7.57 14.00
CA MET A 1 -9.77 -7.13 14.08
C MET A 1 -8.95 -7.76 12.93
N ASP A 2 -9.58 -7.89 11.74
CA ASP A 2 -9.03 -8.66 10.58
C ASP A 2 -7.68 -8.12 10.04
N PHE A 3 -6.58 -8.45 10.74
CA PHE A 3 -5.21 -8.10 10.30
C PHE A 3 -4.86 -8.87 9.03
N THR A 4 -4.88 -10.22 9.14
CA THR A 4 -4.38 -11.15 8.10
C THR A 4 -5.14 -10.95 6.77
N GLU A 5 -6.48 -10.82 6.88
CA GLU A 5 -7.35 -10.59 5.72
C GLU A 5 -7.02 -9.26 5.04
N ARG A 6 -7.06 -8.15 5.80
CA ARG A 6 -6.84 -6.80 5.26
C ARG A 6 -5.42 -6.61 4.71
N LEU A 7 -4.42 -7.26 5.34
CA LEU A 7 -3.02 -7.23 4.88
C LEU A 7 -2.94 -7.92 3.49
N ASP A 8 -3.65 -9.04 3.36
CA ASP A 8 -3.82 -9.77 2.09
C ASP A 8 -4.54 -8.88 1.03
N ARG A 9 -5.47 -7.99 1.47
CA ARG A 9 -6.10 -6.98 0.58
C ARG A 9 -5.04 -5.96 0.11
N LEU A 10 -4.14 -5.56 1.03
CA LEU A 10 -3.11 -4.53 0.76
C LEU A 10 -2.15 -5.02 -0.32
N VAL A 11 -1.65 -6.26 -0.14
CA VAL A 11 -0.77 -6.94 -1.10
C VAL A 11 -1.50 -7.09 -2.45
N LYS A 12 -2.81 -7.43 -2.40
CA LYS A 12 -3.64 -7.62 -3.60
C LYS A 12 -3.72 -6.34 -4.47
N TYR A 13 -4.19 -5.22 -3.85
CA TYR A 13 -4.48 -3.97 -4.58
C TYR A 13 -3.21 -3.40 -5.22
N ALA A 14 -2.15 -3.31 -4.41
CA ALA A 14 -0.85 -2.78 -4.85
C ALA A 14 -0.18 -3.69 -5.91
N LYS A 15 -0.47 -5.01 -5.84
CA LYS A 15 0.02 -6.00 -6.82
C LYS A 15 -0.53 -5.68 -8.22
N GLU A 16 -1.85 -5.38 -8.25
CA GLU A 16 -2.62 -5.13 -9.49
C GLU A 16 -2.32 -3.72 -10.05
N ILE A 17 -2.01 -2.77 -9.14
CA ILE A 17 -1.61 -1.40 -9.50
C ILE A 17 -0.25 -1.42 -10.23
N ALA A 18 0.79 -1.95 -9.54
CA ALA A 18 2.16 -2.08 -10.08
C ALA A 18 2.13 -2.80 -11.44
N LYS A 19 1.32 -3.88 -11.47
CA LYS A 19 1.08 -4.74 -12.66
C LYS A 19 0.70 -3.92 -13.91
N TRP A 20 -0.28 -3.01 -13.75
CA TRP A 20 -0.78 -2.18 -14.87
C TRP A 20 0.29 -1.18 -15.33
N TYR A 21 1.14 -0.70 -14.39
CA TYR A 21 2.23 0.25 -14.73
C TYR A 21 3.38 -0.43 -15.52
N LYS A 22 3.46 -1.77 -15.45
CA LYS A 22 4.30 -2.56 -16.41
C LYS A 22 3.72 -2.45 -17.84
N GLU A 23 2.38 -2.57 -17.95
CA GLU A 23 1.64 -2.45 -19.25
C GLU A 23 1.67 -1.00 -19.78
N SER A 24 1.75 -0.06 -18.83
CA SER A 24 1.83 1.39 -19.09
C SER A 24 3.25 1.80 -19.52
N GLY A 25 4.24 0.90 -19.31
CA GLY A 25 5.65 1.18 -19.62
C GLY A 25 6.30 2.18 -18.67
N ASP A 26 5.69 2.36 -17.48
CA ASP A 26 6.16 3.31 -16.47
C ASP A 26 6.99 2.56 -15.41
N PRO A 27 8.35 2.73 -15.38
CA PRO A 27 9.23 2.01 -14.43
C PRO A 27 9.17 2.57 -12.99
N ASP A 28 8.98 3.90 -12.88
CA ASP A 28 9.09 4.63 -11.61
C ASP A 28 8.01 4.19 -10.62
N PHE A 29 6.74 4.35 -11.02
CA PHE A 29 5.58 4.12 -10.16
C PHE A 29 5.38 2.63 -9.90
N ALA A 30 5.69 1.81 -10.93
CA ALA A 30 5.64 0.35 -10.85
C ALA A 30 6.54 -0.17 -9.71
N ASN A 31 7.82 0.28 -9.73
CA ASN A 31 8.82 -0.02 -8.70
C ASN A 31 8.42 0.53 -7.32
N SER A 32 7.87 1.76 -7.27
CA SER A 32 7.46 2.42 -6.00
C SER A 32 6.42 1.57 -5.25
N VAL A 33 5.42 1.09 -6.01
CA VAL A 33 4.31 0.28 -5.49
C VAL A 33 4.77 -1.18 -5.24
N ASP A 34 5.83 -1.60 -5.96
CA ASP A 34 6.48 -2.92 -5.73
C ASP A 34 7.31 -2.90 -4.42
N ASN A 35 7.81 -1.70 -4.05
CA ASN A 35 8.48 -1.49 -2.74
C ASN A 35 7.43 -1.40 -1.62
N VAL A 36 6.23 -0.85 -1.93
CA VAL A 36 5.07 -0.86 -0.99
C VAL A 36 4.71 -2.32 -0.68
N LEU A 37 4.65 -3.16 -1.75
CA LEU A 37 4.45 -4.62 -1.65
C LEU A 37 5.49 -5.28 -0.73
N GLY A 38 6.76 -4.85 -0.90
CA GLY A 38 7.86 -5.31 -0.06
C GLY A 38 7.64 -5.01 1.43
N HIS A 39 7.17 -3.78 1.72
CA HIS A 39 6.88 -3.34 3.10
C HIS A 39 5.72 -4.16 3.69
N LEU A 40 4.69 -4.39 2.86
CA LEU A 40 3.47 -5.13 3.25
C LEU A 40 3.80 -6.57 3.64
N GLU A 41 4.64 -7.21 2.82
CA GLU A 41 5.18 -8.55 3.10
C GLU A 41 6.05 -8.56 4.36
N ASN A 42 6.75 -7.44 4.62
CA ASN A 42 7.64 -7.30 5.80
C ASN A 42 6.80 -7.07 7.08
N ILE A 43 5.60 -6.46 6.94
CA ILE A 43 4.61 -6.32 8.04
C ILE A 43 4.01 -7.70 8.37
N ARG A 44 3.65 -8.41 7.29
CA ARG A 44 2.94 -9.69 7.30
C ARG A 44 3.75 -10.74 8.07
N LYS A 45 5.03 -10.89 7.66
CA LYS A 45 6.00 -11.78 8.29
C LYS A 45 6.34 -11.33 9.72
N ALA A 46 6.56 -10.01 9.93
CA ALA A 46 6.98 -9.46 11.25
C ALA A 46 5.96 -9.80 12.33
N PHE A 47 4.71 -9.35 12.11
CA PHE A 47 3.63 -9.46 13.09
C PHE A 47 3.24 -10.93 13.33
N LYS A 48 3.26 -11.76 12.27
CA LYS A 48 2.90 -13.18 12.38
C LYS A 48 4.05 -14.00 13.05
N HIS A 49 5.29 -13.45 13.03
CA HIS A 49 6.44 -13.99 13.82
C HIS A 49 6.49 -13.33 15.22
N GLY A 50 5.50 -12.45 15.49
CA GLY A 50 5.29 -11.84 16.81
C GLY A 50 6.14 -10.60 17.03
N ASP A 51 6.18 -9.73 16.02
CA ASP A 51 6.85 -8.41 16.10
C ASP A 51 5.82 -7.29 15.83
N PRO A 52 5.01 -6.88 16.87
CA PRO A 52 4.05 -5.75 16.73
C PRO A 52 4.79 -4.41 16.50
N ALA A 53 5.98 -4.27 17.14
CA ALA A 53 6.80 -3.05 17.05
C ALA A 53 7.28 -2.80 15.61
N ARG A 54 7.92 -3.85 15.01
CA ARG A 54 8.42 -3.78 13.62
C ARG A 54 7.26 -3.57 12.64
N ALA A 55 6.15 -4.30 12.91
CA ALA A 55 4.93 -4.22 12.08
C ALA A 55 4.43 -2.78 11.98
N MET A 56 4.31 -2.08 13.13
CA MET A 56 3.80 -0.69 13.19
C MET A 56 4.73 0.30 12.46
N ASP A 57 6.05 0.01 12.46
CA ASP A 57 7.05 0.85 11.76
C ASP A 57 6.84 0.75 10.24
N HIS A 58 6.69 -0.52 9.78
CA HIS A 58 6.55 -0.83 8.35
C HIS A 58 5.16 -0.38 7.82
N VAL A 59 4.11 -0.41 8.69
CA VAL A 59 2.75 0.09 8.33
C VAL A 59 2.78 1.61 8.23
N SER A 60 3.38 2.27 9.24
CA SER A 60 3.52 3.75 9.27
C SER A 60 4.34 4.24 8.05
N ASN A 61 5.27 3.39 7.58
CA ASN A 61 6.05 3.62 6.34
C ASN A 61 5.13 3.51 5.10
N VAL A 62 4.20 2.52 5.12
CA VAL A 62 3.20 2.36 4.05
C VAL A 62 2.23 3.57 4.03
N VAL A 63 1.77 4.02 5.21
CA VAL A 63 0.85 5.17 5.36
C VAL A 63 1.54 6.44 4.81
N GLY A 64 2.83 6.58 5.16
CA GLY A 64 3.65 7.70 4.71
C GLY A 64 3.88 7.70 3.20
N SER A 65 4.04 6.49 2.63
CA SER A 65 4.22 6.29 1.18
C SER A 65 2.93 6.67 0.44
N LEU A 66 1.78 6.12 0.92
CA LEU A 66 0.47 6.32 0.30
C LEU A 66 0.10 7.82 0.28
N ASP A 67 0.26 8.46 1.46
CA ASP A 67 -0.01 9.91 1.67
C ASP A 67 0.77 10.79 0.69
N SER A 68 2.07 10.49 0.51
CA SER A 68 2.97 11.25 -0.36
C SER A 68 2.60 11.05 -1.85
N ILE A 69 1.97 9.90 -2.17
CA ILE A 69 1.49 9.58 -3.52
C ILE A 69 0.06 10.13 -3.76
N GLN A 70 -0.74 10.26 -2.67
CA GLN A 70 -2.12 10.81 -2.74
C GLN A 70 -2.08 12.30 -3.12
N THR A 71 -1.17 13.04 -2.47
CA THR A 71 -0.93 14.46 -2.77
C THR A 71 -0.28 14.63 -4.17
N SER A 72 0.42 13.57 -4.63
CA SER A 72 1.01 13.52 -5.98
C SER A 72 -0.09 13.29 -7.04
N PHE A 73 -1.17 12.56 -6.65
CA PHE A 73 -2.35 12.35 -7.52
C PHE A 73 -3.23 13.64 -7.55
N LYS A 74 -2.76 14.67 -8.28
CA LYS A 74 -3.60 15.84 -8.64
C LYS A 74 -4.62 15.40 -9.69
N GLN A 75 -4.09 14.68 -10.69
CA GLN A 75 -4.84 14.18 -11.82
C GLN A 75 -5.70 13.01 -11.34
N THR A 76 -6.97 13.30 -11.00
CA THR A 76 -7.92 12.30 -10.56
C THR A 76 -8.43 11.51 -11.78
N GLY A 77 -7.60 10.55 -12.19
CA GLY A 77 -7.87 9.63 -13.27
C GLY A 77 -7.38 8.24 -12.93
N ASN A 78 -7.14 7.40 -13.95
CA ASN A 78 -6.74 5.99 -13.79
C ASN A 78 -7.74 5.24 -12.87
N PRO A 79 -9.08 5.21 -13.22
CA PRO A 79 -10.17 4.82 -12.27
C PRO A 79 -10.01 3.39 -11.70
N GLU A 80 -9.30 2.50 -12.43
CA GLU A 80 -8.96 1.15 -11.94
C GLU A 80 -7.95 1.27 -10.78
N ILE A 81 -6.83 1.96 -11.06
CA ILE A 81 -5.72 2.16 -10.11
C ILE A 81 -6.19 2.95 -8.88
N ALA A 82 -7.09 3.91 -9.13
CA ALA A 82 -7.57 4.88 -8.15
C ALA A 82 -8.52 4.24 -7.13
N THR A 83 -9.40 3.31 -7.58
CA THR A 83 -10.30 2.59 -6.68
C THR A 83 -9.53 1.51 -5.89
N ARG A 84 -8.57 0.82 -6.56
CA ARG A 84 -7.63 -0.10 -5.88
C ARG A 84 -6.86 0.66 -4.77
N TRP A 85 -6.47 1.92 -5.08
CA TRP A 85 -5.74 2.81 -4.17
C TRP A 85 -6.66 3.35 -3.06
N GLN A 86 -7.94 3.54 -3.40
CA GLN A 86 -8.99 4.03 -2.47
C GLN A 86 -9.16 3.00 -1.35
N GLU A 87 -9.45 1.76 -1.77
CA GLU A 87 -9.59 0.57 -0.91
C GLU A 87 -8.31 0.36 -0.10
N LEU A 88 -7.14 0.43 -0.80
CA LEU A 88 -5.80 0.24 -0.21
C LEU A 88 -5.60 1.16 1.01
N THR A 89 -5.80 2.47 0.80
CA THR A 89 -5.66 3.51 1.84
C THR A 89 -6.59 3.23 3.05
N GLN A 90 -7.86 2.88 2.77
CA GLN A 90 -8.88 2.59 3.81
C GLN A 90 -8.49 1.37 4.67
N GLU A 91 -8.08 0.28 3.99
CA GLU A 91 -7.72 -0.99 4.65
C GLU A 91 -6.39 -0.85 5.44
N VAL A 92 -5.44 0.00 4.95
CA VAL A 92 -4.18 0.32 5.68
C VAL A 92 -4.49 1.14 6.96
N ARG A 93 -5.49 2.03 6.88
CA ARG A 93 -5.95 2.84 8.03
C ARG A 93 -6.53 1.94 9.13
N GLU A 94 -7.32 0.93 8.71
CA GLU A 94 -7.89 -0.09 9.63
C GLU A 94 -6.78 -0.95 10.25
N LEU A 95 -5.81 -1.33 9.40
CA LEU A 95 -4.63 -2.14 9.77
C LEU A 95 -3.79 -1.40 10.86
N TYR A 96 -3.61 -0.09 10.62
CA TYR A 96 -2.87 0.82 11.50
C TYR A 96 -3.61 0.99 12.84
N ALA A 97 -4.96 0.87 12.80
CA ALA A 97 -5.83 0.94 13.98
C ALA A 97 -5.89 -0.42 14.73
N TYR A 98 -5.62 -1.54 14.01
CA TYR A 98 -5.51 -2.88 14.62
C TYR A 98 -4.22 -3.01 15.41
N LEU A 99 -3.22 -2.22 15.01
CA LEU A 99 -1.88 -2.21 15.62
C LEU A 99 -1.74 -1.04 16.61
N GLY A 100 -2.42 0.07 16.34
CA GLY A 100 -2.32 1.29 17.14
C GLY A 100 -3.26 1.28 18.35
N MET A 1 -10.08 -7.45 6.01
CA MET A 1 -10.47 -6.92 7.33
C MET A 1 -9.25 -6.94 8.26
N ASP A 2 -8.76 -8.16 8.53
CA ASP A 2 -7.51 -8.40 9.25
C ASP A 2 -6.31 -7.79 8.48
N PHE A 3 -5.21 -7.62 9.23
CA PHE A 3 -3.94 -7.03 8.77
C PHE A 3 -3.48 -7.61 7.40
N THR A 4 -3.65 -8.94 7.24
CA THR A 4 -3.19 -9.67 6.06
C THR A 4 -3.94 -9.23 4.78
N GLU A 5 -5.28 -9.11 4.86
CA GLU A 5 -6.13 -8.70 3.71
C GLU A 5 -5.87 -7.24 3.32
N ARG A 6 -5.51 -6.42 4.33
CA ARG A 6 -5.17 -5.00 4.12
C ARG A 6 -4.00 -4.88 3.16
N LEU A 7 -2.87 -5.53 3.52
CA LEU A 7 -1.63 -5.54 2.70
C LEU A 7 -1.85 -6.24 1.36
N ASP A 8 -2.61 -7.33 1.40
CA ASP A 8 -3.00 -8.09 0.20
C ASP A 8 -3.65 -7.16 -0.86
N ARG A 9 -4.55 -6.29 -0.37
CA ARG A 9 -5.22 -5.28 -1.20
C ARG A 9 -4.23 -4.20 -1.64
N LEU A 10 -3.39 -3.73 -0.70
CA LEU A 10 -2.40 -2.65 -0.95
C LEU A 10 -1.43 -3.00 -2.07
N VAL A 11 -0.93 -4.25 -2.03
CA VAL A 11 -0.02 -4.79 -3.02
C VAL A 11 -0.71 -4.82 -4.41
N LYS A 12 -1.95 -5.35 -4.45
CA LYS A 12 -2.71 -5.49 -5.71
C LYS A 12 -2.97 -4.12 -6.37
N TYR A 13 -3.39 -3.12 -5.54
CA TYR A 13 -3.74 -1.76 -6.01
C TYR A 13 -2.51 -1.02 -6.56
N ALA A 14 -1.45 -1.02 -5.75
CA ALA A 14 -0.19 -0.32 -6.09
C ALA A 14 0.58 -1.03 -7.23
N LYS A 15 0.29 -2.32 -7.48
CA LYS A 15 0.79 -3.04 -8.69
C LYS A 15 0.15 -2.46 -9.95
N GLU A 16 -1.18 -2.24 -9.90
CA GLU A 16 -1.95 -1.65 -11.02
C GLU A 16 -1.43 -0.24 -11.38
N ILE A 17 -1.16 0.56 -10.33
CA ILE A 17 -0.67 1.93 -10.47
C ILE A 17 0.77 1.95 -11.03
N ALA A 18 1.70 1.25 -10.35
CA ALA A 18 3.13 1.19 -10.73
C ALA A 18 3.32 0.65 -12.16
N LYS A 19 2.51 -0.37 -12.52
CA LYS A 19 2.57 -1.02 -13.86
C LYS A 19 2.10 -0.06 -14.97
N TRP A 20 1.07 0.75 -14.67
CA TRP A 20 0.53 1.71 -15.65
C TRP A 20 1.61 2.71 -16.07
N TYR A 21 2.25 3.34 -15.07
CA TYR A 21 3.30 4.35 -15.31
C TYR A 21 4.61 3.70 -15.81
N LYS A 22 4.78 2.41 -15.54
CA LYS A 22 5.89 1.60 -16.08
C LYS A 22 5.77 1.49 -17.62
N GLU A 23 4.53 1.27 -18.10
CA GLU A 23 4.22 1.17 -19.54
C GLU A 23 4.05 2.57 -20.18
N SER A 24 3.74 3.57 -19.34
CA SER A 24 3.50 4.97 -19.78
C SER A 24 4.81 5.76 -19.97
N GLY A 25 5.97 5.11 -19.69
CA GLY A 25 7.29 5.74 -19.86
C GLY A 25 7.63 6.71 -18.73
N ASP A 26 7.13 6.42 -17.54
CA ASP A 26 7.43 7.18 -16.31
C ASP A 26 8.24 6.28 -15.36
N PRO A 27 9.60 6.22 -15.50
CA PRO A 27 10.46 5.34 -14.67
C PRO A 27 10.53 5.80 -13.21
N ASP A 28 10.36 7.11 -12.99
CA ASP A 28 10.45 7.72 -11.67
C ASP A 28 9.20 7.41 -10.84
N PHE A 29 8.03 7.73 -11.41
CA PHE A 29 6.72 7.55 -10.72
C PHE A 29 6.46 6.06 -10.48
N ALA A 30 6.73 5.23 -11.51
CA ALA A 30 6.54 3.77 -11.43
C ALA A 30 7.42 3.17 -10.33
N ASN A 31 8.72 3.57 -10.30
CA ASN A 31 9.71 3.09 -9.32
C ASN A 31 9.37 3.55 -7.88
N SER A 32 8.66 4.69 -7.77
CA SER A 32 8.21 5.23 -6.47
C SER A 32 7.06 4.39 -5.89
N VAL A 33 6.08 4.05 -6.74
CA VAL A 33 4.94 3.19 -6.32
C VAL A 33 5.41 1.72 -6.18
N ASP A 34 6.50 1.39 -6.90
CA ASP A 34 7.19 0.08 -6.82
C ASP A 34 8.01 0.01 -5.52
N ASN A 35 8.53 1.17 -5.09
CA ASN A 35 9.21 1.33 -3.79
C ASN A 35 8.20 1.12 -2.65
N VAL A 36 6.98 1.68 -2.85
CA VAL A 36 5.85 1.50 -1.92
C VAL A 36 5.52 0.00 -1.82
N LEU A 37 5.45 -0.69 -2.99
CA LEU A 37 5.24 -2.16 -3.08
C LEU A 37 6.27 -2.93 -2.24
N GLY A 38 7.55 -2.51 -2.33
CA GLY A 38 8.64 -3.09 -1.53
C GLY A 38 8.37 -3.01 -0.03
N HIS A 39 7.89 -1.83 0.42
CA HIS A 39 7.49 -1.61 1.82
C HIS A 39 6.31 -2.53 2.18
N LEU A 40 5.27 -2.55 1.32
CA LEU A 40 3.99 -3.25 1.56
C LEU A 40 4.22 -4.76 1.75
N GLU A 41 5.08 -5.33 0.89
CA GLU A 41 5.47 -6.73 0.94
C GLU A 41 6.20 -7.01 2.26
N ASN A 42 7.09 -6.08 2.64
CA ASN A 42 7.88 -6.21 3.86
C ASN A 42 7.00 -6.03 5.13
N ILE A 43 5.86 -5.30 5.03
CA ILE A 43 4.91 -5.12 6.17
C ILE A 43 4.19 -6.45 6.46
N ARG A 44 3.59 -7.07 5.40
CA ARG A 44 2.87 -8.35 5.53
C ARG A 44 3.83 -9.48 5.93
N LYS A 45 5.07 -9.48 5.40
CA LYS A 45 6.13 -10.43 5.81
C LYS A 45 6.47 -10.27 7.31
N ALA A 46 6.81 -9.03 7.71
CA ALA A 46 7.30 -8.72 9.07
C ALA A 46 6.27 -9.09 10.14
N PHE A 47 5.03 -8.62 9.95
CA PHE A 47 3.95 -8.80 10.93
C PHE A 47 3.54 -10.29 11.01
N LYS A 48 3.57 -10.99 9.86
CA LYS A 48 3.29 -12.45 9.80
C LYS A 48 4.39 -13.22 10.56
N HIS A 49 5.62 -12.66 10.56
CA HIS A 49 6.79 -13.22 11.29
C HIS A 49 6.89 -12.64 12.72
N GLY A 50 5.83 -11.95 13.16
CA GLY A 50 5.74 -11.41 14.53
C GLY A 50 6.58 -10.16 14.76
N ASP A 51 6.44 -9.16 13.88
CA ASP A 51 7.10 -7.84 14.02
C ASP A 51 6.05 -6.70 13.88
N PRO A 52 5.25 -6.42 14.96
CA PRO A 52 4.25 -5.31 14.97
C PRO A 52 4.89 -3.90 14.89
N ALA A 53 6.03 -3.72 15.58
CA ALA A 53 6.74 -2.42 15.62
C ALA A 53 7.40 -2.10 14.27
N ARG A 54 7.96 -3.13 13.61
CA ARG A 54 8.51 -3.00 12.24
C ARG A 54 7.40 -2.64 11.25
N ALA A 55 6.24 -3.29 11.44
CA ALA A 55 5.03 -3.03 10.64
C ALA A 55 4.66 -1.54 10.70
N MET A 56 4.56 -1.00 11.95
CA MET A 56 4.16 0.39 12.21
C MET A 56 5.13 1.39 11.55
N ASP A 57 6.43 1.04 11.61
CA ASP A 57 7.51 1.84 11.00
C ASP A 57 7.28 1.98 9.49
N HIS A 58 7.13 0.85 8.81
CA HIS A 58 7.01 0.82 7.35
C HIS A 58 5.70 1.50 6.90
N VAL A 59 4.62 1.32 7.69
CA VAL A 59 3.30 1.92 7.39
C VAL A 59 3.37 3.45 7.47
N SER A 60 4.01 4.00 8.53
CA SER A 60 4.19 5.47 8.68
C SER A 60 5.08 6.06 7.55
N ASN A 61 6.03 5.25 7.04
CA ASN A 61 6.83 5.60 5.84
C ASN A 61 5.94 5.59 4.58
N VAL A 62 5.00 4.63 4.48
CA VAL A 62 4.05 4.52 3.35
C VAL A 62 3.06 5.71 3.36
N VAL A 63 2.55 6.12 4.56
CA VAL A 63 1.62 7.26 4.70
C VAL A 63 2.31 8.56 4.22
N GLY A 64 3.61 8.67 4.57
CA GLY A 64 4.47 9.75 4.09
C GLY A 64 4.62 9.74 2.58
N SER A 65 4.87 8.53 2.02
CA SER A 65 5.01 8.33 0.56
C SER A 65 3.70 8.64 -0.18
N LEU A 66 2.54 8.33 0.48
CA LEU A 66 1.22 8.53 -0.11
C LEU A 66 0.97 10.02 -0.31
N ASP A 67 1.23 10.82 0.75
CA ASP A 67 1.04 12.27 0.72
C ASP A 67 2.05 12.94 -0.23
N SER A 68 3.27 12.38 -0.31
CA SER A 68 4.33 12.93 -1.18
C SER A 68 3.95 12.77 -2.67
N ILE A 69 3.49 11.55 -3.03
CA ILE A 69 3.05 11.23 -4.39
C ILE A 69 1.73 11.99 -4.70
N GLN A 70 0.84 12.07 -3.70
CA GLN A 70 -0.49 12.72 -3.80
C GLN A 70 -0.37 14.22 -4.16
N THR A 71 0.53 14.93 -3.45
CA THR A 71 0.78 16.35 -3.68
C THR A 71 1.55 16.57 -4.99
N SER A 72 2.47 15.65 -5.31
CA SER A 72 3.26 15.71 -6.57
C SER A 72 2.40 15.27 -7.79
N PHE A 73 1.30 14.54 -7.52
CA PHE A 73 0.41 13.94 -8.55
C PHE A 73 -0.22 15.07 -9.39
N LYS A 74 -0.82 16.07 -8.69
CA LYS A 74 -1.38 17.32 -9.28
C LYS A 74 -2.43 17.01 -10.38
N GLN A 75 -3.09 15.84 -10.28
CA GLN A 75 -3.89 15.27 -11.36
C GLN A 75 -5.22 14.73 -10.81
N THR A 76 -6.29 14.92 -11.58
CA THR A 76 -7.61 14.33 -11.31
C THR A 76 -7.85 13.12 -12.26
N GLY A 77 -7.14 13.14 -13.41
CA GLY A 77 -7.29 12.12 -14.46
C GLY A 77 -6.70 10.76 -14.09
N ASN A 78 -6.79 9.83 -15.05
CA ASN A 78 -6.47 8.40 -14.88
C ASN A 78 -7.43 7.77 -13.84
N PRO A 79 -8.65 7.28 -14.29
CA PRO A 79 -9.70 6.74 -13.38
C PRO A 79 -9.22 5.53 -12.58
N GLU A 80 -8.41 4.68 -13.23
CA GLU A 80 -7.90 3.44 -12.64
C GLU A 80 -6.96 3.73 -11.46
N ILE A 81 -6.10 4.73 -11.67
CA ILE A 81 -5.07 5.12 -10.70
C ILE A 81 -5.74 5.77 -9.48
N ALA A 82 -6.65 6.71 -9.75
CA ALA A 82 -7.37 7.47 -8.70
C ALA A 82 -8.21 6.54 -7.79
N THR A 83 -8.95 5.60 -8.39
CA THR A 83 -9.79 4.62 -7.65
C THR A 83 -8.94 3.72 -6.74
N ARG A 84 -7.92 3.07 -7.32
CA ARG A 84 -7.01 2.17 -6.59
C ARG A 84 -6.18 2.92 -5.54
N TRP A 85 -5.94 4.23 -5.79
CA TRP A 85 -5.20 5.11 -4.87
C TRP A 85 -6.06 5.46 -3.65
N GLN A 86 -7.37 5.67 -3.87
CA GLN A 86 -8.32 6.03 -2.80
C GLN A 86 -8.48 4.85 -1.81
N GLU A 87 -8.59 3.65 -2.41
CA GLU A 87 -8.64 2.38 -1.66
C GLU A 87 -7.31 2.12 -0.94
N LEU A 88 -6.18 2.36 -1.67
CA LEU A 88 -4.79 2.22 -1.15
C LEU A 88 -4.61 3.06 0.13
N THR A 89 -4.97 4.35 0.04
CA THR A 89 -4.83 5.33 1.13
C THR A 89 -5.63 4.89 2.38
N GLN A 90 -6.89 4.47 2.14
CA GLN A 90 -7.82 4.04 3.21
C GLN A 90 -7.26 2.80 3.96
N GLU A 91 -6.84 1.79 3.18
CA GLU A 91 -6.32 0.53 3.73
C GLU A 91 -5.01 0.74 4.53
N VAL A 92 -4.09 1.60 4.02
CA VAL A 92 -2.81 1.91 4.73
C VAL A 92 -3.11 2.53 6.11
N ARG A 93 -4.06 3.46 6.14
CA ARG A 93 -4.48 4.16 7.37
C ARG A 93 -5.24 3.24 8.33
N GLU A 94 -5.80 2.12 7.81
CA GLU A 94 -6.31 1.02 8.65
C GLU A 94 -5.17 0.42 9.47
N LEU A 95 -4.04 0.06 8.79
CA LEU A 95 -2.84 -0.49 9.47
C LEU A 95 -2.31 0.50 10.51
N TYR A 96 -2.21 1.77 10.11
CA TYR A 96 -1.71 2.85 10.96
C TYR A 96 -2.56 2.98 12.24
N ALA A 97 -3.88 2.73 12.10
CA ALA A 97 -4.83 2.73 13.22
C ALA A 97 -4.75 1.43 14.06
N TYR A 98 -4.35 0.31 13.43
CA TYR A 98 -4.18 -1.00 14.11
C TYR A 98 -2.86 -1.04 14.93
N LEU A 99 -1.90 -0.20 14.53
CA LEU A 99 -0.50 -0.27 15.01
C LEU A 99 -0.15 0.95 15.88
N GLY A 100 -0.95 2.02 15.74
CA GLY A 100 -0.74 3.27 16.49
C GLY A 100 -1.89 4.25 16.31
N MET A 1 -12.20 -10.05 10.60
CA MET A 1 -11.47 -8.79 10.31
C MET A 1 -9.96 -9.03 10.53
N ASP A 2 -9.48 -10.15 9.95
CA ASP A 2 -8.08 -10.59 10.09
C ASP A 2 -7.10 -9.60 9.44
N PHE A 3 -5.97 -9.35 10.15
CA PHE A 3 -4.93 -8.40 9.74
C PHE A 3 -4.29 -8.82 8.41
N THR A 4 -3.75 -10.05 8.39
CA THR A 4 -3.02 -10.63 7.23
C THR A 4 -3.95 -10.81 6.01
N GLU A 5 -5.27 -10.88 6.26
CA GLU A 5 -6.31 -10.96 5.21
C GLU A 5 -6.40 -9.60 4.50
N ARG A 6 -6.67 -8.56 5.29
CA ARG A 6 -6.73 -7.17 4.83
C ARG A 6 -5.43 -6.75 4.14
N LEU A 7 -4.30 -7.13 4.78
CA LEU A 7 -2.95 -6.71 4.37
C LEU A 7 -2.60 -7.33 3.00
N ASP A 8 -3.00 -8.61 2.80
CA ASP A 8 -2.84 -9.30 1.50
C ASP A 8 -3.52 -8.48 0.39
N ARG A 9 -4.77 -8.07 0.67
CA ARG A 9 -5.61 -7.32 -0.27
C ARG A 9 -5.10 -5.88 -0.46
N LEU A 10 -4.43 -5.31 0.57
CA LEU A 10 -3.79 -3.97 0.47
C LEU A 10 -2.66 -4.01 -0.56
N VAL A 11 -1.85 -5.08 -0.49
CA VAL A 11 -0.77 -5.35 -1.44
C VAL A 11 -1.36 -5.52 -2.85
N LYS A 12 -2.52 -6.20 -2.96
CA LYS A 12 -3.24 -6.40 -4.24
C LYS A 12 -3.63 -5.05 -4.87
N TYR A 13 -4.17 -4.12 -4.04
CA TYR A 13 -4.57 -2.77 -4.50
C TYR A 13 -3.38 -2.04 -5.12
N ALA A 14 -2.28 -2.00 -4.36
CA ALA A 14 -1.04 -1.32 -4.74
C ALA A 14 -0.34 -2.00 -5.94
N LYS A 15 -0.55 -3.32 -6.13
CA LYS A 15 -0.05 -4.06 -7.31
C LYS A 15 -0.71 -3.53 -8.59
N GLU A 16 -2.04 -3.31 -8.51
CA GLU A 16 -2.85 -2.84 -9.65
C GLU A 16 -2.49 -1.41 -10.05
N ILE A 17 -2.21 -0.58 -9.05
CA ILE A 17 -1.85 0.83 -9.22
C ILE A 17 -0.43 0.98 -9.82
N ALA A 18 0.54 0.25 -9.23
CA ALA A 18 1.94 0.22 -9.74
C ALA A 18 1.98 -0.29 -11.21
N LYS A 19 1.17 -1.35 -11.48
CA LYS A 19 1.00 -1.95 -12.82
C LYS A 19 0.49 -0.90 -13.83
N TRP A 20 -0.53 -0.14 -13.40
CA TRP A 20 -1.22 0.86 -14.23
C TRP A 20 -0.25 1.98 -14.65
N TYR A 21 0.55 2.45 -13.68
CA TYR A 21 1.48 3.58 -13.89
C TYR A 21 2.73 3.19 -14.69
N LYS A 22 3.09 1.90 -14.67
CA LYS A 22 4.11 1.36 -15.61
C LYS A 22 3.58 1.43 -17.06
N GLU A 23 2.28 1.13 -17.24
CA GLU A 23 1.60 1.23 -18.55
C GLU A 23 1.26 2.68 -18.90
N SER A 24 1.19 3.55 -17.88
CA SER A 24 0.94 4.99 -18.03
C SER A 24 2.21 5.72 -18.51
N GLY A 25 3.38 5.07 -18.37
CA GLY A 25 4.65 5.63 -18.77
C GLY A 25 5.33 6.43 -17.67
N ASP A 26 4.83 6.31 -16.43
CA ASP A 26 5.42 6.95 -15.24
C ASP A 26 6.11 5.87 -14.38
N PRO A 27 7.46 5.67 -14.54
CA PRO A 27 8.20 4.63 -13.79
C PRO A 27 8.40 5.01 -12.31
N ASP A 28 8.45 6.34 -12.04
CA ASP A 28 8.76 6.89 -10.72
C ASP A 28 7.59 6.70 -9.76
N PHE A 29 6.36 7.02 -10.24
CA PHE A 29 5.13 6.85 -9.46
C PHE A 29 4.92 5.35 -9.16
N ALA A 30 5.16 4.52 -10.19
CA ALA A 30 5.07 3.06 -10.09
C ALA A 30 6.06 2.51 -9.05
N ASN A 31 7.29 3.07 -9.01
CA ASN A 31 8.33 2.72 -8.01
C ASN A 31 7.95 3.19 -6.61
N SER A 32 7.18 4.28 -6.50
CA SER A 32 6.68 4.79 -5.22
C SER A 32 5.65 3.81 -4.63
N VAL A 33 4.77 3.31 -5.50
CA VAL A 33 3.73 2.34 -5.13
C VAL A 33 4.34 0.93 -4.94
N ASP A 34 5.47 0.67 -5.65
CA ASP A 34 6.28 -0.56 -5.49
C ASP A 34 7.00 -0.54 -4.12
N ASN A 35 7.43 0.66 -3.70
CA ASN A 35 8.02 0.89 -2.37
C ASN A 35 6.96 0.63 -1.29
N VAL A 36 5.70 1.06 -1.56
CA VAL A 36 4.56 0.79 -0.67
C VAL A 36 4.29 -0.73 -0.60
N LEU A 37 4.43 -1.45 -1.74
CA LEU A 37 4.34 -2.93 -1.80
C LEU A 37 5.38 -3.58 -0.86
N GLY A 38 6.62 -3.06 -0.94
CA GLY A 38 7.73 -3.52 -0.11
C GLY A 38 7.45 -3.38 1.38
N HIS A 39 6.97 -2.18 1.77
CA HIS A 39 6.63 -1.88 3.17
C HIS A 39 5.46 -2.74 3.66
N LEU A 40 4.40 -2.87 2.83
CA LEU A 40 3.18 -3.64 3.19
C LEU A 40 3.52 -5.13 3.43
N GLU A 41 4.26 -5.74 2.50
CA GLU A 41 4.71 -7.14 2.62
C GLU A 41 5.59 -7.34 3.89
N ASN A 42 6.39 -6.30 4.22
CA ASN A 42 7.25 -6.26 5.42
C ASN A 42 6.41 -6.14 6.72
N ILE A 43 5.29 -5.37 6.66
CA ILE A 43 4.34 -5.23 7.79
C ILE A 43 3.65 -6.56 8.07
N ARG A 44 3.17 -7.16 6.97
CA ARG A 44 2.41 -8.42 6.96
C ARG A 44 3.19 -9.52 7.68
N LYS A 45 4.44 -9.73 7.23
CA LYS A 45 5.30 -10.80 7.74
C LYS A 45 5.80 -10.47 9.16
N ALA A 46 5.97 -9.17 9.48
CA ALA A 46 6.44 -8.73 10.80
C ALA A 46 5.42 -9.09 11.88
N PHE A 47 4.17 -8.66 11.65
CA PHE A 47 3.05 -8.89 12.57
C PHE A 47 2.71 -10.40 12.64
N LYS A 48 2.95 -11.10 11.52
CA LYS A 48 2.72 -12.55 11.39
C LYS A 48 3.81 -13.35 12.16
N HIS A 49 5.00 -12.76 12.31
CA HIS A 49 6.09 -13.30 13.19
C HIS A 49 5.88 -12.82 14.64
N GLY A 50 4.89 -11.95 14.84
CA GLY A 50 4.60 -11.35 16.14
C GLY A 50 5.50 -10.19 16.46
N ASP A 51 5.51 -9.18 15.57
CA ASP A 51 6.25 -7.92 15.74
C ASP A 51 5.27 -6.74 15.52
N PRO A 52 4.44 -6.37 16.55
CA PRO A 52 3.54 -5.18 16.46
C PRO A 52 4.32 -3.86 16.39
N ALA A 53 5.53 -3.83 16.99
CA ALA A 53 6.44 -2.66 16.91
C ALA A 53 6.81 -2.35 15.46
N ARG A 54 7.37 -3.36 14.74
CA ARG A 54 7.72 -3.26 13.30
C ARG A 54 6.46 -2.97 12.46
N ALA A 55 5.35 -3.67 12.79
CA ALA A 55 4.08 -3.53 12.07
C ALA A 55 3.62 -2.07 12.04
N MET A 56 3.36 -1.48 13.23
CA MET A 56 2.84 -0.10 13.36
C MET A 56 3.82 0.95 12.83
N ASP A 57 5.13 0.69 13.01
CA ASP A 57 6.21 1.59 12.57
C ASP A 57 6.19 1.75 11.04
N HIS A 58 6.05 0.60 10.35
CA HIS A 58 6.06 0.55 8.88
C HIS A 58 4.68 0.89 8.29
N VAL A 59 3.59 0.70 9.08
CA VAL A 59 2.25 1.20 8.69
C VAL A 59 2.27 2.73 8.68
N SER A 60 2.91 3.34 9.68
CA SER A 60 3.09 4.80 9.77
C SER A 60 3.90 5.34 8.58
N ASN A 61 4.90 4.55 8.12
CA ASN A 61 5.68 4.85 6.90
C ASN A 61 4.75 4.87 5.66
N VAL A 62 3.87 3.85 5.57
CA VAL A 62 2.93 3.69 4.45
C VAL A 62 1.89 4.82 4.45
N VAL A 63 1.24 5.09 5.60
CA VAL A 63 0.16 6.11 5.72
C VAL A 63 0.69 7.50 5.35
N GLY A 64 1.91 7.80 5.83
CA GLY A 64 2.59 9.06 5.50
C GLY A 64 2.85 9.22 4.00
N SER A 65 3.32 8.11 3.37
CA SER A 65 3.61 8.06 1.93
C SER A 65 2.32 8.23 1.11
N LEU A 66 1.27 7.49 1.49
CA LEU A 66 -0.03 7.47 0.78
C LEU A 66 -0.63 8.87 0.74
N ASP A 67 -0.60 9.54 1.91
CA ASP A 67 -1.14 10.90 2.12
C ASP A 67 -0.37 11.92 1.25
N SER A 68 0.96 11.76 1.19
CA SER A 68 1.85 12.63 0.41
C SER A 68 1.62 12.43 -1.11
N ILE A 69 1.23 11.21 -1.50
CA ILE A 69 0.95 10.87 -2.90
C ILE A 69 -0.46 11.37 -3.29
N GLN A 70 -1.44 11.30 -2.35
CA GLN A 70 -2.82 11.81 -2.55
C GLN A 70 -2.79 13.30 -2.95
N THR A 71 -1.97 14.06 -2.23
CA THR A 71 -1.81 15.50 -2.45
C THR A 71 -1.04 15.79 -3.75
N SER A 72 -0.03 14.95 -4.08
CA SER A 72 0.80 15.12 -5.30
C SER A 72 0.12 14.55 -6.57
N PHE A 73 -1.06 13.88 -6.43
CA PHE A 73 -1.84 13.36 -7.58
C PHE A 73 -2.16 14.52 -8.55
N LYS A 74 -3.11 15.40 -8.11
CA LYS A 74 -3.63 16.55 -8.90
C LYS A 74 -4.23 16.09 -10.25
N GLN A 75 -4.53 14.79 -10.36
CA GLN A 75 -4.86 14.11 -11.61
C GLN A 75 -6.17 13.34 -11.48
N THR A 76 -7.17 13.75 -12.28
CA THR A 76 -8.46 13.06 -12.39
C THR A 76 -8.35 11.94 -13.45
N GLY A 77 -9.47 11.25 -13.71
CA GLY A 77 -9.46 10.05 -14.55
C GLY A 77 -8.90 8.86 -13.80
N ASN A 78 -8.46 7.83 -14.56
CA ASN A 78 -8.04 6.52 -14.03
C ASN A 78 -9.10 5.96 -13.03
N PRO A 79 -10.39 5.78 -13.48
CA PRO A 79 -11.56 5.56 -12.56
C PRO A 79 -11.33 4.46 -11.51
N GLU A 80 -10.90 3.29 -12.02
CA GLU A 80 -10.61 2.09 -11.21
C GLU A 80 -9.51 2.38 -10.18
N ILE A 81 -8.46 3.10 -10.62
CA ILE A 81 -7.17 3.24 -9.91
C ILE A 81 -7.19 4.39 -8.89
N ALA A 82 -7.98 5.43 -9.18
CA ALA A 82 -8.14 6.58 -8.29
C ALA A 82 -9.01 6.16 -7.09
N THR A 83 -10.09 5.42 -7.39
CA THR A 83 -10.95 4.81 -6.37
C THR A 83 -10.18 3.71 -5.59
N ARG A 84 -9.32 2.95 -6.33
CA ARG A 84 -8.48 1.88 -5.76
C ARG A 84 -7.45 2.44 -4.75
N TRP A 85 -6.89 3.62 -5.06
CA TRP A 85 -5.94 4.30 -4.16
C TRP A 85 -6.64 4.77 -2.90
N GLN A 86 -7.89 5.25 -3.06
CA GLN A 86 -8.72 5.71 -1.94
C GLN A 86 -9.10 4.52 -1.01
N GLU A 87 -9.35 3.33 -1.61
CA GLU A 87 -9.61 2.09 -0.86
C GLU A 87 -8.35 1.69 -0.06
N LEU A 88 -7.20 1.71 -0.77
CA LEU A 88 -5.89 1.39 -0.22
C LEU A 88 -5.59 2.26 1.02
N THR A 89 -5.61 3.58 0.83
CA THR A 89 -5.29 4.57 1.87
C THR A 89 -6.24 4.45 3.09
N GLN A 90 -7.56 4.41 2.82
CA GLN A 90 -8.60 4.29 3.84
C GLN A 90 -8.38 3.03 4.70
N GLU A 91 -8.12 1.90 4.01
CA GLU A 91 -7.99 0.60 4.66
C GLU A 91 -6.65 0.43 5.40
N VAL A 92 -5.56 1.03 4.91
CA VAL A 92 -4.27 1.01 5.66
C VAL A 92 -4.43 1.77 7.00
N ARG A 93 -5.31 2.81 6.99
CA ARG A 93 -5.66 3.57 8.20
C ARG A 93 -6.66 2.78 9.07
N GLU A 94 -7.47 1.88 8.44
CA GLU A 94 -8.31 0.92 9.18
C GLU A 94 -7.40 0.01 10.03
N LEU A 95 -6.35 -0.57 9.37
CA LEU A 95 -5.37 -1.44 10.06
C LEU A 95 -4.62 -0.66 11.15
N TYR A 96 -4.28 0.60 10.86
CA TYR A 96 -3.63 1.51 11.82
C TYR A 96 -4.55 1.74 13.06
N ALA A 97 -5.87 1.76 12.79
CA ALA A 97 -6.92 1.90 13.82
C ALA A 97 -7.21 0.56 14.53
N TYR A 98 -6.81 -0.56 13.90
CA TYR A 98 -6.91 -1.91 14.51
C TYR A 98 -5.61 -2.23 15.28
N LEU A 99 -4.57 -1.42 15.09
CA LEU A 99 -3.26 -1.59 15.74
C LEU A 99 -3.11 -0.64 16.95
N GLY A 100 -3.67 0.57 16.81
CA GLY A 100 -3.60 1.60 17.86
C GLY A 100 -4.57 2.74 17.63
N MET A 1 -11.44 -7.26 11.69
CA MET A 1 -10.05 -6.91 12.00
C MET A 1 -9.20 -7.31 10.78
N ASP A 2 -8.99 -8.64 10.60
CA ASP A 2 -8.56 -9.26 9.32
C ASP A 2 -7.29 -8.60 8.75
N PHE A 3 -6.22 -8.57 9.57
CA PHE A 3 -4.94 -7.90 9.22
C PHE A 3 -4.41 -8.41 7.89
N THR A 4 -4.31 -9.75 7.76
CA THR A 4 -3.70 -10.39 6.60
C THR A 4 -4.55 -10.18 5.35
N GLU A 5 -5.90 -10.19 5.50
CA GLU A 5 -6.83 -9.93 4.38
C GLU A 5 -6.67 -8.48 3.88
N ARG A 6 -6.72 -7.54 4.83
CA ARG A 6 -6.58 -6.09 4.59
C ARG A 6 -5.21 -5.76 3.96
N LEU A 7 -4.16 -6.47 4.40
CA LEU A 7 -2.79 -6.29 3.92
C LEU A 7 -2.70 -6.82 2.47
N ASP A 8 -3.37 -7.97 2.21
CA ASP A 8 -3.48 -8.57 0.86
C ASP A 8 -4.24 -7.62 -0.10
N ARG A 9 -5.20 -6.83 0.46
CA ARG A 9 -5.93 -5.81 -0.33
C ARG A 9 -4.95 -4.69 -0.74
N LEU A 10 -4.09 -4.27 0.21
CA LEU A 10 -3.07 -3.21 0.00
C LEU A 10 -2.06 -3.63 -1.09
N VAL A 11 -1.54 -4.87 -0.94
CA VAL A 11 -0.61 -5.49 -1.90
C VAL A 11 -1.23 -5.49 -3.30
N LYS A 12 -2.55 -5.76 -3.37
CA LYS A 12 -3.29 -5.72 -4.64
C LYS A 12 -3.30 -4.30 -5.23
N TYR A 13 -3.81 -3.29 -4.48
CA TYR A 13 -4.04 -1.91 -5.00
C TYR A 13 -2.73 -1.29 -5.51
N ALA A 14 -1.68 -1.44 -4.71
CA ALA A 14 -0.35 -0.94 -5.05
C ALA A 14 0.27 -1.74 -6.23
N LYS A 15 -0.13 -3.01 -6.44
CA LYS A 15 0.25 -3.78 -7.65
C LYS A 15 -0.50 -3.28 -8.90
N GLU A 16 -1.79 -2.89 -8.76
CA GLU A 16 -2.62 -2.42 -9.91
C GLU A 16 -1.96 -1.16 -10.52
N ILE A 17 -1.57 -0.25 -9.63
CA ILE A 17 -1.00 1.06 -9.98
C ILE A 17 0.47 0.90 -10.46
N ALA A 18 1.31 0.22 -9.66
CA ALA A 18 2.76 0.08 -9.95
C ALA A 18 3.00 -0.69 -11.26
N LYS A 19 2.18 -1.73 -11.51
CA LYS A 19 2.22 -2.51 -12.75
C LYS A 19 1.87 -1.62 -13.95
N TRP A 20 0.72 -0.92 -13.84
CA TRP A 20 0.17 -0.08 -14.93
C TRP A 20 1.19 0.98 -15.39
N TYR A 21 1.71 1.75 -14.43
CA TYR A 21 2.68 2.82 -14.69
C TYR A 21 4.00 2.27 -15.26
N LYS A 22 4.41 1.07 -14.80
CA LYS A 22 5.62 0.40 -15.32
C LYS A 22 5.43 0.02 -16.81
N GLU A 23 4.22 -0.44 -17.15
CA GLU A 23 3.84 -0.79 -18.53
C GLU A 23 3.81 0.46 -19.43
N SER A 24 3.29 1.58 -18.88
CA SER A 24 3.17 2.86 -19.61
C SER A 24 4.48 3.69 -19.58
N GLY A 25 5.58 3.05 -19.10
CA GLY A 25 6.93 3.63 -19.16
C GLY A 25 7.14 4.80 -18.22
N ASP A 26 6.66 4.67 -16.99
CA ASP A 26 6.82 5.65 -15.92
C ASP A 26 7.73 5.05 -14.84
N PRO A 27 9.09 5.24 -14.93
CA PRO A 27 10.04 4.62 -13.99
C PRO A 27 9.85 5.17 -12.58
N ASP A 28 9.70 6.49 -12.49
CA ASP A 28 9.66 7.23 -11.23
C ASP A 28 8.42 6.86 -10.39
N PHE A 29 7.23 7.05 -11.01
CA PHE A 29 5.93 6.88 -10.32
C PHE A 29 5.71 5.41 -9.93
N ALA A 30 5.96 4.49 -10.89
CA ALA A 30 5.80 3.05 -10.68
C ALA A 30 6.72 2.55 -9.56
N ASN A 31 7.98 3.05 -9.55
CA ASN A 31 9.00 2.69 -8.54
C ASN A 31 8.60 3.17 -7.14
N SER A 32 7.88 4.30 -7.05
CA SER A 32 7.37 4.84 -5.78
C SER A 32 6.28 3.92 -5.17
N VAL A 33 5.34 3.48 -6.02
CA VAL A 33 4.21 2.61 -5.60
C VAL A 33 4.68 1.14 -5.41
N ASP A 34 5.77 0.79 -6.11
CA ASP A 34 6.47 -0.50 -5.98
C ASP A 34 7.29 -0.51 -4.67
N ASN A 35 7.80 0.68 -4.30
CA ASN A 35 8.51 0.90 -3.03
C ASN A 35 7.53 0.74 -1.85
N VAL A 36 6.27 1.16 -2.07
CA VAL A 36 5.18 0.95 -1.12
C VAL A 36 4.92 -0.55 -0.97
N LEU A 37 4.91 -1.31 -2.11
CA LEU A 37 4.80 -2.79 -2.11
C LEU A 37 5.87 -3.45 -1.23
N GLY A 38 7.11 -2.98 -1.36
CA GLY A 38 8.22 -3.45 -0.53
C GLY A 38 7.95 -3.29 0.97
N HIS A 39 7.37 -2.13 1.34
CA HIS A 39 6.99 -1.83 2.74
C HIS A 39 5.85 -2.74 3.19
N LEU A 40 4.84 -2.93 2.31
CA LEU A 40 3.62 -3.71 2.61
C LEU A 40 3.98 -5.17 2.93
N GLU A 41 4.83 -5.76 2.07
CA GLU A 41 5.34 -7.13 2.27
C GLU A 41 6.11 -7.23 3.59
N ASN A 42 6.90 -6.19 3.90
CA ASN A 42 7.71 -6.14 5.13
C ASN A 42 6.80 -6.18 6.38
N ILE A 43 5.63 -5.51 6.29
CA ILE A 43 4.59 -5.50 7.35
C ILE A 43 3.91 -6.88 7.46
N ARG A 44 3.71 -7.51 6.28
CA ARG A 44 3.00 -8.80 6.11
C ARG A 44 3.78 -9.92 6.83
N LYS A 45 5.08 -10.06 6.46
CA LYS A 45 5.99 -11.03 7.10
C LYS A 45 6.27 -10.64 8.57
N ALA A 46 6.32 -9.33 8.90
CA ALA A 46 6.61 -8.86 10.28
C ALA A 46 5.54 -9.36 11.26
N PHE A 47 4.26 -9.20 10.87
CA PHE A 47 3.11 -9.63 11.67
C PHE A 47 3.13 -11.16 11.86
N LYS A 48 3.47 -11.90 10.77
CA LYS A 48 3.59 -13.38 10.81
C LYS A 48 4.77 -13.83 11.72
N HIS A 49 5.85 -13.02 11.73
CA HIS A 49 7.03 -13.27 12.60
C HIS A 49 6.78 -12.79 14.04
N GLY A 50 5.67 -12.04 14.23
CA GLY A 50 5.29 -11.51 15.54
C GLY A 50 6.06 -10.25 15.89
N ASP A 51 5.92 -9.23 15.03
CA ASP A 51 6.59 -7.92 15.19
C ASP A 51 5.52 -6.80 15.08
N PRO A 52 4.79 -6.48 16.19
CA PRO A 52 3.67 -5.51 16.17
C PRO A 52 4.14 -4.05 16.02
N ALA A 53 5.22 -3.66 16.75
CA ALA A 53 5.73 -2.28 16.75
C ALA A 53 6.54 -2.00 15.47
N ARG A 54 7.20 -3.06 14.93
CA ARG A 54 7.92 -3.00 13.65
C ARG A 54 6.91 -2.80 12.52
N ALA A 55 5.77 -3.51 12.63
CA ALA A 55 4.65 -3.42 11.67
C ALA A 55 4.11 -1.98 11.62
N MET A 56 3.84 -1.37 12.81
CA MET A 56 3.34 0.02 12.92
C MET A 56 4.33 1.03 12.33
N ASP A 57 5.62 0.73 12.51
CA ASP A 57 6.73 1.56 12.02
C ASP A 57 6.72 1.63 10.48
N HIS A 58 6.54 0.45 9.85
CA HIS A 58 6.51 0.33 8.38
C HIS A 58 5.14 0.78 7.81
N VAL A 59 4.04 0.68 8.60
CA VAL A 59 2.72 1.23 8.19
C VAL A 59 2.80 2.77 8.13
N SER A 60 3.43 3.37 9.15
CA SER A 60 3.67 4.82 9.23
C SER A 60 4.58 5.28 8.08
N ASN A 61 5.49 4.38 7.63
CA ASN A 61 6.35 4.64 6.46
C ASN A 61 5.52 4.62 5.16
N VAL A 62 4.53 3.69 5.09
CA VAL A 62 3.60 3.62 3.95
C VAL A 62 2.75 4.90 3.89
N VAL A 63 2.27 5.37 5.07
CA VAL A 63 1.45 6.60 5.19
C VAL A 63 2.26 7.83 4.72
N GLY A 64 3.56 7.84 5.08
CA GLY A 64 4.50 8.86 4.61
C GLY A 64 4.68 8.82 3.10
N SER A 65 4.83 7.59 2.55
CA SER A 65 5.01 7.35 1.10
C SER A 65 3.73 7.66 0.32
N LEU A 66 2.55 7.51 0.98
CA LEU A 66 1.24 7.87 0.40
C LEU A 66 1.23 9.36 0.12
N ASP A 67 1.51 10.15 1.17
CA ASP A 67 1.51 11.63 1.12
C ASP A 67 2.59 12.17 0.15
N SER A 68 3.70 11.42 -0.01
CA SER A 68 4.76 11.75 -0.97
C SER A 68 4.21 11.75 -2.41
N ILE A 69 3.48 10.66 -2.73
CA ILE A 69 2.89 10.47 -4.05
C ILE A 69 1.64 11.37 -4.24
N GLN A 70 0.91 11.65 -3.13
CA GLN A 70 -0.34 12.48 -3.13
C GLN A 70 -0.07 13.93 -3.56
N THR A 71 1.08 14.50 -3.14
CA THR A 71 1.51 15.86 -3.54
C THR A 71 1.68 15.93 -5.09
N SER A 72 2.20 14.82 -5.65
CA SER A 72 2.43 14.66 -7.08
C SER A 72 1.13 14.24 -7.82
N PHE A 73 0.21 13.56 -7.12
CA PHE A 73 -1.02 12.96 -7.70
C PHE A 73 -2.24 13.85 -7.41
N LYS A 74 -2.61 14.70 -8.39
CA LYS A 74 -3.88 15.44 -8.41
C LYS A 74 -5.03 14.43 -8.59
N GLN A 75 -4.95 13.69 -9.70
CA GLN A 75 -5.88 12.64 -10.11
C GLN A 75 -5.43 12.16 -11.50
N THR A 76 -5.14 13.16 -12.36
CA THR A 76 -4.50 13.01 -13.69
C THR A 76 -5.43 12.34 -14.72
N GLY A 77 -5.66 11.04 -14.54
CA GLY A 77 -6.52 10.25 -15.42
C GLY A 77 -6.55 8.81 -14.95
N ASN A 78 -7.27 7.95 -15.72
CA ASN A 78 -7.41 6.50 -15.45
C ASN A 78 -8.19 6.24 -14.13
N PRO A 79 -9.51 5.87 -14.20
CA PRO A 79 -10.35 5.66 -13.00
C PRO A 79 -9.85 4.48 -12.15
N GLU A 80 -9.18 3.52 -12.80
CA GLU A 80 -8.60 2.34 -12.14
C GLU A 80 -7.52 2.76 -11.13
N ILE A 81 -6.71 3.77 -11.51
CA ILE A 81 -5.60 4.24 -10.67
C ILE A 81 -6.13 5.07 -9.49
N ALA A 82 -7.04 6.01 -9.79
CA ALA A 82 -7.64 6.92 -8.79
C ALA A 82 -8.36 6.13 -7.68
N THR A 83 -9.25 5.19 -8.10
CA THR A 83 -9.99 4.32 -7.18
C THR A 83 -9.04 3.53 -6.26
N ARG A 84 -8.09 2.80 -6.89
CA ARG A 84 -7.11 1.93 -6.19
C ARG A 84 -6.25 2.72 -5.20
N TRP A 85 -5.89 3.96 -5.57
CA TRP A 85 -5.02 4.82 -4.76
C TRP A 85 -5.74 5.24 -3.46
N GLN A 86 -7.01 5.62 -3.61
CA GLN A 86 -7.85 6.06 -2.49
C GLN A 86 -8.14 4.87 -1.54
N GLU A 87 -8.41 3.68 -2.12
CA GLU A 87 -8.68 2.42 -1.37
C GLU A 87 -7.43 1.97 -0.58
N LEU A 88 -6.26 2.14 -1.23
CA LEU A 88 -4.94 1.87 -0.63
C LEU A 88 -4.78 2.73 0.63
N THR A 89 -4.95 4.04 0.46
CA THR A 89 -4.80 5.05 1.53
C THR A 89 -5.77 4.79 2.72
N GLN A 90 -7.06 4.51 2.39
CA GLN A 90 -8.13 4.20 3.37
C GLN A 90 -7.73 3.00 4.25
N GLU A 91 -7.34 1.90 3.60
CA GLU A 91 -7.10 0.61 4.27
C GLU A 91 -5.72 0.54 4.93
N VAL A 92 -4.72 1.32 4.46
CA VAL A 92 -3.44 1.48 5.21
C VAL A 92 -3.72 2.06 6.60
N ARG A 93 -4.65 3.03 6.64
CA ARG A 93 -5.14 3.64 7.89
C ARG A 93 -5.97 2.64 8.72
N GLU A 94 -6.65 1.69 8.05
CA GLU A 94 -7.32 0.56 8.74
C GLU A 94 -6.30 -0.32 9.48
N LEU A 95 -5.19 -0.72 8.79
CA LEU A 95 -4.10 -1.53 9.41
C LEU A 95 -3.50 -0.82 10.63
N TYR A 96 -3.30 0.51 10.49
CA TYR A 96 -2.81 1.38 11.57
C TYR A 96 -3.77 1.34 12.77
N ALA A 97 -5.09 1.28 12.47
CA ALA A 97 -6.18 1.24 13.47
C ALA A 97 -6.39 -0.18 14.05
N TYR A 98 -5.87 -1.22 13.38
CA TYR A 98 -5.93 -2.62 13.88
C TYR A 98 -4.72 -2.94 14.77
N LEU A 99 -3.66 -2.12 14.65
CA LEU A 99 -2.42 -2.27 15.44
C LEU A 99 -2.44 -1.36 16.67
N GLY A 100 -2.91 -0.11 16.49
CA GLY A 100 -2.88 0.91 17.53
C GLY A 100 -3.96 1.97 17.32
N MET A 1 -11.56 -7.41 11.58
CA MET A 1 -11.98 -8.68 10.94
C MET A 1 -10.94 -9.13 9.90
N ASP A 2 -10.59 -10.45 9.93
CA ASP A 2 -9.61 -11.12 9.05
C ASP A 2 -8.36 -10.27 8.73
N PHE A 3 -7.41 -10.22 9.68
CA PHE A 3 -6.15 -9.46 9.56
C PHE A 3 -5.33 -9.94 8.32
N THR A 4 -5.24 -11.28 8.16
CA THR A 4 -4.51 -11.91 7.05
C THR A 4 -5.12 -11.50 5.70
N GLU A 5 -6.47 -11.60 5.59
CA GLU A 5 -7.22 -11.20 4.38
C GLU A 5 -7.00 -9.71 4.06
N ARG A 6 -6.89 -8.87 5.11
CA ARG A 6 -6.63 -7.41 4.96
C ARG A 6 -5.31 -7.16 4.20
N LEU A 7 -4.26 -7.92 4.57
CA LEU A 7 -2.93 -7.81 3.92
C LEU A 7 -2.98 -8.35 2.47
N ASP A 8 -3.75 -9.44 2.26
CA ASP A 8 -4.01 -10.00 0.92
C ASP A 8 -4.73 -8.96 0.04
N ARG A 9 -5.62 -8.15 0.65
CA ARG A 9 -6.30 -7.04 -0.05
C ARG A 9 -5.25 -6.01 -0.51
N LEU A 10 -4.39 -5.60 0.45
CA LEU A 10 -3.37 -4.55 0.26
C LEU A 10 -2.44 -4.86 -0.91
N VAL A 11 -1.84 -6.06 -0.87
CA VAL A 11 -0.85 -6.49 -1.87
C VAL A 11 -1.50 -6.63 -3.26
N LYS A 12 -2.77 -7.11 -3.30
CA LYS A 12 -3.53 -7.19 -4.56
C LYS A 12 -3.77 -5.79 -5.16
N TYR A 13 -4.12 -4.81 -4.29
CA TYR A 13 -4.48 -3.45 -4.73
C TYR A 13 -3.27 -2.73 -5.35
N ALA A 14 -2.17 -2.67 -4.59
CA ALA A 14 -0.95 -1.99 -5.02
C ALA A 14 -0.23 -2.73 -6.17
N LYS A 15 -0.50 -4.05 -6.30
CA LYS A 15 0.02 -4.85 -7.43
C LYS A 15 -0.65 -4.41 -8.74
N GLU A 16 -1.98 -4.15 -8.68
CA GLU A 16 -2.78 -3.66 -9.83
C GLU A 16 -2.28 -2.28 -10.30
N ILE A 17 -2.08 -1.36 -9.33
CA ILE A 17 -1.68 0.03 -9.60
C ILE A 17 -0.27 0.09 -10.22
N ALA A 18 0.67 -0.69 -9.65
CA ALA A 18 2.05 -0.79 -10.16
C ALA A 18 2.10 -1.35 -11.59
N LYS A 19 1.27 -2.39 -11.84
CA LYS A 19 1.20 -3.08 -13.15
C LYS A 19 0.59 -2.17 -14.22
N TRP A 20 -0.41 -1.38 -13.80
CA TRP A 20 -1.12 -0.42 -14.65
C TRP A 20 -0.16 0.64 -15.19
N TYR A 21 0.51 1.34 -14.26
CA TYR A 21 1.38 2.49 -14.59
C TYR A 21 2.67 2.06 -15.29
N LYS A 22 3.07 0.80 -15.07
CA LYS A 22 4.19 0.18 -15.81
C LYS A 22 3.87 0.21 -17.33
N GLU A 23 2.61 -0.13 -17.66
CA GLU A 23 2.11 -0.17 -19.06
C GLU A 23 1.67 1.22 -19.55
N SER A 24 1.33 2.13 -18.61
CA SER A 24 0.84 3.49 -18.93
C SER A 24 2.00 4.41 -19.41
N GLY A 25 3.24 4.04 -19.07
CA GLY A 25 4.41 4.90 -19.33
C GLY A 25 4.79 5.75 -18.12
N ASP A 26 4.37 5.31 -16.92
CA ASP A 26 4.81 5.88 -15.63
C ASP A 26 5.58 4.81 -14.82
N PRO A 27 6.87 4.49 -15.19
CA PRO A 27 7.66 3.44 -14.49
C PRO A 27 8.08 3.89 -13.09
N ASP A 28 8.24 5.21 -12.94
CA ASP A 28 8.65 5.85 -11.69
C ASP A 28 7.50 5.84 -10.67
N PHE A 29 6.28 6.17 -11.14
CA PHE A 29 5.06 6.15 -10.31
C PHE A 29 4.73 4.69 -9.93
N ALA A 30 4.91 3.78 -10.90
CA ALA A 30 4.76 2.33 -10.69
C ALA A 30 5.73 1.83 -9.62
N ASN A 31 6.97 2.35 -9.67
CA ASN A 31 8.05 2.01 -8.71
C ASN A 31 7.75 2.56 -7.30
N SER A 32 7.04 3.71 -7.24
CA SER A 32 6.57 4.31 -5.97
C SER A 32 5.55 3.38 -5.29
N VAL A 33 4.64 2.83 -6.12
CA VAL A 33 3.61 1.89 -5.67
C VAL A 33 4.23 0.51 -5.34
N ASP A 34 5.31 0.16 -6.08
CA ASP A 34 6.05 -1.10 -5.90
C ASP A 34 6.86 -1.06 -4.58
N ASN A 35 7.27 0.17 -4.20
CA ASN A 35 7.93 0.46 -2.91
C ASN A 35 6.94 0.20 -1.76
N VAL A 36 5.72 0.76 -1.91
CA VAL A 36 4.64 0.60 -0.92
C VAL A 36 4.23 -0.89 -0.84
N LEU A 37 4.22 -1.55 -2.01
CA LEU A 37 3.91 -2.98 -2.17
C LEU A 37 4.86 -3.83 -1.32
N GLY A 38 6.16 -3.48 -1.40
CA GLY A 38 7.20 -4.11 -0.59
C GLY A 38 6.95 -3.99 0.91
N HIS A 39 6.46 -2.80 1.32
CA HIS A 39 6.13 -2.53 2.74
C HIS A 39 4.87 -3.31 3.17
N LEU A 40 3.91 -3.50 2.25
CA LEU A 40 2.65 -4.25 2.53
C LEU A 40 2.98 -5.74 2.77
N GLU A 41 3.91 -6.26 1.97
CA GLU A 41 4.51 -7.60 2.16
C GLU A 41 5.29 -7.67 3.49
N ASN A 42 5.95 -6.56 3.85
CA ASN A 42 6.77 -6.48 5.06
C ASN A 42 5.90 -6.39 6.33
N ILE A 43 4.69 -5.76 6.24
CA ILE A 43 3.70 -5.73 7.36
C ILE A 43 3.17 -7.16 7.57
N ARG A 44 2.79 -7.76 6.43
CA ARG A 44 2.23 -9.11 6.33
C ARG A 44 3.13 -10.14 7.03
N LYS A 45 4.36 -10.25 6.52
CA LYS A 45 5.31 -11.28 6.93
C LYS A 45 5.91 -10.98 8.32
N ALA A 46 6.05 -9.68 8.69
CA ALA A 46 6.58 -9.30 10.03
C ALA A 46 5.63 -9.78 11.13
N PHE A 47 4.33 -9.49 10.96
CA PHE A 47 3.29 -9.83 11.94
C PHE A 47 3.17 -11.36 12.07
N LYS A 48 3.22 -12.04 10.92
CA LYS A 48 3.20 -13.52 10.85
C LYS A 48 4.44 -14.14 11.51
N HIS A 49 5.61 -13.48 11.36
CA HIS A 49 6.87 -13.91 11.99
C HIS A 49 7.02 -13.37 13.43
N GLY A 50 5.92 -12.78 13.96
CA GLY A 50 5.86 -12.33 15.35
C GLY A 50 6.52 -11.00 15.57
N ASP A 51 6.08 -9.99 14.81
CA ASP A 51 6.49 -8.58 14.98
C ASP A 51 5.22 -7.68 14.85
N PRO A 52 4.27 -7.72 15.83
CA PRO A 52 3.02 -6.91 15.77
C PRO A 52 3.27 -5.41 16.00
N ALA A 53 4.19 -5.10 16.92
CA ALA A 53 4.59 -3.72 17.24
C ALA A 53 5.30 -3.08 16.02
N ARG A 54 6.18 -3.87 15.39
CA ARG A 54 6.92 -3.45 14.18
C ARG A 54 5.98 -3.36 12.98
N ALA A 55 4.94 -4.24 12.96
CA ALA A 55 3.90 -4.25 11.92
C ALA A 55 3.15 -2.91 11.92
N MET A 56 2.82 -2.43 13.14
CA MET A 56 2.10 -1.17 13.35
C MET A 56 2.93 0.01 12.84
N ASP A 57 4.26 -0.08 13.08
CA ASP A 57 5.22 0.93 12.61
C ASP A 57 5.24 0.98 11.07
N HIS A 58 5.28 -0.22 10.44
CA HIS A 58 5.29 -0.35 8.98
C HIS A 58 4.00 0.22 8.37
N VAL A 59 2.85 -0.03 9.05
CA VAL A 59 1.53 0.48 8.63
C VAL A 59 1.53 2.01 8.67
N SER A 60 1.99 2.57 9.81
CA SER A 60 2.10 4.03 10.01
C SER A 60 2.95 4.70 8.91
N ASN A 61 4.05 4.03 8.55
CA ASN A 61 4.98 4.48 7.50
C ASN A 61 4.30 4.41 6.12
N VAL A 62 3.46 3.37 5.91
CA VAL A 62 2.66 3.20 4.69
C VAL A 62 1.54 4.28 4.61
N VAL A 63 0.91 4.61 5.75
CA VAL A 63 -0.15 5.64 5.83
C VAL A 63 0.42 7.00 5.41
N GLY A 64 1.67 7.27 5.86
CA GLY A 64 2.37 8.50 5.53
C GLY A 64 2.85 8.53 4.09
N SER A 65 3.28 7.36 3.56
CA SER A 65 3.73 7.23 2.16
C SER A 65 2.55 7.37 1.20
N LEU A 66 1.39 6.82 1.59
CA LEU A 66 0.15 6.88 0.79
C LEU A 66 -0.34 8.31 0.73
N ASP A 67 -0.32 9.01 1.88
CA ASP A 67 -0.74 10.43 1.98
C ASP A 67 0.16 11.32 1.11
N SER A 68 1.47 11.02 1.11
CA SER A 68 2.49 11.82 0.40
C SER A 68 2.37 11.62 -1.13
N ILE A 69 2.20 10.34 -1.55
CA ILE A 69 1.99 9.99 -2.97
C ILE A 69 0.61 10.50 -3.43
N GLN A 70 -0.39 10.47 -2.51
CA GLN A 70 -1.78 10.95 -2.76
C GLN A 70 -1.79 12.46 -3.05
N THR A 71 -0.89 13.20 -2.37
CA THR A 71 -0.69 14.65 -2.58
C THR A 71 -0.17 14.93 -4.01
N SER A 72 0.70 14.04 -4.50
CA SER A 72 1.24 14.09 -5.87
C SER A 72 0.30 13.36 -6.88
N PHE A 73 -0.62 12.52 -6.34
CA PHE A 73 -1.60 11.76 -7.15
C PHE A 73 -2.82 12.66 -7.40
N LYS A 74 -2.61 13.62 -8.28
CA LYS A 74 -3.62 14.51 -8.83
C LYS A 74 -3.63 14.28 -10.37
N GLN A 75 -3.23 13.05 -10.73
CA GLN A 75 -3.01 12.61 -12.12
C GLN A 75 -4.36 12.48 -12.86
N THR A 76 -5.41 12.16 -12.08
CA THR A 76 -6.82 12.20 -12.50
C THR A 76 -7.15 11.15 -13.60
N GLY A 77 -8.45 10.92 -13.87
CA GLY A 77 -8.90 10.13 -15.01
C GLY A 77 -9.06 8.66 -14.68
N ASN A 78 -7.91 7.98 -14.42
CA ASN A 78 -7.83 6.51 -14.24
C ASN A 78 -8.85 6.00 -13.20
N PRO A 79 -10.01 5.41 -13.64
CA PRO A 79 -11.10 5.02 -12.72
C PRO A 79 -10.74 3.74 -11.94
N GLU A 80 -9.91 2.88 -12.59
CA GLU A 80 -9.35 1.67 -11.99
C GLU A 80 -8.57 2.06 -10.74
N ILE A 81 -7.66 3.04 -10.91
CA ILE A 81 -6.68 3.40 -9.88
C ILE A 81 -7.27 4.32 -8.80
N ALA A 82 -8.23 5.19 -9.19
CA ALA A 82 -8.90 6.10 -8.25
C ALA A 82 -9.70 5.29 -7.21
N THR A 83 -10.43 4.28 -7.71
CA THR A 83 -11.17 3.34 -6.86
C THR A 83 -10.18 2.45 -6.08
N ARG A 84 -9.21 1.86 -6.80
CA ARG A 84 -8.22 0.92 -6.23
C ARG A 84 -7.40 1.55 -5.08
N TRP A 85 -7.13 2.86 -5.21
CA TRP A 85 -6.38 3.66 -4.22
C TRP A 85 -7.24 3.92 -2.98
N GLN A 86 -8.52 4.31 -3.17
CA GLN A 86 -9.40 4.66 -2.04
C GLN A 86 -9.76 3.39 -1.22
N GLU A 87 -9.79 2.22 -1.92
CA GLU A 87 -9.97 0.91 -1.27
C GLU A 87 -8.69 0.52 -0.51
N LEU A 88 -7.52 0.79 -1.12
CA LEU A 88 -6.19 0.49 -0.54
C LEU A 88 -5.98 1.26 0.77
N THR A 89 -6.10 2.60 0.69
CA THR A 89 -5.94 3.51 1.83
C THR A 89 -6.97 3.21 2.93
N GLN A 90 -8.21 2.79 2.53
CA GLN A 90 -9.27 2.37 3.46
C GLN A 90 -8.81 1.18 4.31
N GLU A 91 -8.26 0.16 3.61
CA GLU A 91 -7.78 -1.07 4.25
C GLU A 91 -6.57 -0.79 5.15
N VAL A 92 -5.63 0.07 4.70
CA VAL A 92 -4.43 0.42 5.49
C VAL A 92 -4.84 1.14 6.81
N ARG A 93 -5.94 1.91 6.74
CA ARG A 93 -6.54 2.59 7.91
C ARG A 93 -7.26 1.57 8.83
N GLU A 94 -7.73 0.44 8.25
CA GLU A 94 -8.26 -0.69 9.03
C GLU A 94 -7.14 -1.33 9.86
N LEU A 95 -6.01 -1.70 9.19
CA LEU A 95 -4.82 -2.28 9.87
C LEU A 95 -4.27 -1.31 10.94
N TYR A 96 -4.29 -0.01 10.61
CA TYR A 96 -3.82 1.07 11.48
C TYR A 96 -4.60 1.08 12.80
N ALA A 97 -5.93 0.91 12.68
CA ALA A 97 -6.84 0.85 13.83
C ALA A 97 -6.74 -0.51 14.56
N TYR A 98 -6.40 -1.58 13.81
CA TYR A 98 -6.28 -2.96 14.37
C TYR A 98 -5.01 -3.13 15.20
N LEU A 99 -3.99 -2.29 14.92
CA LEU A 99 -2.65 -2.42 15.52
C LEU A 99 -2.36 -1.26 16.49
N GLY A 100 -3.02 -0.12 16.27
CA GLY A 100 -2.87 1.06 17.13
C GLY A 100 -4.18 1.83 17.22
N MET A 1 -13.75 -10.00 8.13
CA MET A 1 -13.06 -8.68 8.14
C MET A 1 -12.03 -8.67 9.29
N ASP A 2 -10.99 -9.51 9.13
CA ASP A 2 -9.92 -9.69 10.14
C ASP A 2 -8.58 -9.18 9.59
N PHE A 3 -7.51 -9.24 10.43
CA PHE A 3 -6.20 -8.65 10.10
C PHE A 3 -5.63 -9.29 8.81
N THR A 4 -5.57 -10.65 8.80
CA THR A 4 -4.96 -11.44 7.70
C THR A 4 -5.63 -11.13 6.34
N GLU A 5 -6.98 -11.05 6.38
CA GLU A 5 -7.83 -10.85 5.19
C GLU A 5 -7.57 -9.47 4.57
N ARG A 6 -7.65 -8.44 5.41
CA ARG A 6 -7.57 -7.04 4.98
C ARG A 6 -6.11 -6.63 4.67
N LEU A 7 -5.14 -7.37 5.21
CA LEU A 7 -3.70 -7.18 4.87
C LEU A 7 -3.44 -7.70 3.44
N ASP A 8 -4.06 -8.85 3.11
CA ASP A 8 -4.02 -9.44 1.74
C ASP A 8 -4.62 -8.44 0.73
N ARG A 9 -5.68 -7.71 1.15
CA ARG A 9 -6.30 -6.64 0.35
C ARG A 9 -5.27 -5.56 -0.01
N LEU A 10 -4.51 -5.10 1.02
CA LEU A 10 -3.49 -4.03 0.88
C LEU A 10 -2.46 -4.38 -0.19
N VAL A 11 -1.89 -5.59 -0.06
CA VAL A 11 -0.90 -6.13 -1.01
C VAL A 11 -1.51 -6.21 -2.42
N LYS A 12 -2.75 -6.76 -2.50
CA LYS A 12 -3.52 -6.95 -3.75
C LYS A 12 -3.67 -5.64 -4.56
N TYR A 13 -4.01 -4.55 -3.85
CA TYR A 13 -4.20 -3.23 -4.49
C TYR A 13 -2.87 -2.71 -5.03
N ALA A 14 -1.85 -2.68 -4.17
CA ALA A 14 -0.51 -2.13 -4.51
C ALA A 14 0.20 -2.98 -5.59
N LYS A 15 -0.18 -4.27 -5.72
CA LYS A 15 0.26 -5.13 -6.82
C LYS A 15 -0.29 -4.58 -8.15
N GLU A 16 -1.63 -4.46 -8.22
CA GLU A 16 -2.35 -4.08 -9.45
C GLU A 16 -2.15 -2.60 -9.84
N ILE A 17 -1.87 -1.73 -8.85
CA ILE A 17 -1.62 -0.30 -9.11
C ILE A 17 -0.20 -0.11 -9.71
N ALA A 18 0.82 -0.76 -9.09
CA ALA A 18 2.22 -0.74 -9.61
C ALA A 18 2.28 -1.40 -11.01
N LYS A 19 1.52 -2.50 -11.15
CA LYS A 19 1.35 -3.28 -12.41
C LYS A 19 0.75 -2.42 -13.52
N TRP A 20 -0.33 -1.69 -13.20
CA TRP A 20 -1.08 -0.84 -14.17
C TRP A 20 -0.22 0.34 -14.64
N TYR A 21 0.51 0.98 -13.71
CA TYR A 21 1.41 2.11 -14.05
C TYR A 21 2.68 1.62 -14.76
N LYS A 22 3.02 0.33 -14.62
CA LYS A 22 4.10 -0.31 -15.38
C LYS A 22 3.62 -0.50 -16.84
N GLU A 23 2.35 -0.93 -16.99
CA GLU A 23 1.70 -1.09 -18.31
C GLU A 23 1.40 0.28 -18.96
N SER A 24 1.37 1.35 -18.13
CA SER A 24 1.20 2.74 -18.58
C SER A 24 2.55 3.35 -19.00
N GLY A 25 3.66 2.61 -18.76
CA GLY A 25 5.02 3.09 -19.04
C GLY A 25 5.42 4.29 -18.20
N ASP A 26 4.91 4.32 -16.96
CA ASP A 26 5.17 5.41 -15.99
C ASP A 26 6.04 4.85 -14.84
N PRO A 27 7.40 5.04 -14.87
CA PRO A 27 8.31 4.50 -13.85
C PRO A 27 8.21 5.24 -12.49
N ASP A 28 7.82 6.53 -12.52
CA ASP A 28 7.76 7.40 -11.31
C ASP A 28 6.75 6.87 -10.28
N PHE A 29 5.50 6.75 -10.73
CA PHE A 29 4.39 6.31 -9.89
C PHE A 29 4.48 4.79 -9.64
N ALA A 30 4.83 4.01 -10.69
CA ALA A 30 4.95 2.52 -10.57
C ALA A 30 5.98 2.12 -9.50
N ASN A 31 7.16 2.78 -9.52
CA ASN A 31 8.21 2.58 -8.50
C ASN A 31 7.72 3.00 -7.10
N SER A 32 7.00 4.15 -7.03
CA SER A 32 6.48 4.70 -5.77
C SER A 32 5.50 3.73 -5.08
N VAL A 33 4.63 3.10 -5.90
CA VAL A 33 3.66 2.08 -5.40
C VAL A 33 4.42 0.80 -5.02
N ASP A 34 5.50 0.50 -5.75
CA ASP A 34 6.37 -0.66 -5.48
C ASP A 34 7.14 -0.47 -4.16
N ASN A 35 7.44 0.80 -3.80
CA ASN A 35 8.00 1.16 -2.48
C ASN A 35 6.99 0.79 -1.38
N VAL A 36 5.72 1.24 -1.60
CA VAL A 36 4.59 0.96 -0.69
C VAL A 36 4.32 -0.56 -0.61
N LEU A 37 4.48 -1.24 -1.77
CA LEU A 37 4.21 -2.67 -1.94
C LEU A 37 5.15 -3.50 -1.06
N GLY A 38 6.46 -3.17 -1.14
CA GLY A 38 7.49 -3.84 -0.35
C GLY A 38 7.30 -3.63 1.14
N HIS A 39 6.79 -2.43 1.51
CA HIS A 39 6.42 -2.10 2.90
C HIS A 39 5.27 -3.00 3.38
N LEU A 40 4.24 -3.17 2.53
CA LEU A 40 3.01 -3.95 2.82
C LEU A 40 3.32 -5.45 2.96
N GLU A 41 4.23 -5.94 2.11
CA GLU A 41 4.74 -7.32 2.20
C GLU A 41 5.51 -7.51 3.51
N ASN A 42 6.29 -6.49 3.89
CA ASN A 42 7.09 -6.52 5.14
C ASN A 42 6.18 -6.49 6.39
N ILE A 43 4.99 -5.85 6.29
CA ILE A 43 3.98 -5.85 7.39
C ILE A 43 3.45 -7.28 7.58
N ARG A 44 3.14 -7.91 6.44
CA ARG A 44 2.56 -9.26 6.37
C ARG A 44 3.56 -10.28 6.95
N LYS A 45 4.82 -10.16 6.49
CA LYS A 45 5.95 -10.96 6.96
C LYS A 45 6.22 -10.75 8.46
N ALA A 46 6.27 -9.48 8.89
CA ALA A 46 6.58 -9.11 10.30
C ALA A 46 5.56 -9.72 11.27
N PHE A 47 4.28 -9.53 10.95
CA PHE A 47 3.16 -10.00 11.78
C PHE A 47 3.14 -11.55 11.85
N LYS A 48 3.42 -12.19 10.69
CA LYS A 48 3.47 -13.66 10.57
C LYS A 48 4.68 -14.25 11.35
N HIS A 49 5.78 -13.47 11.38
CA HIS A 49 7.00 -13.80 12.17
C HIS A 49 6.82 -13.49 13.67
N GLY A 50 5.61 -13.00 14.05
CA GLY A 50 5.26 -12.77 15.44
C GLY A 50 5.72 -11.41 15.95
N ASP A 51 5.70 -10.40 15.06
CA ASP A 51 6.09 -9.03 15.39
C ASP A 51 4.91 -8.06 15.12
N PRO A 52 3.99 -7.85 16.12
CA PRO A 52 2.93 -6.81 16.04
C PRO A 52 3.55 -5.40 16.00
N ALA A 53 4.63 -5.20 16.80
CA ALA A 53 5.37 -3.92 16.89
C ALA A 53 5.94 -3.48 15.52
N ARG A 54 6.73 -4.38 14.89
CA ARG A 54 7.33 -4.14 13.55
C ARG A 54 6.24 -3.92 12.48
N ALA A 55 5.13 -4.65 12.62
CA ALA A 55 3.95 -4.50 11.75
C ALA A 55 3.42 -3.07 11.84
N MET A 56 3.28 -2.53 13.09
CA MET A 56 2.75 -1.17 13.34
C MET A 56 3.64 -0.08 12.72
N ASP A 57 4.97 -0.27 12.83
CA ASP A 57 5.96 0.69 12.30
C ASP A 57 5.80 0.85 10.79
N HIS A 58 5.68 -0.30 10.12
CA HIS A 58 5.56 -0.37 8.67
C HIS A 58 4.15 0.07 8.20
N VAL A 59 3.09 -0.17 9.03
CA VAL A 59 1.71 0.32 8.72
C VAL A 59 1.68 1.85 8.75
N SER A 60 2.23 2.45 9.82
CA SER A 60 2.30 3.91 10.00
C SER A 60 3.15 4.58 8.89
N ASN A 61 4.22 3.88 8.48
CA ASN A 61 5.10 4.31 7.36
C ASN A 61 4.30 4.30 6.04
N VAL A 62 3.43 3.28 5.87
CA VAL A 62 2.55 3.17 4.69
C VAL A 62 1.46 4.28 4.72
N VAL A 63 0.87 4.59 5.90
CA VAL A 63 -0.16 5.65 6.03
C VAL A 63 0.42 7.01 5.58
N GLY A 64 1.66 7.27 6.05
CA GLY A 64 2.37 8.49 5.69
C GLY A 64 2.77 8.53 4.22
N SER A 65 3.15 7.35 3.67
CA SER A 65 3.56 7.22 2.26
C SER A 65 2.38 7.51 1.32
N LEU A 66 1.23 6.87 1.62
CA LEU A 66 -0.02 7.00 0.83
C LEU A 66 -0.51 8.46 0.84
N ASP A 67 -0.45 9.09 2.03
CA ASP A 67 -0.84 10.49 2.23
C ASP A 67 0.06 11.43 1.42
N SER A 68 1.38 11.15 1.44
CA SER A 68 2.39 11.92 0.70
C SER A 68 2.11 11.84 -0.81
N ILE A 69 1.77 10.63 -1.29
CA ILE A 69 1.57 10.35 -2.72
C ILE A 69 0.23 10.97 -3.22
N GLN A 70 -0.83 10.90 -2.38
CA GLN A 70 -2.17 11.50 -2.70
C GLN A 70 -2.07 13.02 -2.91
N THR A 71 -1.44 13.69 -1.94
CA THR A 71 -1.30 15.16 -1.94
C THR A 71 -0.35 15.61 -3.07
N SER A 72 0.71 14.81 -3.31
CA SER A 72 1.65 15.02 -4.43
C SER A 72 0.97 14.78 -5.78
N PHE A 73 0.04 13.80 -5.83
CA PHE A 73 -0.64 13.37 -7.07
C PHE A 73 -1.75 14.36 -7.39
N LYS A 74 -1.37 15.40 -8.14
CA LYS A 74 -2.30 16.34 -8.78
C LYS A 74 -2.69 15.75 -10.15
N GLN A 75 -3.79 16.25 -10.75
CA GLN A 75 -4.40 15.68 -11.98
C GLN A 75 -5.04 14.29 -11.70
N THR A 76 -6.17 14.02 -12.36
CA THR A 76 -6.90 12.74 -12.21
C THR A 76 -6.09 11.55 -12.77
N GLY A 77 -6.33 10.35 -12.23
CA GLY A 77 -5.71 9.11 -12.71
C GLY A 77 -6.73 8.21 -13.37
N ASN A 78 -6.41 6.91 -13.50
CA ASN A 78 -7.37 5.89 -13.99
C ASN A 78 -8.47 5.70 -12.93
N PRO A 79 -9.80 5.78 -13.30
CA PRO A 79 -10.93 5.70 -12.32
C PRO A 79 -10.86 4.46 -11.41
N GLU A 80 -10.40 3.34 -11.99
CA GLU A 80 -10.30 2.03 -11.31
C GLU A 80 -9.21 2.09 -10.24
N ILE A 81 -8.07 2.70 -10.62
CA ILE A 81 -6.84 2.73 -9.80
C ILE A 81 -6.99 3.76 -8.66
N ALA A 82 -7.66 4.89 -8.94
CA ALA A 82 -8.00 5.91 -7.95
C ALA A 82 -8.84 5.30 -6.82
N THR A 83 -9.84 4.46 -7.21
CA THR A 83 -10.66 3.70 -6.26
C THR A 83 -9.77 2.72 -5.45
N ARG A 84 -8.92 1.93 -6.17
CA ARG A 84 -8.01 0.92 -5.54
C ARG A 84 -7.12 1.55 -4.45
N TRP A 85 -6.67 2.80 -4.70
CA TRP A 85 -5.75 3.54 -3.80
C TRP A 85 -6.50 4.07 -2.56
N GLN A 86 -7.77 4.45 -2.73
CA GLN A 86 -8.62 4.93 -1.62
C GLN A 86 -9.09 3.77 -0.74
N GLU A 87 -9.33 2.61 -1.40
CA GLU A 87 -9.64 1.32 -0.73
C GLU A 87 -8.42 0.83 0.07
N LEU A 88 -7.24 1.04 -0.54
CA LEU A 88 -5.93 0.73 0.07
C LEU A 88 -5.75 1.52 1.36
N THR A 89 -5.78 2.87 1.25
CA THR A 89 -5.49 3.79 2.37
C THR A 89 -6.52 3.64 3.52
N GLN A 90 -7.79 3.41 3.13
CA GLN A 90 -8.90 3.15 4.07
C GLN A 90 -8.57 1.94 4.95
N GLU A 91 -8.27 0.81 4.30
CA GLU A 91 -7.99 -0.43 5.00
C GLU A 91 -6.65 -0.40 5.76
N VAL A 92 -5.62 0.32 5.26
CA VAL A 92 -4.32 0.46 5.99
C VAL A 92 -4.59 1.08 7.40
N ARG A 93 -5.56 2.03 7.45
CA ARG A 93 -6.04 2.62 8.71
C ARG A 93 -6.81 1.57 9.57
N GLU A 94 -7.60 0.69 8.91
CA GLU A 94 -8.32 -0.43 9.60
C GLU A 94 -7.34 -1.39 10.30
N LEU A 95 -6.27 -1.79 9.57
CA LEU A 95 -5.21 -2.67 10.12
C LEU A 95 -4.49 -1.99 11.30
N TYR A 96 -4.27 -0.67 11.15
CA TYR A 96 -3.68 0.20 12.20
C TYR A 96 -4.60 0.25 13.44
N ALA A 97 -5.93 0.23 13.19
CA ALA A 97 -6.95 0.20 14.26
C ALA A 97 -7.06 -1.19 14.89
N TYR A 98 -6.66 -2.24 14.14
CA TYR A 98 -6.66 -3.64 14.64
C TYR A 98 -5.38 -3.95 15.45
N LEU A 99 -4.33 -3.14 15.23
CA LEU A 99 -3.03 -3.31 15.92
C LEU A 99 -3.02 -2.45 17.20
N GLY A 100 -3.24 -1.13 17.02
CA GLY A 100 -3.26 -0.18 18.11
C GLY A 100 -4.59 -0.23 18.87
N MET A 1 -14.40 -10.28 8.55
CA MET A 1 -13.05 -9.82 8.15
C MET A 1 -11.98 -10.42 9.06
N ASP A 2 -10.71 -10.12 8.74
CA ASP A 2 -9.53 -10.65 9.46
C ASP A 2 -8.29 -9.85 9.03
N PHE A 3 -7.27 -9.83 9.90
CA PHE A 3 -5.98 -9.14 9.63
C PHE A 3 -5.35 -9.67 8.32
N THR A 4 -5.29 -11.01 8.18
CA THR A 4 -4.71 -11.68 7.01
C THR A 4 -5.50 -11.35 5.73
N GLU A 5 -6.85 -11.32 5.87
CA GLU A 5 -7.77 -10.92 4.78
C GLU A 5 -7.51 -9.49 4.30
N ARG A 6 -7.26 -8.57 5.26
CA ARG A 6 -6.99 -7.16 4.96
C ARG A 6 -5.71 -7.02 4.13
N LEU A 7 -4.68 -7.82 4.48
CA LEU A 7 -3.40 -7.87 3.72
C LEU A 7 -3.58 -8.51 2.33
N ASP A 8 -4.49 -9.48 2.23
CA ASP A 8 -4.91 -10.06 0.94
C ASP A 8 -5.47 -8.96 0.03
N ARG A 9 -6.33 -8.08 0.62
CA ARG A 9 -6.90 -6.92 -0.10
C ARG A 9 -5.77 -5.99 -0.59
N LEU A 10 -4.86 -5.67 0.36
CA LEU A 10 -3.77 -4.70 0.16
C LEU A 10 -2.83 -5.09 -1.00
N VAL A 11 -2.18 -6.27 -0.85
CA VAL A 11 -1.21 -6.77 -1.84
C VAL A 11 -1.87 -6.91 -3.23
N LYS A 12 -3.15 -7.34 -3.24
CA LYS A 12 -3.95 -7.52 -4.46
C LYS A 12 -4.23 -6.18 -5.20
N TYR A 13 -4.76 -5.16 -4.49
CA TYR A 13 -5.12 -3.86 -5.11
C TYR A 13 -3.86 -3.14 -5.60
N ALA A 14 -2.81 -3.17 -4.78
CA ALA A 14 -1.51 -2.55 -5.10
C ALA A 14 -0.79 -3.27 -6.25
N LYS A 15 -1.06 -4.58 -6.44
CA LYS A 15 -0.58 -5.32 -7.63
C LYS A 15 -1.32 -4.85 -8.89
N GLU A 16 -2.62 -4.54 -8.75
CA GLU A 16 -3.45 -4.04 -9.88
C GLU A 16 -2.98 -2.64 -10.35
N ILE A 17 -2.65 -1.78 -9.37
CA ILE A 17 -2.15 -0.42 -9.61
C ILE A 17 -0.74 -0.48 -10.26
N ALA A 18 0.19 -1.20 -9.60
CA ALA A 18 1.59 -1.35 -10.08
C ALA A 18 1.65 -2.01 -11.48
N LYS A 19 0.70 -2.94 -11.73
CA LYS A 19 0.56 -3.62 -13.04
C LYS A 19 0.16 -2.63 -14.14
N TRP A 20 -0.90 -1.84 -13.87
CA TRP A 20 -1.47 -0.90 -14.85
C TRP A 20 -0.47 0.19 -15.24
N TYR A 21 0.23 0.74 -14.24
CA TYR A 21 1.25 1.78 -14.44
C TYR A 21 2.48 1.22 -15.17
N LYS A 22 2.80 -0.07 -14.93
CA LYS A 22 3.88 -0.75 -15.66
C LYS A 22 3.52 -0.89 -17.16
N GLU A 23 2.22 -1.16 -17.42
CA GLU A 23 1.68 -1.24 -18.80
C GLU A 23 1.50 0.18 -19.41
N SER A 24 1.35 1.20 -18.54
CA SER A 24 1.09 2.59 -18.95
C SER A 24 2.39 3.34 -19.26
N GLY A 25 3.54 2.72 -18.94
CA GLY A 25 4.86 3.34 -19.17
C GLY A 25 5.29 4.27 -18.04
N ASP A 26 4.71 4.07 -16.84
CA ASP A 26 5.14 4.75 -15.61
C ASP A 26 5.91 3.74 -14.72
N PRO A 27 7.26 3.58 -14.91
CA PRO A 27 8.05 2.56 -14.18
C PRO A 27 8.28 2.94 -12.72
N ASP A 28 8.50 4.25 -12.46
CA ASP A 28 8.86 4.75 -11.11
C ASP A 28 7.62 4.87 -10.23
N PHE A 29 6.45 5.20 -10.82
CA PHE A 29 5.17 5.25 -10.10
C PHE A 29 4.76 3.81 -9.71
N ALA A 30 4.92 2.88 -10.68
CA ALA A 30 4.69 1.44 -10.44
C ALA A 30 5.66 0.89 -9.38
N ASN A 31 6.91 1.40 -9.40
CA ASN A 31 7.97 1.03 -8.42
C ASN A 31 7.67 1.60 -7.03
N SER A 32 6.97 2.75 -6.98
CA SER A 32 6.50 3.35 -5.72
C SER A 32 5.43 2.45 -5.08
N VAL A 33 4.52 1.93 -5.92
CA VAL A 33 3.45 1.02 -5.48
C VAL A 33 4.02 -0.41 -5.23
N ASP A 34 5.17 -0.71 -5.87
CA ASP A 34 5.94 -1.97 -5.65
C ASP A 34 6.69 -1.90 -4.32
N ASN A 35 7.13 -0.68 -3.95
CA ASN A 35 7.72 -0.37 -2.64
C ASN A 35 6.67 -0.60 -1.53
N VAL A 36 5.41 -0.22 -1.83
CA VAL A 36 4.26 -0.47 -0.96
C VAL A 36 4.05 -1.99 -0.83
N LEU A 37 4.08 -2.71 -1.98
CA LEU A 37 3.92 -4.20 -2.05
C LEU A 37 4.92 -4.92 -1.13
N GLY A 38 6.18 -4.45 -1.14
CA GLY A 38 7.22 -4.97 -0.25
C GLY A 38 6.85 -4.83 1.22
N HIS A 39 6.37 -3.63 1.60
CA HIS A 39 5.94 -3.34 2.98
C HIS A 39 4.73 -4.21 3.40
N LEU A 40 3.76 -4.38 2.46
CA LEU A 40 2.51 -5.14 2.69
C LEU A 40 2.80 -6.63 2.94
N GLU A 41 3.69 -7.18 2.11
CA GLU A 41 4.17 -8.57 2.20
C GLU A 41 4.79 -8.79 3.59
N ASN A 42 5.56 -7.78 4.02
CA ASN A 42 6.28 -7.76 5.30
C ASN A 42 5.34 -7.54 6.52
N ILE A 43 4.18 -6.83 6.35
CA ILE A 43 3.18 -6.65 7.45
C ILE A 43 2.59 -8.03 7.81
N ARG A 44 2.15 -8.72 6.74
CA ARG A 44 1.51 -10.04 6.83
C ARG A 44 2.46 -11.06 7.49
N LYS A 45 3.71 -11.06 6.98
CA LYS A 45 4.79 -11.93 7.49
C LYS A 45 5.14 -11.60 8.96
N ALA A 46 5.30 -10.30 9.29
CA ALA A 46 5.72 -9.85 10.65
C ALA A 46 4.71 -10.27 11.72
N PHE A 47 3.42 -10.10 11.40
CA PHE A 47 2.31 -10.40 12.31
C PHE A 47 2.13 -11.92 12.49
N LYS A 48 2.39 -12.68 11.40
CA LYS A 48 2.42 -14.16 11.44
C LYS A 48 3.61 -14.65 12.29
N HIS A 49 4.72 -13.89 12.26
CA HIS A 49 5.93 -14.16 13.05
C HIS A 49 5.79 -13.63 14.49
N GLY A 50 4.61 -13.04 14.79
CA GLY A 50 4.28 -12.56 16.14
C GLY A 50 5.12 -11.37 16.57
N ASP A 51 5.34 -10.43 15.65
CA ASP A 51 6.10 -9.20 15.90
C ASP A 51 5.14 -7.98 15.76
N PRO A 52 4.51 -7.53 16.90
CA PRO A 52 3.59 -6.36 16.90
C PRO A 52 4.27 -5.04 16.48
N ALA A 53 5.47 -4.79 17.03
CA ALA A 53 6.20 -3.53 16.87
C ALA A 53 6.52 -3.23 15.39
N ARG A 54 7.12 -4.23 14.72
CA ARG A 54 7.53 -4.10 13.31
C ARG A 54 6.34 -4.25 12.35
N ALA A 55 5.30 -5.02 12.74
CA ALA A 55 4.04 -5.09 11.95
C ALA A 55 3.44 -3.68 11.78
N MET A 56 3.35 -2.93 12.91
CA MET A 56 2.84 -1.54 12.93
C MET A 56 3.79 -0.58 12.20
N ASP A 57 5.11 -0.86 12.29
CA ASP A 57 6.16 -0.08 11.62
C ASP A 57 5.97 -0.13 10.10
N HIS A 58 5.77 -1.36 9.59
CA HIS A 58 5.55 -1.63 8.16
C HIS A 58 4.25 -0.95 7.67
N VAL A 59 3.19 -0.97 8.52
CA VAL A 59 1.90 -0.30 8.22
C VAL A 59 2.12 1.22 8.05
N SER A 60 2.87 1.82 8.98
CA SER A 60 3.22 3.25 8.95
C SER A 60 4.05 3.61 7.70
N ASN A 61 4.89 2.65 7.25
CA ASN A 61 5.70 2.80 6.03
C ASN A 61 4.80 2.75 4.78
N VAL A 62 3.69 2.00 4.87
CA VAL A 62 2.66 1.97 3.81
C VAL A 62 1.84 3.26 3.78
N VAL A 63 1.36 3.74 4.96
CA VAL A 63 0.52 4.96 5.06
C VAL A 63 1.32 6.16 4.53
N GLY A 64 2.58 6.23 4.98
CA GLY A 64 3.51 7.27 4.57
C GLY A 64 3.87 7.22 3.10
N SER A 65 4.11 6.00 2.57
CA SER A 65 4.44 5.80 1.14
C SER A 65 3.26 6.23 0.27
N LEU A 66 2.09 5.59 0.48
CA LEU A 66 0.84 5.89 -0.26
C LEU A 66 0.50 7.39 -0.24
N ASP A 67 0.69 8.04 0.93
CA ASP A 67 0.40 9.48 1.13
C ASP A 67 1.28 10.34 0.19
N SER A 68 2.57 9.97 0.10
CA SER A 68 3.55 10.63 -0.78
C SER A 68 3.19 10.43 -2.28
N ILE A 69 2.76 9.19 -2.60
CA ILE A 69 2.39 8.79 -3.97
C ILE A 69 1.05 9.44 -4.37
N GLN A 70 0.18 9.68 -3.36
CA GLN A 70 -1.16 10.27 -3.51
C GLN A 70 -1.05 11.75 -3.91
N THR A 71 0.00 12.42 -3.40
CA THR A 71 0.37 13.79 -3.81
C THR A 71 0.65 13.84 -5.35
N SER A 72 1.32 12.77 -5.85
CA SER A 72 1.59 12.57 -7.29
C SER A 72 0.36 11.98 -8.03
N PHE A 73 -0.51 11.28 -7.29
CA PHE A 73 -1.75 10.68 -7.82
C PHE A 73 -2.87 11.73 -7.77
N LYS A 74 -2.66 12.76 -8.57
CA LYS A 74 -3.56 13.92 -8.71
C LYS A 74 -4.06 13.99 -10.17
N GLN A 75 -3.39 13.23 -11.04
CA GLN A 75 -3.62 13.21 -12.49
C GLN A 75 -4.61 12.11 -12.88
N THR A 76 -5.26 12.29 -14.04
CA THR A 76 -6.12 11.27 -14.66
C THR A 76 -5.28 10.08 -15.18
N GLY A 77 -5.91 8.91 -15.29
CA GLY A 77 -5.22 7.68 -15.71
C GLY A 77 -6.19 6.56 -16.04
N ASN A 78 -7.02 6.17 -15.04
CA ASN A 78 -7.99 5.06 -15.17
C ASN A 78 -8.96 5.04 -13.96
N PRO A 79 -10.32 4.91 -14.21
CA PRO A 79 -11.35 4.86 -13.13
C PRO A 79 -11.16 3.70 -12.13
N GLU A 80 -10.82 2.50 -12.67
CA GLU A 80 -10.61 1.28 -11.85
C GLU A 80 -9.45 1.47 -10.86
N ILE A 81 -8.40 2.18 -11.30
CA ILE A 81 -7.18 2.40 -10.50
C ILE A 81 -7.45 3.42 -9.38
N ALA A 82 -8.33 4.40 -9.65
CA ALA A 82 -8.83 5.31 -8.61
C ALA A 82 -9.54 4.52 -7.50
N THR A 83 -10.37 3.54 -7.91
CA THR A 83 -11.09 2.65 -7.00
C THR A 83 -10.11 1.72 -6.24
N ARG A 84 -9.11 1.12 -6.93
CA ARG A 84 -8.12 0.21 -6.31
C ARG A 84 -7.26 0.96 -5.28
N TRP A 85 -6.93 2.22 -5.59
CA TRP A 85 -6.16 3.12 -4.71
C TRP A 85 -6.97 3.47 -3.45
N GLN A 86 -8.26 3.77 -3.68
CA GLN A 86 -9.19 4.18 -2.62
C GLN A 86 -9.41 3.03 -1.64
N GLU A 87 -9.66 1.83 -2.19
CA GLU A 87 -9.82 0.61 -1.40
C GLU A 87 -8.54 0.31 -0.60
N LEU A 88 -7.38 0.32 -1.30
CA LEU A 88 -6.04 0.09 -0.73
C LEU A 88 -5.81 0.97 0.53
N THR A 89 -5.97 2.30 0.36
CA THR A 89 -5.79 3.29 1.44
C THR A 89 -6.73 3.02 2.65
N GLN A 90 -8.03 2.78 2.37
CA GLN A 90 -9.05 2.49 3.41
C GLN A 90 -8.67 1.23 4.22
N GLU A 91 -8.19 0.20 3.51
CA GLU A 91 -7.83 -1.09 4.11
C GLU A 91 -6.58 -0.96 5.01
N VAL A 92 -5.57 -0.17 4.59
CA VAL A 92 -4.35 0.08 5.42
C VAL A 92 -4.74 0.72 6.76
N ARG A 93 -5.69 1.66 6.69
CA ARG A 93 -6.25 2.37 7.86
C ARG A 93 -6.99 1.38 8.79
N GLU A 94 -7.60 0.31 8.20
CA GLU A 94 -8.20 -0.79 8.99
C GLU A 94 -7.13 -1.50 9.84
N LEU A 95 -5.98 -1.92 9.23
CA LEU A 95 -4.87 -2.58 9.98
C LEU A 95 -4.37 -1.68 11.10
N TYR A 96 -4.22 -0.40 10.77
CA TYR A 96 -3.75 0.63 11.70
C TYR A 96 -4.71 0.73 12.92
N ALA A 97 -6.03 0.62 12.63
CA ALA A 97 -7.10 0.67 13.66
C ALA A 97 -7.27 -0.69 14.38
N TYR A 98 -6.66 -1.77 13.84
CA TYR A 98 -6.65 -3.11 14.47
C TYR A 98 -5.41 -3.27 15.37
N LEU A 99 -4.39 -2.45 15.13
CA LEU A 99 -3.08 -2.55 15.80
C LEU A 99 -2.90 -1.45 16.86
N GLY A 100 -3.51 -0.28 16.63
CA GLY A 100 -3.34 0.89 17.50
C GLY A 100 -4.19 2.07 17.04
#